data_5CW7
#
_entry.id   5CW7
#
_cell.length_a   90.540
_cell.length_b   90.540
_cell.length_c   412.260
_cell.angle_alpha   90.00
_cell.angle_beta   90.00
_cell.angle_gamma   90.00
#
_symmetry.space_group_name_H-M   'P 41 21 2'
#
loop_
_entity.id
_entity.type
_entity.pdbx_description
1 polymer PAAA2
2 polymer 'Plasmid stabilization protein ParE'
3 non-polymer GLYCEROL
4 water water
#
loop_
_entity_poly.entity_id
_entity_poly.type
_entity_poly.pdbx_seq_one_letter_code
_entity_poly.pdbx_strand_id
1 'polypeptide(L)'
;(MSE)DYKDDDDKNRALSP(MSE)VSEFETIEQENSYNEWLRAKVATSLADPRPAIPHDEVERR(MSE)AERFAK(MSE)
RKERSKQ
;
A,C,E,G,I,K,M,O
2 'polypeptide(L)'
;(MSE)LPVLWLESADTDLDDITSYIARFDIDAAERLWQRLRGCVLPLSEHPYLYPPSDRVPGLREIVAHPNYIILYRVTT
SSVEVVNVIHARRQFPLEHHHHHH
;
B,D,F,H,J,L,N,P
#
loop_
_chem_comp.id
_chem_comp.type
_chem_comp.name
_chem_comp.formula
GOL non-polymer GLYCEROL 'C3 H8 O3'
#
# COMPACT_ATOMS: atom_id res chain seq x y z
N LYS A 9 0.45 -8.44 -49.50
CA LYS A 9 1.22 -7.22 -49.75
C LYS A 9 1.80 -6.64 -48.46
N ASN A 10 3.12 -6.74 -48.35
CA ASN A 10 3.83 -6.06 -47.28
C ASN A 10 3.62 -4.56 -47.37
N ARG A 11 3.64 -3.90 -46.22
CA ARG A 11 3.67 -2.46 -46.18
C ARG A 11 4.86 -2.02 -45.34
N ALA A 12 5.52 -0.96 -45.77
CA ALA A 12 6.51 -0.33 -44.91
C ALA A 12 5.79 0.52 -43.88
N LEU A 13 6.40 0.63 -42.71
CA LEU A 13 5.84 1.36 -41.58
C LEU A 13 6.76 2.49 -41.23
N SER A 14 6.19 3.66 -40.95
CA SER A 14 7.03 4.76 -40.53
C SER A 14 7.60 4.49 -39.14
N PRO A 15 8.81 4.94 -38.85
CA PRO A 15 9.38 4.70 -37.53
C PRO A 15 8.77 5.55 -36.44
N MSE A 16 7.70 6.28 -36.71
CA MSE A 16 7.00 7.03 -35.66
C MSE A 16 5.69 6.34 -35.38
O MSE A 16 5.04 6.66 -34.41
CB MSE A 16 6.76 8.52 -36.00
CG MSE A 16 7.95 9.56 -35.99
SE MSE A 16 9.34 9.26 -37.21
CE MSE A 16 10.15 10.96 -37.72
N VAL A 17 5.29 5.39 -36.23
CA VAL A 17 4.06 4.64 -36.02
C VAL A 17 4.31 3.19 -35.64
N SER A 18 5.52 2.67 -35.80
CA SER A 18 5.78 1.31 -35.37
C SER A 18 7.24 1.14 -35.00
N GLU A 19 7.49 0.24 -34.05
CA GLU A 19 8.86 -0.20 -33.82
C GLU A 19 9.28 -1.27 -34.84
N PHE A 20 8.41 -1.66 -35.75
CA PHE A 20 8.73 -2.61 -36.80
C PHE A 20 8.75 -1.90 -38.15
N GLU A 21 9.54 -2.44 -39.08
CA GLU A 21 9.72 -1.71 -40.34
C GLU A 21 8.70 -2.11 -41.39
N THR A 22 8.11 -3.29 -41.28
CA THR A 22 7.07 -3.77 -42.19
C THR A 22 6.06 -4.60 -41.39
N ILE A 23 4.82 -4.67 -41.87
CA ILE A 23 3.82 -5.47 -41.16
C ILE A 23 4.22 -6.95 -41.11
N GLU A 24 4.93 -7.46 -42.12
CA GLU A 24 5.44 -8.83 -42.04
C GLU A 24 6.39 -8.98 -40.86
N GLN A 25 7.35 -8.05 -40.72
CA GLN A 25 8.25 -8.04 -39.57
C GLN A 25 7.48 -8.09 -38.27
N GLU A 26 6.43 -7.28 -38.15
CA GLU A 26 5.66 -7.21 -36.92
C GLU A 26 4.90 -8.51 -36.68
N ASN A 27 4.19 -8.97 -37.71
CA ASN A 27 3.42 -10.21 -37.57
C ASN A 27 4.32 -11.37 -37.21
N SER A 28 5.43 -11.52 -37.93
CA SER A 28 6.39 -12.55 -37.62
C SER A 28 6.84 -12.48 -36.16
N TYR A 29 7.16 -11.28 -35.69
CA TYR A 29 7.59 -11.08 -34.30
C TYR A 29 6.52 -11.53 -33.31
N ASN A 30 5.28 -11.09 -33.52
CA ASN A 30 4.25 -11.46 -32.57
C ASN A 30 4.00 -12.96 -32.56
N GLU A 31 4.17 -13.61 -33.70
CA GLU A 31 4.01 -15.05 -33.69
C GLU A 31 5.17 -15.72 -32.98
N TRP A 32 6.39 -15.21 -33.20
CA TRP A 32 7.53 -15.69 -32.44
C TRP A 32 7.34 -15.46 -30.95
N LEU A 33 6.88 -14.28 -30.56
CA LEU A 33 6.70 -13.97 -29.15
C LEU A 33 5.70 -14.89 -28.50
N ARG A 34 4.50 -15.01 -29.10
CA ARG A 34 3.49 -15.94 -28.60
C ARG A 34 4.04 -17.35 -28.45
N ALA A 35 4.88 -17.78 -29.41
CA ALA A 35 5.44 -19.12 -29.33
C ALA A 35 6.46 -19.22 -28.21
N LYS A 36 7.29 -18.20 -28.09
CA LYS A 36 8.26 -18.16 -26.99
C LYS A 36 7.55 -18.28 -25.66
N VAL A 37 6.43 -17.58 -25.49
CA VAL A 37 5.75 -17.59 -24.19
C VAL A 37 5.15 -18.97 -23.93
N ALA A 38 4.45 -19.53 -24.91
CA ALA A 38 3.88 -20.87 -24.80
C ALA A 38 4.90 -21.88 -24.35
N THR A 39 6.12 -21.79 -24.88
CA THR A 39 7.18 -22.69 -24.46
C THR A 39 7.55 -22.44 -23.00
N SER A 40 7.65 -21.17 -22.57
CA SER A 40 8.05 -20.87 -21.20
C SER A 40 7.03 -21.36 -20.20
N LEU A 41 5.75 -21.24 -20.55
CA LEU A 41 4.70 -21.61 -19.62
C LEU A 41 4.56 -23.11 -19.50
N ALA A 42 5.04 -23.85 -20.50
CA ALA A 42 5.01 -25.30 -20.54
C ALA A 42 6.20 -25.96 -19.87
N ASP A 43 7.28 -25.24 -19.64
CA ASP A 43 8.40 -25.79 -18.92
C ASP A 43 7.94 -26.22 -17.53
N PRO A 44 8.33 -27.41 -17.05
CA PRO A 44 7.83 -27.88 -15.75
C PRO A 44 8.71 -27.50 -14.58
N ARG A 45 9.82 -26.81 -14.81
CA ARG A 45 10.68 -26.44 -13.70
C ARG A 45 10.02 -25.38 -12.82
N PRO A 46 10.27 -25.42 -11.53
CA PRO A 46 9.70 -24.42 -10.63
C PRO A 46 10.25 -23.03 -10.89
N ALA A 47 9.46 -22.02 -10.56
CA ALA A 47 9.97 -20.66 -10.67
C ALA A 47 10.91 -20.36 -9.52
N ILE A 48 11.86 -19.48 -9.77
CA ILE A 48 12.89 -19.19 -8.77
C ILE A 48 12.66 -17.84 -8.14
N PRO A 49 13.00 -17.68 -6.86
CA PRO A 49 12.86 -16.38 -6.21
C PRO A 49 13.73 -15.35 -6.89
N HIS A 50 13.23 -14.12 -6.89
CA HIS A 50 13.99 -13.01 -7.47
C HIS A 50 15.42 -12.98 -6.99
N ASP A 51 15.63 -13.16 -5.69
CA ASP A 51 16.97 -12.96 -5.15
C ASP A 51 17.94 -14.04 -5.57
N GLU A 52 17.46 -15.19 -6.05
CA GLU A 52 18.37 -16.16 -6.65
C GLU A 52 18.73 -15.74 -8.06
N VAL A 53 17.83 -15.09 -8.76
CA VAL A 53 18.22 -14.47 -10.02
C VAL A 53 19.31 -13.43 -9.77
N GLU A 54 19.18 -12.65 -8.70
CA GLU A 54 20.23 -11.74 -8.26
C GLU A 54 21.56 -12.46 -8.12
N ARG A 55 21.59 -13.52 -7.31
CA ARG A 55 22.79 -14.33 -7.15
C ARG A 55 23.36 -14.79 -8.48
N ARG A 56 22.52 -15.31 -9.37
CA ARG A 56 23.05 -15.79 -10.64
C ARG A 56 23.63 -14.66 -11.47
N MSE A 57 23.01 -13.49 -11.45
CA MSE A 57 23.51 -12.37 -12.23
C MSE A 57 24.81 -11.88 -11.67
O MSE A 57 25.73 -11.60 -12.42
CB MSE A 57 22.52 -11.21 -12.25
CG MSE A 57 21.39 -11.40 -13.22
SE MSE A 57 21.94 -11.83 -15.03
CE MSE A 57 23.24 -10.48 -15.39
N ALA A 58 24.87 -11.78 -10.34
CA ALA A 58 26.08 -11.33 -9.68
C ALA A 58 27.25 -12.20 -10.04
N GLU A 59 27.04 -13.51 -10.08
CA GLU A 59 28.16 -14.38 -10.35
C GLU A 59 28.50 -14.37 -11.83
N ARG A 60 27.51 -14.26 -12.71
CA ARG A 60 27.81 -14.20 -14.14
C ARG A 60 28.69 -13.00 -14.45
N PHE A 61 28.35 -11.84 -13.89
CA PHE A 61 29.18 -10.66 -14.09
C PHE A 61 30.56 -10.88 -13.52
N ALA A 62 30.65 -11.41 -12.31
CA ALA A 62 31.95 -11.76 -11.74
C ALA A 62 32.75 -12.63 -12.70
N LYS A 63 32.14 -13.70 -13.22
CA LYS A 63 32.81 -14.56 -14.17
C LYS A 63 33.30 -13.76 -15.38
N MSE A 64 32.43 -12.96 -15.97
CA MSE A 64 32.79 -12.16 -17.14
C MSE A 64 33.97 -11.22 -16.90
O MSE A 64 34.74 -10.95 -17.81
CB MSE A 64 31.61 -11.33 -17.62
CG MSE A 64 30.54 -12.09 -18.37
SE MSE A 64 29.03 -10.93 -18.77
CE MSE A 64 27.76 -11.59 -17.44
N ARG A 65 34.09 -10.71 -15.68
CA ARG A 65 35.14 -9.74 -15.39
C ARG A 65 36.48 -10.41 -15.08
N LYS A 66 36.49 -11.68 -14.70
CA LYS A 66 37.72 -12.41 -14.50
C LYS A 66 38.48 -12.66 -15.81
N GLU A 67 38.03 -12.06 -16.92
CA GLU A 67 38.65 -12.20 -18.23
C GLU A 67 39.03 -10.82 -18.73
N ARG A 68 40.34 -10.56 -18.80
CA ARG A 68 40.88 -9.22 -19.00
C ARG A 68 40.47 -8.35 -17.81
N MSE B 1 0.94 -7.89 -0.50
CA MSE B 1 2.23 -8.09 -1.13
C MSE B 1 2.23 -9.47 -1.79
O MSE B 1 1.88 -10.47 -1.17
CB MSE B 1 3.35 -7.91 -0.10
CG MSE B 1 4.78 -8.41 -0.50
SE MSE B 1 4.98 -10.32 -0.29
CE MSE B 1 6.81 -10.68 -0.39
N LEU B 2 2.59 -9.51 -3.07
CA LEU B 2 2.87 -10.73 -3.78
C LEU B 2 4.38 -10.85 -3.99
N PRO B 3 4.99 -12.01 -3.74
CA PRO B 3 6.42 -12.16 -3.97
C PRO B 3 6.75 -12.23 -5.45
N VAL B 4 7.97 -11.84 -5.79
CA VAL B 4 8.39 -11.79 -7.19
C VAL B 4 9.23 -13.02 -7.49
N LEU B 5 8.84 -13.78 -8.51
CA LEU B 5 9.63 -14.91 -8.98
C LEU B 5 9.87 -14.82 -10.47
N TRP B 6 10.93 -15.46 -10.93
CA TRP B 6 11.25 -15.53 -12.34
C TRP B 6 11.08 -16.95 -12.83
N LEU B 7 10.47 -17.13 -13.98
CA LEU B 7 10.52 -18.41 -14.66
C LEU B 7 11.94 -18.68 -15.15
N GLU B 8 12.34 -19.96 -15.17
CA GLU B 8 13.68 -20.31 -15.63
C GLU B 8 13.93 -19.79 -17.04
N SER B 9 12.90 -19.77 -17.88
CA SER B 9 13.07 -19.25 -19.22
C SER B 9 13.41 -17.77 -19.19
N ALA B 10 12.77 -17.01 -18.30
CA ALA B 10 13.07 -15.59 -18.17
C ALA B 10 14.51 -15.37 -17.75
N ASP B 11 15.04 -16.24 -16.87
CA ASP B 11 16.42 -16.07 -16.45
C ASP B 11 17.39 -16.48 -17.54
N THR B 12 17.02 -17.47 -18.34
CA THR B 12 17.82 -17.75 -19.52
C THR B 12 17.86 -16.54 -20.43
N ASP B 13 16.70 -15.91 -20.66
CA ASP B 13 16.66 -14.67 -21.42
C ASP B 13 17.65 -13.68 -20.88
N LEU B 14 17.56 -13.39 -19.59
CA LEU B 14 18.49 -12.51 -18.90
C LEU B 14 19.94 -12.87 -19.19
N ASP B 15 20.26 -14.16 -19.09
CA ASP B 15 21.61 -14.61 -19.36
C ASP B 15 22.00 -14.38 -20.81
N ASP B 16 21.09 -14.63 -21.74
CA ASP B 16 21.41 -14.42 -23.15
C ASP B 16 21.62 -12.94 -23.46
N ILE B 17 20.75 -12.08 -22.96
CA ILE B 17 20.85 -10.65 -23.25
C ILE B 17 22.13 -10.08 -22.66
N THR B 18 22.37 -10.30 -21.36
CA THR B 18 23.54 -9.69 -20.74
C THR B 18 24.84 -10.22 -21.30
N SER B 19 24.89 -11.48 -21.71
CA SER B 19 26.15 -11.99 -22.22
C SER B 19 26.46 -11.38 -23.58
N TYR B 20 25.44 -11.17 -24.40
CA TYR B 20 25.65 -10.56 -25.70
C TYR B 20 26.04 -9.10 -25.57
N ILE B 21 25.37 -8.35 -24.71
CA ILE B 21 25.76 -6.96 -24.55
C ILE B 21 27.18 -6.88 -24.01
N ALA B 22 27.57 -7.82 -23.15
CA ALA B 22 28.90 -7.78 -22.57
C ALA B 22 30.00 -8.04 -23.59
N ARG B 23 29.68 -8.64 -24.73
CA ARG B 23 30.64 -8.72 -25.81
C ARG B 23 31.12 -7.34 -26.24
N PHE B 24 30.38 -6.31 -25.88
CA PHE B 24 30.67 -4.95 -26.30
C PHE B 24 31.00 -4.04 -25.16
N ASP B 25 30.40 -4.26 -23.99
CA ASP B 25 30.39 -3.31 -22.88
C ASP B 25 29.79 -3.99 -21.68
N ILE B 26 30.61 -4.53 -20.78
CA ILE B 26 30.06 -5.14 -19.57
C ILE B 26 29.27 -4.11 -18.78
N ASP B 27 29.80 -2.89 -18.66
CA ASP B 27 29.09 -1.84 -17.92
C ASP B 27 27.67 -1.68 -18.41
N ALA B 28 27.47 -1.63 -19.73
CA ALA B 28 26.12 -1.45 -20.25
C ALA B 28 25.24 -2.62 -19.89
N ALA B 29 25.79 -3.84 -19.91
CA ALA B 29 25.04 -5.01 -19.47
C ALA B 29 24.55 -4.83 -18.04
N GLU B 30 25.47 -4.52 -17.11
CA GLU B 30 25.08 -4.31 -15.72
C GLU B 30 24.03 -3.23 -15.59
N ARG B 31 24.16 -2.16 -16.36
CA ARG B 31 23.20 -1.08 -16.27
C ARG B 31 21.81 -1.56 -16.65
N LEU B 32 21.72 -2.43 -17.65
CA LEU B 32 20.42 -2.85 -18.11
C LEU B 32 19.78 -3.79 -17.11
N TRP B 33 20.57 -4.73 -16.59
CA TRP B 33 20.08 -5.58 -15.51
C TRP B 33 19.65 -4.75 -14.31
N GLN B 34 20.42 -3.71 -13.97
CA GLN B 34 19.97 -2.83 -12.91
C GLN B 34 18.62 -2.17 -13.25
N ARG B 35 18.38 -1.86 -14.52
CA ARG B 35 17.08 -1.32 -14.90
C ARG B 35 15.98 -2.36 -14.83
N LEU B 36 16.21 -3.55 -15.41
CA LEU B 36 15.20 -4.60 -15.38
C LEU B 36 14.83 -4.96 -13.96
N ARG B 37 15.85 -5.20 -13.13
CA ARG B 37 15.65 -5.43 -11.71
C ARG B 37 14.75 -4.37 -11.09
N GLY B 38 14.94 -3.10 -11.45
CA GLY B 38 14.17 -2.05 -10.83
C GLY B 38 12.74 -1.95 -11.33
N CYS B 39 12.48 -2.39 -12.56
CA CYS B 39 11.09 -2.41 -13.02
C CYS B 39 10.27 -3.48 -12.33
N VAL B 40 10.85 -4.64 -12.01
CA VAL B 40 10.02 -5.74 -11.56
C VAL B 40 9.78 -5.71 -10.05
N LEU B 41 10.71 -5.20 -9.26
CA LEU B 41 10.55 -5.30 -7.81
C LEU B 41 9.37 -4.51 -7.25
N PRO B 42 8.97 -3.35 -7.79
CA PRO B 42 7.73 -2.75 -7.30
C PRO B 42 6.46 -3.48 -7.70
N LEU B 43 6.53 -4.46 -8.61
CA LEU B 43 5.36 -5.29 -8.86
C LEU B 43 4.93 -6.04 -7.60
N SER B 44 5.85 -6.23 -6.67
CA SER B 44 5.51 -6.90 -5.43
C SER B 44 4.41 -6.18 -4.70
N GLU B 45 4.32 -4.87 -4.85
CA GLU B 45 3.34 -4.10 -4.13
C GLU B 45 2.33 -3.44 -5.04
N HIS B 46 2.58 -3.43 -6.35
CA HIS B 46 1.63 -2.89 -7.32
C HIS B 46 1.62 -3.81 -8.53
N PRO B 47 0.98 -4.99 -8.41
CA PRO B 47 1.06 -5.98 -9.48
C PRO B 47 0.48 -5.52 -10.80
N TYR B 48 -0.48 -4.61 -10.79
CA TYR B 48 -1.18 -4.27 -12.03
C TYR B 48 -0.73 -2.93 -12.59
N LEU B 49 0.52 -2.55 -12.37
CA LEU B 49 1.03 -1.27 -12.83
C LEU B 49 1.04 -1.17 -14.35
N TYR B 50 1.56 -2.16 -15.01
CA TYR B 50 1.80 -2.08 -16.44
C TYR B 50 0.66 -2.69 -17.24
N PRO B 51 0.50 -2.30 -18.51
CA PRO B 51 -0.74 -2.59 -19.21
C PRO B 51 -0.83 -4.04 -19.66
N PRO B 52 -2.04 -4.58 -19.77
CA PRO B 52 -2.23 -5.91 -20.37
C PRO B 52 -1.61 -6.00 -21.74
N SER B 53 -1.04 -7.15 -22.03
CA SER B 53 -0.39 -7.37 -23.32
C SER B 53 -1.42 -7.57 -24.41
N ASP B 54 -1.21 -6.91 -25.55
CA ASP B 54 -2.14 -7.08 -26.66
C ASP B 54 -1.86 -8.37 -27.42
N ARG B 55 -0.60 -8.76 -27.46
CA ARG B 55 -0.10 -9.87 -28.24
C ARG B 55 -0.19 -11.19 -27.53
N VAL B 56 -0.06 -11.19 -26.21
CA VAL B 56 -0.12 -12.40 -25.39
C VAL B 56 -1.14 -12.17 -24.28
N PRO B 57 -2.42 -12.38 -24.53
CA PRO B 57 -3.44 -12.24 -23.48
C PRO B 57 -3.10 -13.04 -22.23
N GLY B 58 -3.31 -12.42 -21.08
CA GLY B 58 -2.98 -12.99 -19.81
C GLY B 58 -1.68 -12.50 -19.22
N LEU B 59 -0.79 -11.94 -20.01
CA LEU B 59 0.42 -11.32 -19.52
C LEU B 59 0.32 -9.82 -19.59
N ARG B 60 1.28 -9.14 -18.95
CA ARG B 60 1.44 -7.70 -19.00
C ARG B 60 2.84 -7.36 -19.48
N GLU B 61 2.98 -6.26 -20.21
CA GLU B 61 4.27 -5.87 -20.77
C GLU B 61 4.84 -4.64 -20.08
N ILE B 62 6.08 -4.75 -19.62
CA ILE B 62 6.88 -3.60 -19.18
C ILE B 62 7.82 -3.22 -20.30
N VAL B 63 7.78 -1.98 -20.76
CA VAL B 63 8.79 -1.51 -21.70
C VAL B 63 9.92 -0.93 -20.85
N ALA B 64 10.87 -1.78 -20.44
CA ALA B 64 11.84 -1.35 -19.45
C ALA B 64 12.85 -0.37 -20.01
N HIS B 65 13.05 -0.43 -21.32
CA HIS B 65 14.08 0.26 -22.07
C HIS B 65 13.57 0.28 -23.50
N PRO B 66 13.89 1.30 -24.33
CA PRO B 66 13.29 1.29 -25.66
C PRO B 66 13.63 0.09 -26.48
N ASN B 67 14.60 -0.72 -26.08
CA ASN B 67 14.95 -1.96 -26.76
C ASN B 67 14.58 -3.23 -26.00
N TYR B 68 14.02 -3.17 -24.79
CA TYR B 68 13.73 -4.41 -24.06
C TYR B 68 12.37 -4.37 -23.39
N ILE B 69 11.68 -5.50 -23.41
CA ILE B 69 10.35 -5.66 -22.83
C ILE B 69 10.37 -6.82 -21.84
N ILE B 70 9.79 -6.62 -20.66
CA ILE B 70 9.55 -7.69 -19.70
C ILE B 70 8.10 -8.15 -19.79
N LEU B 71 7.87 -9.45 -19.91
CA LEU B 71 6.53 -10.04 -19.87
C LEU B 71 6.32 -10.70 -18.51
N TYR B 72 5.20 -10.41 -17.85
CA TYR B 72 5.00 -11.00 -16.54
C TYR B 72 3.52 -11.32 -16.36
N ARG B 73 3.21 -12.17 -15.39
CA ARG B 73 1.82 -12.44 -15.02
C ARG B 73 1.65 -12.38 -13.53
N VAL B 74 0.45 -12.03 -13.12
CA VAL B 74 0.03 -11.99 -11.73
C VAL B 74 -0.79 -13.24 -11.46
N THR B 75 -0.28 -14.14 -10.65
CA THR B 75 -0.98 -15.38 -10.38
C THR B 75 -1.75 -15.19 -9.07
N THR B 76 -2.28 -16.27 -8.51
CA THR B 76 -2.99 -16.08 -7.24
C THR B 76 -2.02 -15.87 -6.11
N SER B 77 -0.76 -16.29 -6.30
CA SER B 77 0.22 -16.36 -5.24
C SER B 77 1.51 -15.59 -5.51
N SER B 78 1.68 -15.03 -6.70
CA SER B 78 2.98 -14.44 -6.98
C SER B 78 2.91 -13.59 -8.24
N VAL B 79 3.92 -12.75 -8.40
CA VAL B 79 4.22 -12.14 -9.69
C VAL B 79 5.35 -12.96 -10.31
N GLU B 80 5.14 -13.51 -11.49
CA GLU B 80 6.18 -14.25 -12.21
C GLU B 80 6.61 -13.51 -13.47
N VAL B 81 7.89 -13.27 -13.60
CA VAL B 81 8.48 -12.82 -14.85
C VAL B 81 8.56 -14.02 -15.78
N VAL B 82 8.00 -13.89 -16.97
CA VAL B 82 7.86 -14.99 -17.90
C VAL B 82 8.94 -14.99 -18.96
N ASN B 83 9.33 -13.82 -19.46
CA ASN B 83 10.32 -13.69 -20.51
C ASN B 83 10.85 -12.27 -20.50
N VAL B 84 12.07 -12.09 -21.02
CA VAL B 84 12.63 -10.77 -21.29
C VAL B 84 13.11 -10.78 -22.74
N ILE B 85 12.53 -9.94 -23.59
CA ILE B 85 12.76 -10.01 -25.03
C ILE B 85 13.25 -8.68 -25.55
N HIS B 86 13.95 -8.72 -26.68
CA HIS B 86 14.22 -7.49 -27.42
C HIS B 86 12.92 -6.96 -27.99
N ALA B 87 12.76 -5.64 -27.98
CA ALA B 87 11.49 -5.05 -28.33
C ALA B 87 11.26 -4.99 -29.83
N ARG B 88 12.33 -5.05 -30.64
CA ARG B 88 12.22 -4.88 -32.08
C ARG B 88 12.69 -6.07 -32.88
N ARG B 89 13.56 -6.89 -32.31
CA ARG B 89 14.04 -8.09 -32.97
C ARG B 89 13.63 -9.34 -32.21
N GLN B 90 13.66 -10.47 -32.91
CA GLN B 90 13.37 -11.76 -32.27
C GLN B 90 14.64 -12.26 -31.62
N PHE B 91 14.91 -11.73 -30.43
CA PHE B 91 16.10 -12.08 -29.68
C PHE B 91 15.74 -11.90 -28.21
N PRO B 92 16.27 -12.75 -27.31
CA PRO B 92 17.16 -13.91 -27.51
C PRO B 92 16.48 -15.08 -28.17
N LEU B 93 17.18 -15.80 -29.05
CA LEU B 93 16.51 -16.86 -29.78
C LEU B 93 16.55 -18.19 -29.05
N GLU B 94 16.38 -19.28 -29.79
CA GLU B 94 15.63 -20.44 -29.33
C GLU B 94 16.32 -21.22 -28.20
N HIS B 95 17.54 -21.71 -28.44
CA HIS B 95 18.21 -22.80 -27.69
C HIS B 95 17.70 -24.15 -28.18
N ALA C 12 30.48 3.23 -31.73
CA ALA C 12 30.06 1.96 -32.32
C ALA C 12 29.20 1.16 -31.36
N LEU C 13 27.88 1.18 -31.57
CA LEU C 13 26.94 0.62 -30.62
C LEU C 13 26.09 -0.46 -31.29
N SER C 14 26.10 -1.65 -30.70
CA SER C 14 25.24 -2.72 -31.18
C SER C 14 23.78 -2.43 -30.81
N PRO C 15 22.85 -2.71 -31.71
CA PRO C 15 21.44 -2.45 -31.40
C PRO C 15 20.89 -3.33 -30.28
N MSE C 16 21.69 -4.25 -29.76
CA MSE C 16 21.38 -4.97 -28.53
C MSE C 16 21.81 -4.12 -27.36
O MSE C 16 21.34 -4.31 -26.24
CB MSE C 16 22.10 -6.31 -28.49
CG MSE C 16 21.34 -7.50 -29.04
SE MSE C 16 20.79 -7.33 -30.90
CE MSE C 16 22.47 -7.00 -31.79
N VAL C 17 22.70 -3.16 -27.63
CA VAL C 17 23.31 -2.35 -26.57
C VAL C 17 22.57 -1.03 -26.38
N SER C 18 22.26 -0.34 -27.46
CA SER C 18 21.75 1.02 -27.36
C SER C 18 20.69 1.26 -28.41
N GLU C 19 19.73 2.12 -28.06
CA GLU C 19 18.81 2.58 -29.10
C GLU C 19 19.46 3.58 -30.05
N PHE C 20 20.71 3.98 -29.79
CA PHE C 20 21.51 4.83 -30.66
C PHE C 20 22.66 4.04 -31.24
N GLU C 21 23.11 4.48 -32.41
CA GLU C 21 24.07 3.74 -33.20
C GLU C 21 25.53 4.11 -32.91
N THR C 22 25.78 5.28 -32.31
CA THR C 22 27.12 5.72 -31.97
C THR C 22 27.04 6.59 -30.73
N ILE C 23 28.19 7.03 -30.24
CA ILE C 23 28.21 7.92 -29.09
C ILE C 23 28.06 9.38 -29.51
N GLU C 24 28.47 9.72 -30.73
CA GLU C 24 28.22 11.07 -31.23
C GLU C 24 26.75 11.29 -31.57
N GLN C 25 26.06 10.26 -32.05
CA GLN C 25 24.63 10.42 -32.32
C GLN C 25 23.81 10.33 -31.04
N GLU C 26 24.27 9.58 -30.04
CA GLU C 26 23.63 9.63 -28.73
C GLU C 26 23.75 11.01 -28.13
N ASN C 27 24.97 11.53 -28.03
CA ASN C 27 25.17 12.83 -27.43
C ASN C 27 24.43 13.92 -28.17
N SER C 28 24.29 13.81 -29.48
CA SER C 28 23.52 14.82 -30.19
C SER C 28 22.06 14.77 -29.79
N TYR C 29 21.49 13.58 -29.65
CA TYR C 29 20.12 13.45 -29.18
C TYR C 29 19.97 14.00 -27.77
N ASN C 30 20.87 13.62 -26.88
CA ASN C 30 20.80 14.12 -25.50
C ASN C 30 20.90 15.63 -25.40
N GLU C 31 21.63 16.27 -26.31
CA GLU C 31 21.70 17.71 -26.24
C GLU C 31 20.44 18.35 -26.79
N TRP C 32 19.87 17.76 -27.85
CA TRP C 32 18.57 18.19 -28.31
C TRP C 32 17.55 18.09 -27.20
N LEU C 33 17.49 16.92 -26.54
CA LEU C 33 16.57 16.69 -25.45
C LEU C 33 16.73 17.72 -24.34
N ARG C 34 17.95 17.87 -23.84
CA ARG C 34 18.20 18.84 -22.78
C ARG C 34 17.73 20.23 -23.17
N ALA C 35 17.99 20.64 -24.40
CA ALA C 35 17.54 21.96 -24.82
C ALA C 35 16.02 21.99 -24.95
N LYS C 36 15.43 20.91 -25.43
CA LYS C 36 13.98 20.88 -25.55
C LYS C 36 13.33 21.05 -24.19
N VAL C 37 13.85 20.34 -23.18
CA VAL C 37 13.32 20.44 -21.84
C VAL C 37 13.50 21.84 -21.27
N ALA C 38 14.72 22.38 -21.33
CA ALA C 38 14.98 23.75 -20.89
C ALA C 38 13.93 24.71 -21.44
N THR C 39 13.68 24.62 -22.73
CA THR C 39 12.68 25.47 -23.36
C THR C 39 11.33 25.23 -22.72
N SER C 40 10.96 23.96 -22.60
CA SER C 40 9.66 23.57 -22.09
C SER C 40 9.45 24.09 -20.67
N LEU C 41 10.49 24.05 -19.85
CA LEU C 41 10.35 24.42 -18.46
C LEU C 41 10.31 25.92 -18.27
N ALA C 42 10.87 26.67 -19.22
CA ALA C 42 10.97 28.12 -19.12
C ALA C 42 9.68 28.84 -19.47
N ASP C 43 8.84 28.23 -20.29
CA ASP C 43 7.60 28.82 -20.78
C ASP C 43 6.80 29.40 -19.60
N PRO C 44 6.30 30.64 -19.73
CA PRO C 44 5.54 31.24 -18.62
C PRO C 44 4.16 30.67 -18.44
N ARG C 45 3.67 29.90 -19.39
CA ARG C 45 2.26 29.51 -19.39
C ARG C 45 1.97 28.50 -18.28
N PRO C 46 0.78 28.54 -17.71
CA PRO C 46 0.47 27.63 -16.60
C PRO C 46 0.32 26.21 -17.08
N ALA C 47 0.59 25.26 -16.19
CA ALA C 47 0.34 23.87 -16.53
C ALA C 47 -1.15 23.64 -16.62
N ILE C 48 -1.55 22.70 -17.46
CA ILE C 48 -2.97 22.43 -17.58
C ILE C 48 -3.27 21.09 -16.92
N PRO C 49 -4.41 20.97 -16.27
CA PRO C 49 -4.78 19.69 -15.66
C PRO C 49 -4.93 18.60 -16.71
N HIS C 50 -4.64 17.39 -16.29
CA HIS C 50 -4.71 16.25 -17.19
C HIS C 50 -6.01 16.19 -17.98
N ASP C 51 -7.13 16.51 -17.35
CA ASP C 51 -8.40 16.28 -18.03
C ASP C 51 -8.71 17.33 -19.09
N GLU C 52 -8.07 18.51 -19.02
CA GLU C 52 -8.09 19.42 -20.16
C GLU C 52 -7.30 18.85 -21.34
N VAL C 53 -6.18 18.19 -21.06
CA VAL C 53 -5.46 17.51 -22.13
C VAL C 53 -6.35 16.45 -22.76
N GLU C 54 -7.05 15.68 -21.95
CA GLU C 54 -8.00 14.72 -22.48
C GLU C 54 -9.03 15.40 -23.38
N ARG C 55 -9.57 16.54 -22.94
CA ARG C 55 -10.55 17.26 -23.76
C ARG C 55 -9.96 17.69 -25.12
N ARG C 56 -8.75 18.25 -25.11
CA ARG C 56 -8.14 18.63 -26.37
C ARG C 56 -7.88 17.41 -27.25
N MSE C 57 -7.46 16.31 -26.66
CA MSE C 57 -7.13 15.14 -27.43
C MSE C 57 -8.37 14.62 -28.11
O MSE C 57 -8.36 14.31 -29.29
CB MSE C 57 -6.47 14.10 -26.56
CG MSE C 57 -4.98 14.31 -26.50
SE MSE C 57 -4.19 14.20 -28.28
CE MSE C 57 -2.80 15.45 -28.15
N ALA C 58 -9.45 14.57 -27.34
CA ALA C 58 -10.75 14.20 -27.89
C ALA C 58 -11.15 15.11 -29.04
N GLU C 59 -10.94 16.43 -28.89
CA GLU C 59 -11.32 17.36 -29.95
C GLU C 59 -10.49 17.11 -31.21
N ARG C 60 -9.19 16.86 -31.06
CA ARG C 60 -8.33 16.70 -32.23
C ARG C 60 -8.65 15.42 -32.98
N PHE C 61 -8.92 14.34 -32.26
CA PHE C 61 -9.30 13.11 -32.95
C PHE C 61 -10.63 13.29 -33.65
N ALA C 62 -11.60 13.86 -32.94
CA ALA C 62 -12.89 14.12 -33.57
C ALA C 62 -12.72 14.92 -34.86
N LYS C 63 -11.90 15.96 -34.83
CA LYS C 63 -11.71 16.76 -36.02
C LYS C 63 -11.06 15.94 -37.13
N MSE C 64 -10.05 15.16 -36.80
CA MSE C 64 -9.40 14.31 -37.80
C MSE C 64 -10.39 13.35 -38.43
O MSE C 64 -10.44 13.22 -39.64
CB MSE C 64 -8.26 13.51 -37.19
CG MSE C 64 -7.03 14.30 -36.92
SE MSE C 64 -5.72 13.29 -35.87
CE MSE C 64 -4.44 14.72 -35.60
N ARG C 65 -11.17 12.67 -37.60
CA ARG C 65 -12.07 11.66 -38.14
C ARG C 65 -13.16 12.27 -38.99
N LYS C 66 -13.59 13.49 -38.67
CA LYS C 66 -14.58 14.17 -39.51
C LYS C 66 -14.03 14.41 -40.91
N GLU C 67 -12.88 15.07 -40.98
CA GLU C 67 -12.20 15.41 -42.23
C GLU C 67 -11.82 14.20 -43.07
N ARG C 68 -12.62 13.13 -43.04
CA ARG C 68 -12.36 11.95 -43.87
C ARG C 68 -13.66 11.34 -44.39
N MSE D 1 -1.42 11.81 -2.46
CA MSE D 1 -1.80 12.00 -3.84
C MSE D 1 -1.28 13.36 -4.33
O MSE D 1 -1.40 14.36 -3.63
CB MSE D 1 -3.30 11.85 -3.97
CG MSE D 1 -3.84 12.07 -5.35
SE MSE D 1 -4.26 13.94 -5.75
CE MSE D 1 -5.38 14.39 -4.30
N LEU D 2 -0.66 13.39 -5.48
CA LEU D 2 -0.30 14.59 -6.23
C LEU D 2 -1.17 14.70 -7.49
N PRO D 3 -1.69 15.87 -7.84
CA PRO D 3 -2.42 15.99 -9.10
C PRO D 3 -1.51 15.89 -10.30
N VAL D 4 -2.05 15.39 -11.42
CA VAL D 4 -1.27 15.25 -12.64
C VAL D 4 -1.60 16.37 -13.61
N LEU D 5 -0.57 17.06 -14.05
CA LEU D 5 -0.67 18.26 -14.88
C LEU D 5 0.30 18.13 -16.04
N TRP D 6 -0.08 18.67 -17.17
CA TRP D 6 0.80 18.72 -18.34
C TRP D 6 1.27 20.15 -18.59
N LEU D 7 2.57 20.32 -18.75
CA LEU D 7 3.08 21.57 -19.30
C LEU D 7 2.58 21.72 -20.73
N GLU D 8 2.47 22.96 -21.19
CA GLU D 8 1.85 23.18 -22.48
C GLU D 8 2.74 22.70 -23.61
N SER D 9 4.06 22.77 -23.43
CA SER D 9 4.95 22.17 -24.41
C SER D 9 4.67 20.68 -24.56
N ALA D 10 4.35 20.02 -23.44
CA ALA D 10 4.07 18.59 -23.49
C ALA D 10 2.79 18.31 -24.26
N ASP D 11 1.79 19.18 -24.15
CA ASP D 11 0.59 18.96 -24.96
C ASP D 11 0.82 19.24 -26.43
N THR D 12 1.73 20.15 -26.77
CA THR D 12 1.90 20.29 -28.21
C THR D 12 2.75 19.15 -28.75
N ASP D 13 3.68 18.62 -27.95
CA ASP D 13 4.33 17.36 -28.32
C ASP D 13 3.31 16.32 -28.68
N LEU D 14 2.33 16.13 -27.81
CA LEU D 14 1.26 15.18 -28.04
C LEU D 14 0.51 15.50 -29.32
N ASP D 15 0.19 16.78 -29.52
CA ASP D 15 -0.45 17.20 -30.76
C ASP D 15 0.40 16.87 -31.97
N ASP D 16 1.70 17.15 -31.91
CA ASP D 16 2.57 16.86 -33.03
C ASP D 16 2.69 15.38 -33.30
N ILE D 17 2.87 14.56 -32.25
CA ILE D 17 3.11 13.13 -32.45
C ILE D 17 1.88 12.47 -33.05
N THR D 18 0.69 12.74 -32.50
CA THR D 18 -0.52 12.08 -33.00
C THR D 18 -0.93 12.63 -34.35
N SER D 19 -0.78 13.94 -34.57
CA SER D 19 -0.99 14.49 -35.90
C SER D 19 -0.19 13.74 -36.95
N TYR D 20 1.09 13.54 -36.68
CA TYR D 20 1.98 12.93 -37.66
C TYR D 20 1.62 11.48 -37.90
N ILE D 21 1.50 10.70 -36.83
CA ILE D 21 1.07 9.31 -36.95
C ILE D 21 -0.26 9.22 -37.69
N ALA D 22 -1.19 10.12 -37.40
CA ALA D 22 -2.52 10.03 -38.00
C ALA D 22 -2.51 10.21 -39.52
N ARG D 23 -1.48 10.83 -40.08
CA ARG D 23 -1.37 10.88 -41.53
C ARG D 23 -1.22 9.49 -42.13
N PHE D 24 -0.81 8.51 -41.34
CA PHE D 24 -0.64 7.15 -41.77
C PHE D 24 -1.70 6.20 -41.23
N ASP D 25 -2.22 6.46 -40.04
CA ASP D 25 -3.02 5.50 -39.29
C ASP D 25 -3.61 6.16 -38.05
N ILE D 26 -4.89 6.52 -38.10
CA ILE D 26 -5.49 7.20 -36.96
C ILE D 26 -5.60 6.27 -35.77
N ASP D 27 -6.04 5.03 -35.98
CA ASP D 27 -6.15 4.09 -34.87
C ASP D 27 -4.82 3.94 -34.14
N ALA D 28 -3.71 3.86 -34.88
CA ALA D 28 -2.41 3.80 -34.24
C ALA D 28 -2.14 5.04 -33.42
N ALA D 29 -2.56 6.21 -33.92
CA ALA D 29 -2.43 7.44 -33.13
C ALA D 29 -3.25 7.36 -31.87
N GLU D 30 -4.50 6.90 -31.98
CA GLU D 30 -5.37 6.89 -30.84
C GLU D 30 -4.95 5.82 -29.84
N ARG D 31 -4.40 4.70 -30.32
CA ARG D 31 -3.86 3.71 -29.40
C ARG D 31 -2.68 4.24 -28.62
N LEU D 32 -1.87 5.11 -29.23
CA LEU D 32 -0.72 5.64 -28.54
C LEU D 32 -1.14 6.64 -27.48
N TRP D 33 -2.07 7.54 -27.82
CA TRP D 33 -2.59 8.43 -26.82
C TRP D 33 -3.15 7.65 -25.64
N GLN D 34 -3.82 6.53 -25.91
CA GLN D 34 -4.34 5.72 -24.82
C GLN D 34 -3.21 5.14 -23.96
N ARG D 35 -2.09 4.79 -24.58
CA ARG D 35 -0.98 4.30 -23.78
C ARG D 35 -0.39 5.40 -22.91
N LEU D 36 -0.05 6.53 -23.54
CA LEU D 36 0.54 7.64 -22.82
C LEU D 36 -0.35 8.08 -21.67
N ARG D 37 -1.64 8.20 -21.92
CA ARG D 37 -2.56 8.62 -20.86
C ARG D 37 -2.58 7.60 -19.72
N GLY D 38 -2.51 6.31 -20.03
CA GLY D 38 -2.55 5.31 -18.97
C GLY D 38 -1.26 5.17 -18.20
N CYS D 39 -0.15 5.63 -18.76
CA CYS D 39 1.13 5.61 -18.07
C CYS D 39 1.23 6.71 -17.05
N VAL D 40 0.62 7.85 -17.36
CA VAL D 40 0.80 9.08 -16.63
C VAL D 40 -0.14 9.17 -15.43
N LEU D 41 -1.40 8.76 -15.58
CA LEU D 41 -2.34 9.01 -14.50
C LEU D 41 -2.00 8.28 -13.20
N PRO D 42 -1.48 7.05 -13.21
CA PRO D 42 -1.02 6.45 -11.96
C PRO D 42 0.15 7.17 -11.32
N LEU D 43 0.80 8.12 -11.98
CA LEU D 43 1.82 8.91 -11.29
C LEU D 43 1.24 9.69 -10.12
N SER D 44 -0.08 9.85 -10.05
CA SER D 44 -0.60 10.65 -8.96
C SER D 44 -0.49 9.90 -7.65
N GLU D 45 -0.38 8.57 -7.72
CA GLU D 45 -0.22 7.79 -6.51
C GLU D 45 1.15 7.12 -6.41
N HIS D 46 1.90 7.07 -7.51
CA HIS D 46 3.24 6.48 -7.54
C HIS D 46 4.20 7.39 -8.28
N PRO D 47 4.41 8.62 -7.81
CA PRO D 47 5.27 9.55 -8.55
C PRO D 47 6.70 9.11 -8.67
N TYR D 48 7.22 8.30 -7.76
CA TYR D 48 8.62 7.91 -7.84
C TYR D 48 8.79 6.54 -8.47
N LEU D 49 7.83 6.10 -9.27
CA LEU D 49 7.84 4.75 -9.83
C LEU D 49 8.93 4.59 -10.88
N TYR D 50 9.20 5.59 -11.64
CA TYR D 50 10.08 5.57 -12.79
C TYR D 50 11.43 6.19 -12.45
N PRO D 51 12.50 5.73 -13.12
CA PRO D 51 13.84 6.09 -12.63
C PRO D 51 14.19 7.53 -12.98
N PRO D 52 15.05 8.16 -12.17
CA PRO D 52 15.56 9.48 -12.54
C PRO D 52 16.20 9.46 -13.91
N SER D 53 16.08 10.58 -14.61
CA SER D 53 16.72 10.69 -15.91
C SER D 53 18.20 10.94 -15.73
N ASP D 54 19.00 10.25 -16.55
CA ASP D 54 20.45 10.47 -16.53
C ASP D 54 20.80 11.70 -17.31
N ARG D 55 20.05 11.97 -18.36
CA ARG D 55 20.32 13.03 -19.30
C ARG D 55 19.75 14.37 -18.85
N VAL D 56 18.64 14.36 -18.14
CA VAL D 56 18.00 15.58 -17.71
C VAL D 56 17.81 15.54 -16.20
N PRO D 57 18.83 15.86 -15.42
CA PRO D 57 18.71 15.79 -13.96
C PRO D 57 17.48 16.50 -13.44
N GLY D 58 16.83 15.89 -12.44
CA GLY D 58 15.63 16.39 -11.83
C GLY D 58 14.34 15.89 -12.45
N LEU D 59 14.41 15.31 -13.63
CA LEU D 59 13.27 14.69 -14.31
C LEU D 59 13.32 13.17 -14.16
N ARG D 60 12.22 12.51 -14.49
CA ARG D 60 12.11 11.06 -14.55
C ARG D 60 11.57 10.66 -15.92
N GLU D 61 11.97 9.48 -16.41
CA GLU D 61 11.57 9.04 -17.74
C GLU D 61 10.71 7.80 -17.68
N ILE D 62 9.60 7.83 -18.42
CA ILE D 62 8.75 6.66 -18.67
C ILE D 62 9.05 6.16 -20.07
N VAL D 63 9.36 4.88 -20.23
CA VAL D 63 9.44 4.32 -21.57
C VAL D 63 8.07 3.73 -21.83
N ALA D 64 7.22 4.50 -22.51
CA ALA D 64 5.82 4.17 -22.64
C ALA D 64 5.61 3.16 -23.74
N HIS D 65 6.49 3.18 -24.72
CA HIS D 65 6.41 2.44 -25.96
C HIS D 65 7.83 2.33 -26.46
N PRO D 66 8.21 1.26 -27.17
CA PRO D 66 9.59 1.18 -27.65
C PRO D 66 10.02 2.42 -28.44
N ASN D 67 9.09 3.25 -28.89
CA ASN D 67 9.44 4.47 -29.60
C ASN D 67 9.14 5.78 -28.86
N TYR D 68 8.53 5.78 -27.68
CA TYR D 68 8.17 7.05 -27.04
C TYR D 68 8.53 7.08 -25.57
N ILE D 69 9.03 8.22 -25.14
CA ILE D 69 9.44 8.46 -23.76
C ILE D 69 8.69 9.66 -23.24
N ILE D 70 8.12 9.54 -22.05
CA ILE D 70 7.53 10.66 -21.32
C ILE D 70 8.52 11.15 -20.27
N LEU D 71 8.78 12.44 -20.24
CA LEU D 71 9.61 13.05 -19.22
C LEU D 71 8.69 13.80 -18.27
N TYR D 72 8.84 13.59 -16.97
CA TYR D 72 7.97 14.27 -16.02
C TYR D 72 8.79 14.70 -14.81
N ARG D 73 8.22 15.56 -13.98
CA ARG D 73 8.88 15.93 -12.74
C ARG D 73 7.88 16.00 -11.60
N VAL D 74 8.38 15.76 -10.40
CA VAL D 74 7.57 15.68 -9.20
C VAL D 74 7.89 16.92 -8.38
N THR D 75 6.95 17.86 -8.34
CA THR D 75 7.14 19.13 -7.66
C THR D 75 6.54 19.05 -6.26
N THR D 76 6.46 20.18 -5.58
CA THR D 76 5.96 20.19 -4.21
C THR D 76 4.47 19.94 -4.20
N SER D 77 3.79 20.31 -5.27
CA SER D 77 2.34 20.30 -5.32
C SER D 77 1.75 19.40 -6.40
N SER D 78 2.54 18.88 -7.32
CA SER D 78 1.94 18.23 -8.47
C SER D 78 2.95 17.33 -9.16
N VAL D 79 2.44 16.49 -10.04
CA VAL D 79 3.24 15.81 -11.03
C VAL D 79 3.05 16.55 -12.34
N GLU D 80 4.13 16.99 -12.98
CA GLU D 80 4.07 17.69 -14.27
C GLU D 80 4.70 16.84 -15.37
N VAL D 81 3.95 16.61 -16.44
CA VAL D 81 4.52 16.05 -17.66
C VAL D 81 5.21 17.18 -18.42
N VAL D 82 6.47 16.99 -18.73
CA VAL D 82 7.29 18.04 -19.30
C VAL D 82 7.38 17.93 -20.81
N ASN D 83 7.63 16.73 -21.32
CA ASN D 83 7.74 16.54 -22.76
C ASN D 83 7.36 15.12 -23.09
N VAL D 84 7.01 14.88 -24.36
CA VAL D 84 6.87 13.55 -24.92
C VAL D 84 7.67 13.52 -26.20
N ILE D 85 8.58 12.56 -26.31
CA ILE D 85 9.56 12.54 -27.39
C ILE D 85 9.69 11.13 -27.95
N HIS D 86 10.03 11.06 -29.23
CA HIS D 86 10.48 9.81 -29.78
C HIS D 86 11.78 9.39 -29.09
N ALA D 87 11.98 8.09 -28.93
CA ALA D 87 13.08 7.61 -28.11
C ALA D 87 14.39 7.52 -28.84
N ARG D 88 14.38 7.51 -30.17
CA ARG D 88 15.60 7.33 -30.93
C ARG D 88 15.83 8.39 -31.97
N ARG D 89 14.82 9.16 -32.32
CA ARG D 89 14.92 10.25 -33.25
C ARG D 89 14.65 11.55 -32.53
N GLN D 90 15.21 12.63 -33.04
CA GLN D 90 14.94 13.95 -32.50
C GLN D 90 13.65 14.43 -33.12
N PHE D 91 12.55 14.01 -32.51
CA PHE D 91 11.20 14.27 -32.99
C PHE D 91 10.26 14.25 -31.77
N PRO D 92 9.29 15.18 -31.72
CA PRO D 92 8.93 16.28 -32.63
C PRO D 92 9.84 17.47 -32.50
N LEU D 93 10.00 18.30 -33.51
CA LEU D 93 10.94 19.39 -33.31
C LEU D 93 10.23 20.72 -33.22
N GLU D 94 11.04 21.78 -33.30
CA GLU D 94 10.89 23.01 -32.56
C GLU D 94 9.97 24.02 -33.21
N HIS D 95 9.10 23.60 -34.12
CA HIS D 95 8.09 24.50 -34.67
C HIS D 95 8.72 25.73 -35.32
N ASN E 10 -47.44 -5.12 -7.40
CA ASN E 10 -48.04 -4.01 -6.66
C ASN E 10 -48.37 -2.82 -7.56
N ARG E 11 -48.14 -1.64 -7.00
CA ARG E 11 -48.36 -0.36 -7.66
C ARG E 11 -47.03 0.26 -8.08
N ALA E 12 -47.11 1.08 -9.13
CA ALA E 12 -45.95 1.51 -9.90
C ALA E 12 -45.11 2.53 -9.14
N LEU E 13 -43.80 2.34 -9.16
CA LEU E 13 -42.87 3.26 -8.53
C LEU E 13 -42.43 4.30 -9.53
N SER E 14 -42.04 5.44 -9.02
CA SER E 14 -41.63 6.51 -9.90
C SER E 14 -40.24 6.23 -10.46
N PRO E 15 -40.04 6.42 -11.76
CA PRO E 15 -38.70 6.20 -12.34
C PRO E 15 -37.62 7.11 -11.78
N MSE E 16 -37.92 8.05 -10.89
CA MSE E 16 -36.90 8.93 -10.35
C MSE E 16 -36.59 8.42 -8.97
O MSE E 16 -35.65 8.85 -8.34
CB MSE E 16 -37.35 10.39 -10.25
CG MSE E 16 -38.41 10.80 -11.25
SE MSE E 16 -37.91 10.95 -13.04
CE MSE E 16 -39.61 10.58 -13.93
N VAL E 17 -37.42 7.48 -8.51
CA VAL E 17 -37.29 6.92 -7.17
C VAL E 17 -36.64 5.55 -7.22
N SER E 18 -36.90 4.79 -8.28
CA SER E 18 -36.52 3.39 -8.32
C SER E 18 -36.10 2.98 -9.72
N GLU E 19 -35.17 2.05 -9.77
CA GLU E 19 -34.89 1.38 -11.03
C GLU E 19 -35.87 0.25 -11.32
N PHE E 20 -36.83 -0.03 -10.43
CA PHE E 20 -37.83 -1.07 -10.67
C PHE E 20 -39.20 -0.45 -10.91
N GLU E 21 -39.99 -1.13 -11.74
CA GLU E 21 -41.29 -0.60 -12.11
C GLU E 21 -42.28 -0.67 -10.94
N THR E 22 -42.20 -1.72 -10.12
CA THR E 22 -43.05 -1.85 -8.93
C THR E 22 -42.31 -2.51 -7.79
N ILE E 23 -42.92 -2.46 -6.61
CA ILE E 23 -42.28 -3.03 -5.42
C ILE E 23 -42.14 -4.54 -5.56
N GLU E 24 -43.21 -5.22 -5.99
CA GLU E 24 -43.12 -6.66 -6.18
C GLU E 24 -42.00 -7.00 -7.15
N GLN E 25 -41.87 -6.22 -8.21
CA GLN E 25 -40.78 -6.46 -9.14
C GLN E 25 -39.42 -6.28 -8.47
N GLU E 26 -39.31 -5.32 -7.56
CA GLU E 26 -38.05 -5.07 -6.89
C GLU E 26 -37.70 -6.18 -5.91
N ASN E 27 -38.70 -6.66 -5.17
CA ASN E 27 -38.42 -7.75 -4.23
C ASN E 27 -38.12 -9.04 -4.93
N SER E 28 -38.77 -9.30 -6.07
CA SER E 28 -38.40 -10.47 -6.82
C SER E 28 -36.93 -10.43 -7.23
N TYR E 29 -36.50 -9.32 -7.81
CA TYR E 29 -35.12 -9.16 -8.24
C TYR E 29 -34.16 -9.41 -7.08
N ASN E 30 -34.46 -8.86 -5.91
CA ASN E 30 -33.53 -8.95 -4.80
C ASN E 30 -33.44 -10.38 -4.28
N GLU E 31 -34.56 -11.10 -4.27
CA GLU E 31 -34.49 -12.51 -3.90
C GLU E 31 -33.74 -13.29 -4.96
N TRP E 32 -33.99 -12.98 -6.24
CA TRP E 32 -33.18 -13.55 -7.29
C TRP E 32 -31.72 -13.25 -7.06
N LEU E 33 -31.40 -12.02 -6.66
CA LEU E 33 -30.00 -11.63 -6.53
C LEU E 33 -29.34 -12.39 -5.40
N ARG E 34 -30.03 -12.56 -4.28
CA ARG E 34 -29.43 -13.33 -3.20
C ARG E 34 -29.25 -14.78 -3.61
N ALA E 35 -30.23 -15.36 -4.29
CA ALA E 35 -30.08 -16.71 -4.84
C ALA E 35 -28.81 -16.82 -5.68
N LYS E 36 -28.58 -15.89 -6.60
CA LYS E 36 -27.37 -15.88 -7.39
C LYS E 36 -26.14 -15.85 -6.52
N VAL E 37 -26.10 -14.93 -5.56
CA VAL E 37 -24.91 -14.82 -4.71
C VAL E 37 -24.69 -16.11 -3.93
N ALA E 38 -25.76 -16.74 -3.45
CA ALA E 38 -25.65 -17.99 -2.70
C ALA E 38 -25.00 -19.08 -3.54
N THR E 39 -25.47 -19.24 -4.78
CA THR E 39 -24.90 -20.22 -5.68
C THR E 39 -23.42 -19.96 -5.92
N SER E 40 -23.03 -18.69 -6.10
CA SER E 40 -21.66 -18.35 -6.43
C SER E 40 -20.72 -18.68 -5.30
N LEU E 41 -21.13 -18.41 -4.07
CA LEU E 41 -20.29 -18.72 -2.94
C LEU E 41 -20.29 -20.20 -2.64
N ALA E 42 -21.31 -20.92 -3.13
CA ALA E 42 -21.37 -22.36 -2.94
C ALA E 42 -20.45 -23.10 -3.90
N ASP E 43 -20.24 -22.56 -5.10
CA ASP E 43 -19.36 -23.14 -6.12
C ASP E 43 -18.03 -23.49 -5.48
N PRO E 44 -17.62 -24.75 -5.59
CA PRO E 44 -16.40 -25.21 -4.91
C PRO E 44 -15.12 -24.88 -5.65
N ARG E 45 -15.21 -24.32 -6.85
CA ARG E 45 -14.03 -24.07 -7.66
C ARG E 45 -13.23 -22.92 -7.10
N PRO E 46 -11.92 -22.91 -7.32
CA PRO E 46 -11.10 -21.81 -6.81
C PRO E 46 -11.32 -20.53 -7.61
N ALA E 47 -11.15 -19.40 -6.96
CA ALA E 47 -11.24 -18.15 -7.69
C ALA E 47 -10.02 -17.99 -8.60
N ILE E 48 -10.25 -17.39 -9.76
CA ILE E 48 -9.16 -17.21 -10.74
C ILE E 48 -8.60 -15.80 -10.63
N PRO E 49 -7.32 -15.59 -10.93
CA PRO E 49 -6.78 -14.24 -10.89
C PRO E 49 -7.39 -13.41 -12.00
N HIS E 50 -7.45 -12.10 -11.74
CA HIS E 50 -7.98 -11.16 -12.72
C HIS E 50 -7.36 -11.34 -14.09
N ASP E 51 -6.05 -11.59 -14.15
CA ASP E 51 -5.43 -11.62 -15.46
C ASP E 51 -5.76 -12.88 -16.25
N GLU E 52 -6.30 -13.89 -15.59
CA GLU E 52 -6.83 -15.00 -16.35
C GLU E 52 -8.22 -14.69 -16.89
N VAL E 53 -9.01 -13.86 -16.19
CA VAL E 53 -10.24 -13.36 -16.79
C VAL E 53 -9.90 -12.53 -18.01
N GLU E 54 -8.85 -11.73 -17.94
CA GLU E 54 -8.43 -10.96 -19.08
C GLU E 54 -8.18 -11.85 -20.29
N ARG E 55 -7.54 -12.98 -20.07
CA ARG E 55 -7.20 -13.82 -21.20
C ARG E 55 -8.41 -14.58 -21.71
N ARG E 56 -9.31 -14.99 -20.83
CA ARG E 56 -10.53 -15.60 -21.33
C ARG E 56 -11.35 -14.61 -22.15
N MSE E 57 -11.48 -13.36 -21.70
CA MSE E 57 -12.17 -12.30 -22.47
C MSE E 57 -11.56 -12.04 -23.79
O MSE E 57 -12.25 -11.86 -24.77
CB MSE E 57 -12.25 -10.95 -21.74
CG MSE E 57 -13.23 -10.94 -20.62
SE MSE E 57 -15.05 -11.45 -21.22
CE MSE E 57 -15.59 -10.13 -22.50
N ALA E 58 -10.23 -11.94 -23.78
CA ALA E 58 -9.51 -11.65 -25.01
C ALA E 58 -9.80 -12.71 -26.04
N GLU E 59 -9.88 -13.97 -25.62
CA GLU E 59 -10.10 -15.04 -26.58
CA GLU E 59 -10.10 -15.03 -26.59
C GLU E 59 -11.57 -15.12 -27.00
N ARG E 60 -12.49 -14.83 -26.09
CA ARG E 60 -13.89 -14.80 -26.47
C ARG E 60 -14.18 -13.68 -27.45
N PHE E 61 -13.50 -12.55 -27.36
CA PHE E 61 -13.71 -11.51 -28.36
C PHE E 61 -13.08 -11.90 -29.68
N ALA E 62 -11.91 -12.54 -29.64
CA ALA E 62 -11.25 -12.93 -30.88
C ALA E 62 -12.12 -13.89 -31.67
N LYS E 63 -12.71 -14.88 -30.99
CA LYS E 63 -13.48 -15.87 -31.71
C LYS E 63 -14.77 -15.27 -32.25
N MSE E 64 -15.43 -14.42 -31.47
CA MSE E 64 -16.59 -13.66 -31.93
C MSE E 64 -16.26 -12.88 -33.19
O MSE E 64 -16.92 -13.03 -34.20
CB MSE E 64 -17.06 -12.69 -30.87
CG MSE E 64 -17.99 -13.26 -29.83
SE MSE E 64 -18.49 -11.97 -28.46
CE MSE E 64 -17.92 -12.96 -26.88
N ARG E 65 -15.21 -12.06 -33.12
CA ARG E 65 -14.84 -11.23 -34.25
C ARG E 65 -14.52 -12.07 -35.47
N LYS E 66 -13.74 -13.14 -35.29
CA LYS E 66 -13.34 -13.99 -36.41
C LYS E 66 -14.55 -14.61 -37.08
N GLU E 67 -15.46 -15.18 -36.29
CA GLU E 67 -16.68 -15.76 -36.85
C GLU E 67 -17.62 -14.67 -37.37
N ARG E 68 -17.08 -13.70 -38.10
CA ARG E 68 -17.89 -12.63 -38.68
C ARG E 68 -17.13 -11.93 -39.81
N MSE F 1 -2.13 -3.40 -0.31
CA MSE F 1 -2.97 -3.83 -1.40
C MSE F 1 -3.37 -5.29 -1.26
O MSE F 1 -2.67 -6.11 -0.67
CB MSE F 1 -2.28 -3.59 -2.76
CG MSE F 1 -1.21 -4.59 -3.11
SE MSE F 1 -1.72 -6.24 -4.08
CE MSE F 1 -0.10 -7.19 -3.70
N LEU F 2 -4.49 -5.60 -1.81
CA LEU F 2 -5.05 -6.90 -1.98
C LEU F 2 -5.08 -7.27 -3.46
N PRO F 3 -4.74 -8.50 -3.83
CA PRO F 3 -4.91 -8.96 -5.21
C PRO F 3 -6.36 -9.10 -5.58
N VAL F 4 -6.65 -9.00 -6.88
CA VAL F 4 -8.01 -9.03 -7.39
C VAL F 4 -8.29 -10.37 -8.04
N LEU F 5 -9.40 -11.01 -7.65
CA LEU F 5 -9.77 -12.30 -8.21
C LEU F 5 -11.26 -12.35 -8.50
N TRP F 6 -11.62 -13.17 -9.48
CA TRP F 6 -13.00 -13.40 -9.89
C TRP F 6 -13.41 -14.82 -9.52
N LEU F 7 -14.56 -14.99 -8.88
CA LEU F 7 -15.17 -16.30 -8.78
C LEU F 7 -15.62 -16.75 -10.16
N GLU F 8 -15.61 -18.08 -10.38
CA GLU F 8 -15.99 -18.59 -11.70
C GLU F 8 -17.40 -18.18 -12.07
N SER F 9 -18.27 -18.01 -11.08
CA SER F 9 -19.59 -17.49 -11.39
C SER F 9 -19.50 -16.12 -12.02
N ALA F 10 -18.64 -15.24 -11.50
CA ALA F 10 -18.51 -13.91 -12.06
C ALA F 10 -17.94 -13.96 -13.48
N ASP F 11 -16.95 -14.82 -13.72
CA ASP F 11 -16.50 -14.95 -15.11
C ASP F 11 -17.61 -15.49 -16.00
N THR F 12 -18.48 -16.35 -15.48
CA THR F 12 -19.57 -16.82 -16.32
C THR F 12 -20.53 -15.69 -16.63
N ASP F 13 -20.95 -14.92 -15.63
CA ASP F 13 -21.80 -13.76 -15.90
C ASP F 13 -21.21 -12.91 -17.00
N LEU F 14 -19.91 -12.62 -16.89
CA LEU F 14 -19.20 -11.80 -17.86
C LEU F 14 -19.28 -12.40 -19.27
N ASP F 15 -19.12 -13.70 -19.37
CA ASP F 15 -19.33 -14.41 -20.63
C ASP F 15 -20.76 -14.23 -21.13
N ASP F 16 -21.76 -14.52 -20.29
CA ASP F 16 -23.15 -14.38 -20.72
C ASP F 16 -23.48 -12.95 -21.20
N ILE F 17 -23.03 -11.94 -20.46
CA ILE F 17 -23.39 -10.56 -20.78
C ILE F 17 -22.73 -10.11 -22.07
N THR F 18 -21.42 -10.35 -22.22
CA THR F 18 -20.76 -9.83 -23.40
C THR F 18 -21.22 -10.57 -24.64
N SER F 19 -21.41 -11.87 -24.56
CA SER F 19 -21.84 -12.59 -25.75
C SER F 19 -23.26 -12.19 -26.13
N TYR F 20 -24.11 -11.89 -25.16
CA TYR F 20 -25.46 -11.46 -25.49
C TYR F 20 -25.46 -10.08 -26.13
N ILE F 21 -24.74 -9.14 -25.53
CA ILE F 21 -24.66 -7.81 -26.12
C ILE F 21 -24.04 -7.91 -27.51
N ALA F 22 -23.08 -8.81 -27.66
CA ALA F 22 -22.42 -8.99 -28.94
C ALA F 22 -23.35 -9.52 -30.03
N ARG F 23 -24.50 -10.12 -29.68
CA ARG F 23 -25.46 -10.44 -30.74
C ARG F 23 -25.87 -9.19 -31.49
N PHE F 24 -25.85 -8.04 -30.83
CA PHE F 24 -26.35 -6.79 -31.39
C PHE F 24 -25.27 -5.83 -31.81
N ASP F 25 -24.14 -5.82 -31.11
CA ASP F 25 -23.14 -4.76 -31.22
C ASP F 25 -21.88 -5.18 -30.49
N ILE F 26 -20.91 -5.74 -31.21
CA ILE F 26 -19.79 -6.35 -30.52
C ILE F 26 -18.87 -5.28 -29.90
N ASP F 27 -18.87 -4.07 -30.45
CA ASP F 27 -18.10 -2.98 -29.84
C ASP F 27 -18.71 -2.57 -28.52
N ALA F 28 -20.04 -2.45 -28.46
CA ALA F 28 -20.68 -2.15 -27.20
C ALA F 28 -20.34 -3.20 -26.15
N ALA F 29 -20.30 -4.46 -26.56
CA ALA F 29 -19.85 -5.50 -25.63
C ALA F 29 -18.43 -5.25 -25.18
N GLU F 30 -17.53 -4.94 -26.12
CA GLU F 30 -16.15 -4.72 -25.74
C GLU F 30 -16.00 -3.46 -24.88
N ARG F 31 -16.75 -2.39 -25.17
CA ARG F 31 -16.67 -1.22 -24.31
C ARG F 31 -17.15 -1.51 -22.91
N LEU F 32 -18.12 -2.39 -22.76
CA LEU F 32 -18.63 -2.65 -21.41
C LEU F 32 -17.61 -3.40 -20.59
N TRP F 33 -16.96 -4.42 -21.19
CA TRP F 33 -15.89 -5.13 -20.51
C TRP F 33 -14.79 -4.17 -20.06
N GLN F 34 -14.46 -3.20 -20.89
CA GLN F 34 -13.42 -2.25 -20.52
C GLN F 34 -13.84 -1.40 -19.34
N ARG F 35 -15.11 -1.02 -19.29
CA ARG F 35 -15.64 -0.33 -18.12
C ARG F 35 -15.58 -1.20 -16.87
N LEU F 36 -16.09 -2.44 -16.95
CA LEU F 36 -16.11 -3.33 -15.78
C LEU F 36 -14.71 -3.62 -15.28
N ARG F 37 -13.80 -3.93 -16.18
CA ARG F 37 -12.41 -4.17 -15.80
C ARG F 37 -11.82 -2.94 -15.10
N GLY F 38 -12.10 -1.74 -15.59
CA GLY F 38 -11.56 -0.56 -14.96
C GLY F 38 -12.23 -0.15 -13.66
N CYS F 39 -13.43 -0.64 -13.41
CA CYS F 39 -14.03 -0.45 -12.10
C CYS F 39 -13.43 -1.35 -11.06
N VAL F 40 -12.98 -2.52 -11.48
CA VAL F 40 -12.54 -3.54 -10.52
C VAL F 40 -11.09 -3.35 -10.12
N LEU F 41 -10.21 -3.03 -11.08
CA LEU F 41 -8.79 -3.01 -10.73
C LEU F 41 -8.40 -1.97 -9.68
N PRO F 42 -9.04 -0.80 -9.58
CA PRO F 42 -8.77 0.08 -8.44
C PRO F 42 -9.07 -0.52 -7.10
N LEU F 43 -9.93 -1.54 -7.00
CA LEU F 43 -10.21 -2.15 -5.71
C LEU F 43 -8.98 -2.76 -5.08
N SER F 44 -7.95 -3.04 -5.85
CA SER F 44 -6.76 -3.63 -5.29
C SER F 44 -6.10 -2.69 -4.30
N GLU F 45 -6.13 -1.39 -4.59
CA GLU F 45 -5.49 -0.44 -3.69
C GLU F 45 -6.47 0.24 -2.78
N HIS F 46 -7.76 0.15 -3.06
CA HIS F 46 -8.80 0.76 -2.24
C HIS F 46 -9.99 -0.17 -2.16
N PRO F 47 -9.85 -1.29 -1.46
CA PRO F 47 -10.93 -2.30 -1.43
C PRO F 47 -12.24 -1.78 -0.88
N TYR F 48 -12.20 -0.83 0.05
CA TYR F 48 -13.40 -0.39 0.73
C TYR F 48 -14.01 0.86 0.11
N LEU F 49 -13.73 1.08 -1.15
CA LEU F 49 -14.17 2.31 -1.75
C LEU F 49 -15.68 2.36 -1.91
N TYR F 50 -16.32 1.21 -1.87
CA TYR F 50 -17.75 1.11 -2.06
C TYR F 50 -18.41 0.57 -0.80
N PRO F 51 -19.63 1.01 -0.50
CA PRO F 51 -20.21 0.72 0.78
C PRO F 51 -20.88 -0.64 0.77
N PRO F 52 -21.03 -1.27 1.92
CA PRO F 52 -21.61 -2.60 1.95
C PRO F 52 -23.01 -2.58 1.42
N SER F 53 -23.42 -3.68 0.82
CA SER F 53 -24.72 -3.76 0.21
C SER F 53 -25.81 -3.97 1.25
N ASP F 54 -26.91 -3.26 1.10
CA ASP F 54 -28.01 -3.45 2.02
C ASP F 54 -28.74 -4.76 1.75
N ARG F 55 -28.85 -5.12 0.48
CA ARG F 55 -29.61 -6.29 0.07
C ARG F 55 -28.80 -7.58 -0.01
N VAL F 56 -27.47 -7.52 -0.08
CA VAL F 56 -26.68 -8.75 0.00
C VAL F 56 -25.61 -8.57 1.04
N PRO F 57 -25.85 -8.97 2.28
CA PRO F 57 -24.89 -8.71 3.35
C PRO F 57 -23.57 -9.40 3.09
N GLY F 58 -22.49 -8.70 3.37
CA GLY F 58 -21.16 -9.20 3.14
C GLY F 58 -20.52 -8.70 1.88
N LEU F 59 -21.32 -8.27 0.91
CA LEU F 59 -20.85 -7.83 -0.39
C LEU F 59 -20.95 -6.32 -0.51
N ARG F 60 -20.29 -5.80 -1.54
CA ARG F 60 -20.31 -4.39 -1.91
C ARG F 60 -20.73 -4.23 -3.36
N GLU F 61 -21.44 -3.16 -3.67
CA GLU F 61 -22.00 -2.96 -5.00
C GLU F 61 -21.30 -1.82 -5.74
N ILE F 62 -20.82 -2.10 -6.94
CA ILE F 62 -20.34 -1.06 -7.86
C ILE F 62 -21.37 -0.88 -8.96
N VAL F 63 -21.91 0.32 -9.12
CA VAL F 63 -22.75 0.61 -10.28
C VAL F 63 -21.81 1.04 -11.40
N ALA F 64 -21.40 0.10 -12.23
CA ALA F 64 -20.43 0.39 -13.27
C ALA F 64 -21.04 1.12 -14.44
N HIS F 65 -22.35 1.02 -14.62
CA HIS F 65 -23.05 1.40 -15.83
C HIS F 65 -24.52 1.47 -15.43
N PRO F 66 -25.31 2.37 -16.01
CA PRO F 66 -26.71 2.45 -15.57
C PRO F 66 -27.46 1.13 -15.66
N ASN F 67 -26.93 0.12 -16.35
CA ASN F 67 -27.56 -1.17 -16.50
C ASN F 67 -26.81 -2.32 -15.84
N TYR F 68 -25.62 -2.10 -15.28
CA TYR F 68 -24.82 -3.20 -14.76
C TYR F 68 -24.19 -2.88 -13.42
N ILE F 69 -24.27 -3.85 -12.51
CA ILE F 69 -23.73 -3.77 -11.17
C ILE F 69 -22.72 -4.89 -11.00
N ILE F 70 -21.59 -4.58 -10.38
CA ILE F 70 -20.62 -5.57 -9.94
C ILE F 70 -20.81 -5.79 -8.44
N LEU F 71 -20.95 -7.05 -8.04
CA LEU F 71 -20.93 -7.40 -6.62
C LEU F 71 -19.54 -7.96 -6.28
N TYR F 72 -18.94 -7.45 -5.21
CA TYR F 72 -17.65 -7.97 -4.80
C TYR F 72 -17.58 -8.04 -3.28
N ARG F 73 -16.52 -8.65 -2.77
CA ARG F 73 -16.32 -8.72 -1.34
C ARG F 73 -14.84 -8.68 -1.02
N VAL F 74 -14.52 -8.21 0.18
CA VAL F 74 -13.15 -8.09 0.66
C VAL F 74 -12.90 -9.20 1.66
N THR F 75 -11.83 -9.95 1.47
CA THR F 75 -11.51 -11.07 2.32
C THR F 75 -10.20 -10.80 3.04
N THR F 76 -9.70 -11.80 3.75
CA THR F 76 -8.46 -11.61 4.48
C THR F 76 -7.30 -11.40 3.53
N SER F 77 -7.40 -11.98 2.34
CA SER F 77 -6.30 -12.08 1.42
C SER F 77 -6.55 -11.47 0.05
N SER F 78 -7.77 -11.08 -0.26
CA SER F 78 -8.02 -10.68 -1.64
C SER F 78 -9.31 -9.89 -1.76
N VAL F 79 -9.44 -9.21 -2.90
CA VAL F 79 -10.71 -8.70 -3.38
C VAL F 79 -11.26 -9.71 -4.36
N GLU F 80 -12.51 -10.17 -4.15
CA GLU F 80 -13.15 -11.19 -4.98
C GLU F 80 -14.38 -10.61 -5.66
N VAL F 81 -14.38 -10.61 -7.00
CA VAL F 81 -15.60 -10.31 -7.75
C VAL F 81 -16.50 -11.54 -7.69
N VAL F 82 -17.71 -11.35 -7.18
CA VAL F 82 -18.63 -12.45 -6.93
C VAL F 82 -19.65 -12.62 -8.07
N ASN F 83 -20.19 -11.52 -8.59
CA ASN F 83 -21.19 -11.59 -9.65
C ASN F 83 -21.20 -10.28 -10.42
N VAL F 84 -21.66 -10.34 -11.66
CA VAL F 84 -21.94 -9.18 -12.49
C VAL F 84 -23.34 -9.35 -13.04
N ILE F 85 -24.21 -8.37 -12.79
CA ILE F 85 -25.63 -8.53 -13.06
C ILE F 85 -26.20 -7.28 -13.73
N HIS F 86 -27.32 -7.47 -14.41
CA HIS F 86 -28.09 -6.34 -14.88
C HIS F 86 -28.71 -5.62 -13.68
N ALA F 87 -28.77 -4.30 -13.75
CA ALA F 87 -29.25 -3.55 -12.61
C ALA F 87 -30.74 -3.62 -12.44
N ARG F 88 -31.48 -3.96 -13.49
CA ARG F 88 -32.91 -3.77 -13.53
C ARG F 88 -33.69 -5.01 -13.85
N ARG F 89 -33.06 -5.98 -14.50
CA ARG F 89 -33.69 -7.20 -14.95
C ARG F 89 -32.92 -8.36 -14.38
N GLN F 90 -33.55 -9.54 -14.38
CA GLN F 90 -32.95 -10.72 -13.78
C GLN F 90 -32.09 -11.41 -14.84
N PHE F 91 -30.92 -10.82 -15.05
CA PHE F 91 -30.02 -11.14 -16.15
C PHE F 91 -28.62 -10.90 -15.63
N PRO F 92 -27.73 -11.86 -15.77
CA PRO F 92 -27.94 -13.12 -16.49
C PRO F 92 -28.09 -14.31 -15.58
N LEU F 93 -28.96 -15.24 -15.95
CA LEU F 93 -28.87 -16.59 -15.40
C LEU F 93 -29.15 -17.55 -16.55
N GLU F 94 -28.15 -18.34 -16.91
CA GLU F 94 -28.35 -19.44 -17.85
C GLU F 94 -29.28 -20.49 -17.24
N HIS F 95 -29.92 -21.25 -18.10
CA HIS F 95 -30.98 -22.16 -17.67
C HIS F 95 -30.51 -23.59 -17.51
N HIS F 96 -29.28 -23.80 -17.06
CA HIS F 96 -28.80 -25.12 -16.71
C HIS F 96 -28.91 -25.37 -15.21
N ASN G 10 -37.78 5.17 -34.91
CA ASN G 10 -36.39 4.77 -34.97
C ASN G 10 -36.20 3.36 -34.39
N ARG G 11 -35.07 2.73 -34.71
CA ARG G 11 -34.87 1.32 -34.39
C ARG G 11 -34.59 1.11 -32.92
N ALA G 12 -35.23 0.08 -32.35
CA ALA G 12 -35.17 -0.19 -30.93
C ALA G 12 -33.79 -0.72 -30.52
N LEU G 13 -33.42 -0.46 -29.26
CA LEU G 13 -32.20 -0.99 -28.70
C LEU G 13 -32.55 -1.98 -27.60
N SER G 14 -31.71 -3.00 -27.47
CA SER G 14 -31.94 -3.98 -26.42
C SER G 14 -31.58 -3.40 -25.07
N PRO G 15 -32.42 -3.55 -24.07
CA PRO G 15 -32.07 -3.07 -22.74
C PRO G 15 -30.86 -3.74 -22.09
N MSE G 16 -30.15 -4.62 -22.78
CA MSE G 16 -28.92 -5.14 -22.23
C MSE G 16 -27.80 -4.39 -22.92
O MSE G 16 -26.67 -4.44 -22.52
CB MSE G 16 -28.76 -6.65 -22.45
CG MSE G 16 -30.06 -7.49 -22.65
SE MSE G 16 -31.34 -7.57 -21.21
CE MSE G 16 -33.03 -8.43 -21.78
N VAL G 17 -28.16 -3.68 -23.99
CA VAL G 17 -27.16 -3.03 -24.83
C VAL G 17 -27.06 -1.54 -24.49
N SER G 18 -28.19 -0.94 -24.14
CA SER G 18 -28.25 0.49 -23.93
C SER G 18 -29.24 0.79 -22.84
N GLU G 19 -28.99 1.88 -22.11
CA GLU G 19 -29.98 2.38 -21.17
C GLU G 19 -31.03 3.23 -21.87
N PHE G 20 -30.94 3.37 -23.18
CA PHE G 20 -31.90 4.12 -23.97
C PHE G 20 -32.70 3.19 -24.86
N GLU G 21 -33.93 3.59 -25.14
CA GLU G 21 -34.81 2.72 -25.90
C GLU G 21 -34.50 2.74 -27.38
N THR G 22 -34.13 3.89 -27.92
CA THR G 22 -33.79 3.99 -29.34
C THR G 22 -32.53 4.84 -29.48
N ILE G 23 -32.03 4.93 -30.71
CA ILE G 23 -30.85 5.75 -30.93
C ILE G 23 -31.19 7.23 -30.92
N GLU G 24 -32.32 7.59 -31.52
CA GLU G 24 -32.78 8.98 -31.44
C GLU G 24 -32.89 9.41 -29.99
N GLN G 25 -33.37 8.53 -29.11
CA GLN G 25 -33.53 8.93 -27.72
C GLN G 25 -32.19 9.08 -27.03
N GLU G 26 -31.20 8.27 -27.40
CA GLU G 26 -29.85 8.41 -26.87
C GLU G 26 -29.20 9.69 -27.34
N ASN G 27 -29.29 9.98 -28.63
CA ASN G 27 -28.71 11.23 -29.14
C ASN G 27 -29.41 12.43 -28.55
N SER G 28 -30.74 12.42 -28.51
CA SER G 28 -31.45 13.50 -27.85
C SER G 28 -30.90 13.75 -26.45
N TYR G 29 -30.68 12.68 -25.70
CA TYR G 29 -30.16 12.79 -24.34
C TYR G 29 -28.75 13.40 -24.32
N ASN G 30 -27.85 12.85 -25.13
CA ASN G 30 -26.46 13.31 -25.07
C ASN G 30 -26.33 14.75 -25.53
N GLU G 31 -27.17 15.18 -26.46
CA GLU G 31 -27.13 16.59 -26.84
C GLU G 31 -27.66 17.44 -25.70
N TRP G 32 -28.78 17.03 -25.10
CA TRP G 32 -29.28 17.71 -23.92
C TRP G 32 -28.21 17.77 -22.83
N LEU G 33 -27.51 16.67 -22.60
CA LEU G 33 -26.51 16.62 -21.55
C LEU G 33 -25.37 17.62 -21.80
N ARG G 34 -24.81 17.66 -23.03
CA ARG G 34 -23.74 18.64 -23.27
C ARG G 34 -24.25 20.06 -23.19
N ALA G 35 -25.51 20.26 -23.50
CA ALA G 35 -26.08 21.58 -23.40
C ALA G 35 -26.23 21.98 -21.95
N LYS G 36 -26.64 21.03 -21.12
CA LYS G 36 -26.75 21.30 -19.71
C LYS G 36 -25.38 21.60 -19.13
N VAL G 37 -24.38 20.80 -19.48
CA VAL G 37 -23.02 21.05 -18.99
C VAL G 37 -22.54 22.41 -19.43
N ALA G 38 -22.62 22.69 -20.73
CA ALA G 38 -22.12 23.95 -21.28
C ALA G 38 -22.69 25.16 -20.54
N THR G 39 -23.96 25.06 -20.13
CA THR G 39 -24.57 26.07 -19.29
C THR G 39 -23.91 26.16 -17.93
N SER G 40 -23.73 25.02 -17.25
CA SER G 40 -23.14 25.03 -15.92
C SER G 40 -21.77 25.67 -15.90
N LEU G 41 -20.96 25.37 -16.92
CA LEU G 41 -19.59 25.86 -16.91
C LEU G 41 -19.53 27.34 -17.15
N ALA G 42 -20.49 27.87 -17.88
CA ALA G 42 -20.57 29.27 -18.24
C ALA G 42 -21.18 30.15 -17.16
N ASP G 43 -21.81 29.58 -16.15
CA ASP G 43 -22.45 30.38 -15.10
C ASP G 43 -21.37 31.20 -14.36
N PRO G 44 -21.58 32.51 -14.15
CA PRO G 44 -20.57 33.30 -13.44
C PRO G 44 -20.48 33.07 -11.95
N ARG G 45 -21.53 32.57 -11.29
CA ARG G 45 -21.49 32.42 -9.84
C ARG G 45 -20.33 31.52 -9.43
N PRO G 46 -19.80 31.69 -8.22
CA PRO G 46 -18.69 30.86 -7.78
C PRO G 46 -19.14 29.46 -7.36
N ALA G 47 -18.17 28.55 -7.26
CA ALA G 47 -18.47 27.24 -6.72
C ALA G 47 -18.51 27.33 -5.21
N ILE G 48 -19.26 26.42 -4.59
CA ILE G 48 -19.43 26.45 -3.15
C ILE G 48 -18.77 25.19 -2.60
N PRO G 49 -18.14 25.26 -1.43
CA PRO G 49 -17.58 24.06 -0.83
C PRO G 49 -18.62 22.98 -0.64
N HIS G 50 -18.15 21.74 -0.56
CA HIS G 50 -19.02 20.62 -0.29
C HIS G 50 -19.80 20.80 0.99
N ASP G 51 -19.16 21.39 2.01
CA ASP G 51 -19.81 21.62 3.30
C ASP G 51 -21.04 22.50 3.15
N GLU G 52 -20.99 23.50 2.29
CA GLU G 52 -22.14 24.35 2.10
C GLU G 52 -23.27 23.56 1.45
N VAL G 53 -22.95 22.69 0.49
CA VAL G 53 -23.97 21.81 -0.07
C VAL G 53 -24.55 20.91 1.01
N GLU G 54 -23.71 20.42 1.91
CA GLU G 54 -24.23 19.60 2.99
C GLU G 54 -25.21 20.39 3.83
N ARG G 55 -24.83 21.61 4.24
CA ARG G 55 -25.70 22.43 5.06
C ARG G 55 -27.00 22.76 4.34
N ARG G 56 -26.89 23.28 3.11
CA ARG G 56 -28.08 23.53 2.32
C ARG G 56 -29.00 22.32 2.24
N MSE G 57 -28.45 21.15 1.99
CA MSE G 57 -29.24 19.94 1.91
C MSE G 57 -29.91 19.58 3.24
O MSE G 57 -31.10 19.26 3.26
CB MSE G 57 -28.36 18.79 1.44
CG MSE G 57 -28.34 18.66 -0.07
SE MSE G 57 -30.12 18.15 -0.66
CE MSE G 57 -30.43 19.16 -2.22
N ALA G 58 -29.15 19.66 4.33
CA ALA G 58 -29.66 19.29 5.64
C ALA G 58 -30.77 20.23 6.06
N GLU G 59 -30.63 21.51 5.76
CA GLU G 59 -31.69 22.48 5.96
C GLU G 59 -32.86 22.25 5.01
N ARG G 60 -32.63 21.82 3.77
CA ARG G 60 -33.73 21.53 2.87
C ARG G 60 -34.56 20.35 3.35
N PHE G 61 -33.95 19.39 4.05
CA PHE G 61 -34.73 18.28 4.61
C PHE G 61 -35.42 18.70 5.89
N ALA G 62 -34.74 19.45 6.75
CA ALA G 62 -35.39 19.98 7.93
C ALA G 62 -36.71 20.66 7.57
N LYS G 63 -36.68 21.57 6.59
CA LYS G 63 -37.89 22.27 6.18
C LYS G 63 -38.96 21.29 5.72
N MSE G 64 -38.57 20.31 4.91
CA MSE G 64 -39.51 19.32 4.41
C MSE G 64 -40.30 18.60 5.48
O MSE G 64 -41.51 18.49 5.39
CB MSE G 64 -38.78 18.27 3.61
CG MSE G 64 -38.31 18.83 2.30
SE MSE G 64 -37.27 17.55 1.25
CE MSE G 64 -38.21 17.56 -0.29
N ARG G 65 -39.61 18.13 6.51
CA ARG G 65 -40.27 17.31 7.52
C ARG G 65 -41.06 18.15 8.50
N LYS G 66 -40.55 19.33 8.85
CA LYS G 66 -41.36 20.27 9.62
C LYS G 66 -42.61 20.66 8.85
N GLU G 67 -42.49 20.80 7.53
CA GLU G 67 -43.66 21.09 6.70
C GLU G 67 -44.68 19.97 6.78
N ARG G 68 -44.23 18.71 6.65
CA ARG G 68 -45.15 17.57 6.73
C ARG G 68 -45.54 17.31 8.18
N SER G 69 -45.90 18.37 8.91
CA SER G 69 -46.23 18.29 10.32
C SER G 69 -47.23 19.40 10.66
N LYS G 70 -48.35 19.41 9.95
CA LYS G 70 -49.47 20.31 10.22
C LYS G 70 -50.67 19.91 9.36
N MSE H 1 -4.16 16.85 -1.59
CA MSE H 1 -5.56 16.62 -1.89
C MSE H 1 -6.16 17.83 -2.62
O MSE H 1 -5.62 18.93 -2.60
CB MSE H 1 -6.34 16.30 -0.62
CG MSE H 1 -6.28 17.36 0.48
SE MSE H 1 -7.64 18.76 0.35
CE MSE H 1 -9.12 17.85 1.23
N LEU H 2 -7.26 17.58 -3.30
CA LEU H 2 -8.02 18.63 -3.94
C LEU H 2 -9.31 18.83 -3.17
N PRO H 3 -9.68 20.06 -2.82
CA PRO H 3 -10.99 20.29 -2.22
C PRO H 3 -12.10 19.98 -3.21
N VAL H 4 -13.23 19.53 -2.69
CA VAL H 4 -14.40 19.24 -3.50
C VAL H 4 -15.35 20.43 -3.43
N LEU H 5 -15.76 20.91 -4.60
CA LEU H 5 -16.69 22.02 -4.70
C LEU H 5 -17.81 21.62 -5.64
N TRP H 6 -18.97 22.23 -5.44
CA TRP H 6 -20.11 22.07 -6.33
C TRP H 6 -20.33 23.35 -7.11
N LEU H 7 -20.46 23.22 -8.42
CA LEU H 7 -21.00 24.33 -9.21
C LEU H 7 -22.44 24.59 -8.78
N GLU H 8 -22.85 25.85 -8.87
CA GLU H 8 -24.19 26.19 -8.40
C GLU H 8 -25.24 25.38 -9.14
N SER H 9 -25.00 25.05 -10.40
CA SER H 9 -25.98 24.28 -11.14
C SER H 9 -26.08 22.84 -10.63
N ALA H 10 -24.99 22.30 -10.11
CA ALA H 10 -25.05 20.98 -9.50
C ALA H 10 -25.94 20.99 -8.26
N ASP H 11 -25.84 22.02 -7.45
CA ASP H 11 -26.68 22.07 -6.26
C ASP H 11 -28.14 22.30 -6.62
N THR H 12 -28.40 22.98 -7.73
CA THR H 12 -29.77 23.11 -8.19
C THR H 12 -30.32 21.76 -8.64
N ASP H 13 -29.55 21.04 -9.48
CA ASP H 13 -29.89 19.65 -9.81
C ASP H 13 -30.20 18.87 -8.56
N LEU H 14 -29.25 18.87 -7.63
CA LEU H 14 -29.42 18.11 -6.42
C LEU H 14 -30.66 18.55 -5.66
N ASP H 15 -30.98 19.85 -5.69
CA ASP H 15 -32.21 20.33 -5.11
C ASP H 15 -33.44 19.81 -5.88
N ASP H 16 -33.42 19.94 -7.20
CA ASP H 16 -34.56 19.52 -7.99
C ASP H 16 -34.82 18.04 -7.87
N ILE H 17 -33.77 17.23 -7.77
CA ILE H 17 -33.95 15.78 -7.66
C ILE H 17 -34.51 15.41 -6.30
N THR H 18 -33.99 16.00 -5.23
CA THR H 18 -34.46 15.62 -3.91
C THR H 18 -35.89 16.07 -3.66
N SER H 19 -36.33 17.20 -4.23
CA SER H 19 -37.68 17.63 -3.94
C SER H 19 -38.70 16.84 -4.74
N TYR H 20 -38.37 16.50 -5.99
CA TYR H 20 -39.25 15.63 -6.75
C TYR H 20 -39.39 14.28 -6.08
N ILE H 21 -38.28 13.68 -5.65
CA ILE H 21 -38.39 12.36 -5.05
C ILE H 21 -39.19 12.43 -3.75
N ALA H 22 -39.03 13.51 -2.99
CA ALA H 22 -39.59 13.46 -1.66
C ALA H 22 -41.09 13.69 -1.66
N ARG H 23 -41.65 14.27 -2.72
CA ARG H 23 -43.10 14.26 -2.76
C ARG H 23 -43.65 12.88 -3.08
N PHE H 24 -42.80 11.86 -3.08
CA PHE H 24 -43.21 10.47 -2.97
C PHE H 24 -42.71 9.90 -1.64
N ASP H 25 -41.40 9.73 -1.49
CA ASP H 25 -40.76 8.91 -0.47
C ASP H 25 -39.58 9.75 0.04
N ILE H 26 -39.83 10.57 1.06
CA ILE H 26 -38.79 11.49 1.48
C ILE H 26 -37.57 10.76 2.00
N ASP H 27 -37.74 9.62 2.67
CA ASP H 27 -36.58 8.85 3.10
C ASP H 27 -35.79 8.31 1.92
N ALA H 28 -36.44 8.13 0.77
CA ALA H 28 -35.70 7.74 -0.42
C ALA H 28 -34.90 8.90 -0.96
N ALA H 29 -35.47 10.11 -0.91
CA ALA H 29 -34.70 11.30 -1.28
C ALA H 29 -33.49 11.47 -0.39
N GLU H 30 -33.60 11.09 0.88
CA GLU H 30 -32.45 11.21 1.74
C GLU H 30 -31.44 10.11 1.47
N ARG H 31 -31.90 8.88 1.21
CA ARG H 31 -30.97 7.79 0.92
C ARG H 31 -30.14 8.10 -0.31
N LEU H 32 -30.75 8.71 -1.32
CA LEU H 32 -30.03 9.04 -2.54
C LEU H 32 -28.99 10.13 -2.29
N TRP H 33 -29.39 11.19 -1.58
CA TRP H 33 -28.43 12.20 -1.20
C TRP H 33 -27.30 11.59 -0.41
N GLN H 34 -27.58 10.58 0.39
CA GLN H 34 -26.48 9.92 1.08
C GLN H 34 -25.61 9.13 0.13
N ARG H 35 -26.20 8.56 -0.94
CA ARG H 35 -25.35 7.87 -1.89
C ARG H 35 -24.45 8.84 -2.61
N LEU H 36 -25.04 9.91 -3.14
CA LEU H 36 -24.27 10.86 -3.94
C LEU H 36 -23.20 11.52 -3.12
N ARG H 37 -23.54 11.90 -1.89
CA ARG H 37 -22.57 12.45 -0.97
C ARG H 37 -21.40 11.50 -0.75
N GLY H 38 -21.68 10.21 -0.60
CA GLY H 38 -20.62 9.25 -0.38
C GLY H 38 -19.79 8.94 -1.61
N CYS H 39 -20.37 9.09 -2.80
CA CYS H 39 -19.61 8.93 -4.04
C CYS H 39 -18.62 10.05 -4.23
N VAL H 40 -18.96 11.24 -3.78
CA VAL H 40 -18.21 12.45 -4.13
C VAL H 40 -17.06 12.74 -3.17
N LEU H 41 -17.27 12.47 -1.88
CA LEU H 41 -16.25 12.74 -0.86
C LEU H 41 -14.90 12.12 -1.17
N PRO H 42 -14.77 10.85 -1.53
CA PRO H 42 -13.43 10.35 -1.82
C PRO H 42 -12.77 11.00 -3.02
N LEU H 43 -13.49 11.81 -3.81
CA LEU H 43 -12.84 12.47 -4.94
C LEU H 43 -11.73 13.41 -4.51
N SER H 44 -11.71 13.87 -3.26
CA SER H 44 -10.63 14.77 -2.89
C SER H 44 -9.32 14.02 -2.84
N GLU H 45 -9.35 12.74 -2.53
CA GLU H 45 -8.13 11.96 -2.44
C GLU H 45 -7.89 11.07 -3.64
N HIS H 46 -8.93 10.73 -4.39
CA HIS H 46 -8.82 9.93 -5.61
C HIS H 46 -9.62 10.59 -6.72
N PRO H 47 -9.16 11.73 -7.23
CA PRO H 47 -9.95 12.44 -8.23
C PRO H 47 -10.03 11.74 -9.58
N TYR H 48 -9.15 10.80 -9.90
CA TYR H 48 -9.21 10.20 -11.23
C TYR H 48 -9.85 8.83 -11.19
N LEU H 49 -10.71 8.57 -10.20
CA LEU H 49 -11.13 7.22 -9.96
C LEU H 49 -12.16 6.74 -10.98
N TYR H 50 -13.07 7.55 -11.32
CA TYR H 50 -14.16 7.35 -12.25
C TYR H 50 -13.77 7.69 -13.67
N PRO H 51 -14.36 7.02 -14.66
CA PRO H 51 -13.82 7.12 -16.02
C PRO H 51 -14.13 8.46 -16.67
N PRO H 52 -13.33 8.84 -17.67
CA PRO H 52 -13.67 9.99 -18.49
C PRO H 52 -15.01 9.84 -19.15
N SER H 53 -15.66 10.98 -19.35
CA SER H 53 -16.95 10.97 -20.01
C SER H 53 -16.75 10.90 -21.50
N ASP H 54 -17.52 10.04 -22.13
CA ASP H 54 -17.48 9.85 -23.58
C ASP H 54 -18.31 10.89 -24.31
N ARG H 55 -19.33 11.43 -23.67
CA ARG H 55 -20.19 12.44 -24.25
C ARG H 55 -19.82 13.86 -23.87
N VAL H 56 -19.04 14.09 -22.81
CA VAL H 56 -18.57 15.43 -22.49
C VAL H 56 -17.07 15.41 -22.22
N PRO H 57 -16.23 15.53 -23.24
CA PRO H 57 -14.79 15.43 -23.01
C PRO H 57 -14.30 16.46 -22.02
N GLY H 58 -13.40 16.04 -21.14
CA GLY H 58 -12.90 16.87 -20.07
C GLY H 58 -13.54 16.64 -18.73
N LEU H 59 -14.67 15.92 -18.68
CA LEU H 59 -15.34 15.59 -17.44
C LEU H 59 -15.26 14.09 -17.15
N ARG H 60 -15.70 13.71 -15.95
CA ARG H 60 -15.75 12.32 -15.55
C ARG H 60 -17.14 11.98 -15.05
N GLU H 61 -17.61 10.76 -15.29
CA GLU H 61 -18.94 10.37 -14.87
C GLU H 61 -18.90 9.33 -13.76
N ILE H 62 -19.59 9.63 -12.66
CA ILE H 62 -19.89 8.66 -11.62
C ILE H 62 -21.28 8.11 -11.85
N VAL H 63 -21.41 6.79 -11.98
CA VAL H 63 -22.74 6.17 -12.00
C VAL H 63 -23.06 5.84 -10.54
N ALA H 64 -23.69 6.78 -9.84
CA ALA H 64 -23.87 6.67 -8.40
C ALA H 64 -24.95 5.69 -8.03
N HIS H 65 -25.93 5.53 -8.91
CA HIS H 65 -27.13 4.72 -8.72
C HIS H 65 -27.61 4.41 -10.13
N PRO H 66 -28.28 3.29 -10.38
CA PRO H 66 -28.61 2.97 -11.77
C PRO H 66 -29.37 4.07 -12.48
N ASN H 67 -30.04 4.95 -11.74
CA ASN H 67 -30.78 6.04 -12.36
C ASN H 67 -30.09 7.41 -12.31
N TYR H 68 -28.94 7.57 -11.64
CA TYR H 68 -28.37 8.91 -11.50
C TYR H 68 -26.87 8.94 -11.77
N ILE H 69 -26.43 10.00 -12.42
CA ILE H 69 -25.04 10.18 -12.79
C ILE H 69 -24.54 11.50 -12.24
N ILE H 70 -23.33 11.50 -11.69
CA ILE H 70 -22.64 12.73 -11.29
C ILE H 70 -21.55 13.06 -12.31
N LEU H 71 -21.60 14.26 -12.86
CA LEU H 71 -20.55 14.72 -13.75
C LEU H 71 -19.64 15.67 -12.99
N TYR H 72 -18.35 15.44 -13.06
CA TYR H 72 -17.42 16.30 -12.35
C TYR H 72 -16.18 16.52 -13.20
N ARG H 73 -15.37 17.47 -12.80
CA ARG H 73 -14.11 17.69 -13.47
C ARG H 73 -13.07 18.02 -12.44
N VAL H 74 -11.85 17.64 -12.74
CA VAL H 74 -10.76 17.95 -11.84
C VAL H 74 -9.91 19.03 -12.50
N THR H 75 -9.50 19.94 -11.67
CA THR H 75 -9.17 21.32 -11.97
C THR H 75 -7.76 21.49 -11.43
N THR H 76 -7.12 22.61 -11.75
CA THR H 76 -5.83 22.89 -11.13
C THR H 76 -5.91 22.91 -9.62
N SER H 77 -7.02 23.38 -9.06
CA SER H 77 -7.17 23.58 -7.63
C SER H 77 -8.27 22.78 -6.96
N SER H 78 -9.19 22.18 -7.70
CA SER H 78 -10.31 21.59 -6.99
C SER H 78 -10.91 20.44 -7.81
N VAL H 79 -11.68 19.63 -7.16
CA VAL H 79 -12.67 18.82 -7.84
C VAL H 79 -13.96 19.61 -7.86
N GLU H 80 -14.57 19.76 -9.03
CA GLU H 80 -15.84 20.48 -9.14
C GLU H 80 -16.92 19.53 -9.62
N VAL H 81 -17.97 19.36 -8.81
CA VAL H 81 -19.18 18.67 -9.28
C VAL H 81 -19.94 19.61 -10.20
N VAL H 82 -20.24 19.15 -11.40
CA VAL H 82 -20.75 20.01 -12.47
C VAL H 82 -22.25 19.86 -12.67
N ASN H 83 -22.76 18.64 -12.61
CA ASN H 83 -24.18 18.39 -12.77
C ASN H 83 -24.50 17.06 -12.14
N VAL H 84 -25.76 16.90 -11.75
CA VAL H 84 -26.30 15.61 -11.28
C VAL H 84 -27.56 15.37 -12.09
N ILE H 85 -27.59 14.29 -12.84
CA ILE H 85 -28.65 14.10 -13.82
C ILE H 85 -29.20 12.68 -13.70
N HIS H 86 -30.45 12.53 -14.12
CA HIS H 86 -30.99 11.20 -14.33
C HIS H 86 -30.21 10.53 -15.45
N ALA H 87 -30.08 9.22 -15.35
CA ALA H 87 -29.24 8.51 -16.29
C ALA H 87 -29.96 8.13 -17.58
N ARG H 88 -31.29 8.19 -17.60
CA ARG H 88 -32.01 7.74 -18.78
C ARG H 88 -33.04 8.75 -19.25
N ARG H 89 -33.55 9.54 -18.32
CA ARG H 89 -34.46 10.63 -18.66
C ARG H 89 -33.70 11.95 -18.71
N GLN H 90 -34.26 12.90 -19.41
CA GLN H 90 -33.71 14.24 -19.38
C GLN H 90 -34.36 14.96 -18.21
N PHE H 91 -33.79 14.76 -17.04
CA PHE H 91 -34.30 15.34 -15.82
C PHE H 91 -33.11 15.50 -14.91
N PRO H 92 -32.96 16.68 -14.26
CA PRO H 92 -33.77 17.90 -14.23
C PRO H 92 -33.63 18.82 -15.43
N LEU H 93 -34.71 19.45 -15.86
CA LEU H 93 -34.59 20.45 -16.91
C LEU H 93 -34.13 21.79 -16.33
N GLU H 94 -33.66 22.67 -17.20
CA GLU H 94 -33.16 23.96 -16.74
C GLU H 94 -34.32 24.93 -16.54
N HIS H 95 -34.05 25.97 -15.76
CA HIS H 95 -35.06 26.97 -15.46
C HIS H 95 -34.46 28.29 -14.99
N ASN I 10 48.26 -2.24 4.86
CA ASN I 10 47.86 -1.44 3.71
C ASN I 10 47.65 0.03 4.14
N ARG I 11 47.14 0.85 3.23
CA ARG I 11 46.98 2.29 3.45
C ARG I 11 45.65 2.60 4.13
N ALA I 12 45.67 3.63 4.97
CA ALA I 12 44.54 4.00 5.80
C ALA I 12 43.47 4.69 4.98
N LEU I 13 42.20 4.42 5.32
CA LEU I 13 41.07 5.08 4.68
C LEU I 13 40.41 6.00 5.68
N SER I 14 39.82 7.07 5.15
CA SER I 14 39.22 8.07 6.00
C SER I 14 37.99 7.49 6.71
N PRO I 15 37.76 7.87 7.96
CA PRO I 15 36.60 7.36 8.67
C PRO I 15 35.28 7.82 8.09
N MSE I 16 35.32 8.64 7.04
CA MSE I 16 34.12 9.16 6.41
C MSE I 16 33.84 8.37 5.20
O MSE I 16 32.76 8.45 4.64
CB MSE I 16 34.31 10.54 5.90
CG MSE I 16 35.23 11.33 6.64
SE MSE I 16 34.39 11.72 8.31
CE MSE I 16 36.20 12.10 9.43
N VAL I 17 34.87 7.67 4.73
CA VAL I 17 34.81 6.98 3.46
C VAL I 17 34.50 5.51 3.69
N SER I 18 34.95 4.97 4.81
CA SER I 18 34.77 3.55 5.05
C SER I 18 34.64 3.28 6.53
N GLU I 19 34.02 2.16 6.84
CA GLU I 19 33.98 1.69 8.20
C GLU I 19 35.13 0.75 8.52
N PHE I 20 36.06 0.57 7.60
CA PHE I 20 37.29 -0.14 7.87
C PHE I 20 38.46 0.82 7.77
N GLU I 21 39.53 0.53 8.48
CA GLU I 21 40.65 1.45 8.51
C GLU I 21 41.62 1.25 7.37
N THR I 22 41.69 0.06 6.80
CA THR I 22 42.52 -0.17 5.63
C THR I 22 41.79 -1.08 4.67
N ILE I 23 42.21 -1.06 3.41
CA ILE I 23 41.66 -1.98 2.40
C ILE I 23 41.85 -3.43 2.85
N GLU I 24 43.05 -3.74 3.37
CA GLU I 24 43.35 -5.08 3.86
C GLU I 24 42.35 -5.52 4.93
N GLN I 25 42.01 -4.63 5.86
CA GLN I 25 41.05 -5.01 6.89
C GLN I 25 39.68 -5.23 6.28
N GLU I 26 39.31 -4.40 5.29
CA GLU I 26 38.00 -4.56 4.66
C GLU I 26 37.91 -5.89 3.94
N ASN I 27 38.90 -6.18 3.10
CA ASN I 27 38.89 -7.43 2.34
C ASN I 27 38.84 -8.63 3.25
N SER I 28 39.65 -8.62 4.31
CA SER I 28 39.62 -9.68 5.28
C SER I 28 38.22 -9.90 5.80
N TYR I 29 37.58 -8.83 6.26
CA TYR I 29 36.22 -8.91 6.80
C TYR I 29 35.25 -9.54 5.81
N ASN I 30 35.34 -9.14 4.55
CA ASN I 30 34.37 -9.60 3.57
C ASN I 30 34.60 -11.05 3.19
N GLU I 31 35.84 -11.50 3.16
CA GLU I 31 36.02 -12.93 2.95
C GLU I 31 35.63 -13.72 4.20
N TRP I 32 35.81 -13.13 5.38
CA TRP I 32 35.27 -13.75 6.59
C TRP I 32 33.76 -13.88 6.51
N LEU I 33 33.09 -12.78 6.18
CA LEU I 33 31.63 -12.80 6.06
C LEU I 33 31.16 -13.84 5.06
N ARG I 34 31.83 -13.93 3.91
CA ARG I 34 31.41 -14.89 2.89
C ARG I 34 31.55 -16.31 3.40
N ALA I 35 32.61 -16.58 4.17
CA ALA I 35 32.80 -17.91 4.74
C ALA I 35 31.71 -18.20 5.75
N LYS I 36 31.46 -17.24 6.65
CA LYS I 36 30.43 -17.39 7.67
C LYS I 36 29.10 -17.76 7.04
N VAL I 37 28.68 -17.00 6.03
CA VAL I 37 27.40 -17.26 5.37
C VAL I 37 27.39 -18.63 4.71
N ALA I 38 28.51 -19.00 4.08
CA ALA I 38 28.57 -20.29 3.41
C ALA I 38 28.37 -21.44 4.37
N THR I 39 28.92 -21.34 5.59
CA THR I 39 28.65 -22.41 6.55
C THR I 39 27.20 -22.34 7.03
N SER I 40 26.70 -21.14 7.36
CA SER I 40 25.32 -21.00 7.80
C SER I 40 24.35 -21.71 6.86
N LEU I 41 24.48 -21.43 5.56
CA LEU I 41 23.59 -22.01 4.58
C LEU I 41 23.77 -23.51 4.48
N ALA I 42 24.98 -24.00 4.70
CA ALA I 42 25.28 -25.42 4.61
C ALA I 42 24.79 -26.21 5.81
N ASP I 43 24.44 -25.55 6.90
CA ASP I 43 24.01 -26.23 8.11
C ASP I 43 22.80 -27.10 7.80
N PRO I 44 22.76 -28.36 8.24
CA PRO I 44 21.67 -29.22 7.85
C PRO I 44 20.41 -28.97 8.63
N ARG I 45 20.45 -28.21 9.72
CA ARG I 45 19.31 -28.12 10.62
C ARG I 45 18.24 -27.20 10.04
N PRO I 46 17.00 -27.36 10.48
CA PRO I 46 15.91 -26.54 9.94
C PRO I 46 15.94 -25.14 10.52
N ALA I 47 15.42 -24.21 9.74
CA ALA I 47 15.22 -22.86 10.25
C ALA I 47 14.14 -22.89 11.31
N ILE I 48 14.25 -21.99 12.28
CA ILE I 48 13.31 -21.95 13.38
C ILE I 48 12.41 -20.74 13.22
N PRO I 49 11.15 -20.81 13.62
CA PRO I 49 10.28 -19.64 13.49
C PRO I 49 10.75 -18.54 14.41
N HIS I 50 10.40 -17.31 14.05
CA HIS I 50 10.88 -16.15 14.78
C HIS I 50 10.46 -16.17 16.23
N ASP I 51 9.23 -16.61 16.52
CA ASP I 51 8.76 -16.59 17.90
C ASP I 51 9.50 -17.59 18.76
N GLU I 52 10.08 -18.65 18.17
CA GLU I 52 10.97 -19.51 18.92
C GLU I 52 12.24 -18.76 19.30
N VAL I 53 12.75 -17.93 18.40
CA VAL I 53 13.89 -17.09 18.77
C VAL I 53 13.53 -16.15 19.91
N GLU I 54 12.33 -15.57 19.86
CA GLU I 54 11.91 -14.73 20.96
C GLU I 54 11.85 -15.50 22.26
N ARG I 55 11.33 -16.72 22.24
CA ARG I 55 11.30 -17.52 23.45
C ARG I 55 12.69 -17.77 24.00
N ARG I 56 13.65 -18.09 23.14
CA ARG I 56 15.00 -18.35 23.61
C ARG I 56 15.65 -17.08 24.14
N MSE I 57 15.38 -15.93 23.53
CA MSE I 57 15.98 -14.69 23.98
C MSE I 57 15.46 -14.32 25.34
O MSE I 57 16.21 -13.90 26.20
CB MSE I 57 15.69 -13.56 23.01
CG MSE I 57 16.66 -13.40 21.88
SE MSE I 57 18.54 -13.44 22.38
CE MSE I 57 18.59 -12.26 23.86
N ALA I 58 14.16 -14.45 25.52
CA ALA I 58 13.55 -14.15 26.80
C ALA I 58 14.22 -14.96 27.90
N GLU I 59 14.40 -16.25 27.68
CA GLU I 59 14.98 -17.08 28.72
C GLU I 59 16.46 -16.77 28.91
N ARG I 60 17.18 -16.50 27.81
CA ARG I 60 18.59 -16.14 27.93
C ARG I 60 18.77 -14.88 28.79
N PHE I 61 17.93 -13.88 28.60
CA PHE I 61 17.99 -12.69 29.44
C PHE I 61 17.59 -13.01 30.87
N ALA I 62 16.46 -13.69 31.06
CA ALA I 62 16.04 -14.07 32.40
C ALA I 62 17.16 -14.73 33.19
N LYS I 63 17.90 -15.66 32.56
CA LYS I 63 19.05 -16.25 33.25
C LYS I 63 20.05 -15.19 33.66
N MSE I 64 20.59 -14.45 32.69
CA MSE I 64 21.55 -13.37 32.97
C MSE I 64 21.16 -12.49 34.16
O MSE I 64 22.00 -12.16 34.98
CB MSE I 64 21.72 -12.48 31.76
CG MSE I 64 22.36 -13.20 30.63
SE MSE I 64 22.60 -12.20 29.00
CE MSE I 64 23.28 -13.71 28.00
N ARG I 65 19.89 -12.11 34.23
CA ARG I 65 19.46 -11.23 35.31
C ARG I 65 19.52 -11.92 36.65
N LYS I 66 19.00 -13.14 36.73
CA LYS I 66 18.94 -13.82 38.02
C LYS I 66 20.34 -14.06 38.58
N GLU I 67 21.34 -14.26 37.73
CA GLU I 67 22.71 -14.32 38.18
C GLU I 67 23.30 -12.96 38.58
N ARG I 68 22.47 -11.96 38.91
CA ARG I 68 22.90 -10.59 39.25
C ARG I 68 24.06 -10.06 38.41
N MSE J 1 1.94 -12.39 2.42
CA MSE J 1 3.15 -12.19 3.17
C MSE J 1 4.06 -13.42 3.13
O MSE J 1 3.69 -14.45 2.61
CB MSE J 1 2.79 -11.83 4.62
CG MSE J 1 1.91 -12.82 5.38
SE MSE J 1 2.77 -14.42 6.18
CE MSE J 1 3.84 -13.56 7.51
N LEU J 2 5.27 -13.30 3.65
CA LEU J 2 6.14 -14.41 3.84
C LEU J 2 6.50 -14.51 5.32
N PRO J 3 6.48 -15.69 5.91
CA PRO J 3 6.83 -15.79 7.32
C PRO J 3 8.32 -15.65 7.55
N VAL J 4 8.67 -15.17 8.73
CA VAL J 4 10.05 -14.84 9.07
C VAL J 4 10.63 -15.95 9.92
N LEU J 5 11.76 -16.50 9.46
CA LEU J 5 12.47 -17.59 10.13
C LEU J 5 13.93 -17.20 10.33
N TRP J 6 14.55 -17.77 11.34
CA TRP J 6 15.98 -17.63 11.60
C TRP J 6 16.68 -18.95 11.34
N LEU J 7 17.82 -18.90 10.66
CA LEU J 7 18.69 -20.07 10.62
C LEU J 7 19.35 -20.22 11.98
N GLU J 8 19.66 -21.48 12.35
CA GLU J 8 20.23 -21.71 13.69
C GLU J 8 21.51 -20.93 13.88
N SER J 9 22.25 -20.71 12.80
CA SER J 9 23.47 -19.94 12.90
C SER J 9 23.17 -18.52 13.34
N ALA J 10 22.07 -17.96 12.88
CA ALA J 10 21.72 -16.58 13.24
C ALA J 10 21.36 -16.48 14.71
N ASP J 11 20.61 -17.46 15.23
CA ASP J 11 20.30 -17.46 16.64
C ASP J 11 21.55 -17.64 17.49
N THR J 12 22.54 -18.37 17.00
CA THR J 12 23.79 -18.46 17.74
C THR J 12 24.50 -17.12 17.73
N ASP J 13 24.66 -16.51 16.55
CA ASP J 13 25.13 -15.14 16.43
C ASP J 13 24.47 -14.24 17.46
N LEU J 14 23.15 -14.33 17.53
CA LEU J 14 22.39 -13.49 18.43
C LEU J 14 22.69 -13.78 19.88
N ASP J 15 22.87 -15.06 20.23
CA ASP J 15 23.27 -15.40 21.59
C ASP J 15 24.66 -14.90 21.89
N ASP J 16 25.60 -15.10 20.97
CA ASP J 16 26.96 -14.64 21.20
C ASP J 16 27.02 -13.13 21.43
N ILE J 17 26.27 -12.37 20.63
CA ILE J 17 26.33 -10.90 20.70
C ILE J 17 25.69 -10.39 21.99
N THR J 18 24.47 -10.83 22.28
CA THR J 18 23.80 -10.33 23.47
C THR J 18 24.55 -10.75 24.72
N SER J 19 25.07 -11.97 24.75
CA SER J 19 25.76 -12.44 25.94
C SER J 19 27.04 -11.65 26.15
N TYR J 20 27.76 -11.34 25.07
CA TYR J 20 28.97 -10.54 25.19
C TYR J 20 28.64 -9.14 25.68
N ILE J 21 27.68 -8.49 25.05
CA ILE J 21 27.30 -7.14 25.49
C ILE J 21 26.86 -7.16 26.94
N ALA J 22 26.14 -8.20 27.34
CA ALA J 22 25.62 -8.26 28.70
C ALA J 22 26.70 -8.40 29.77
N ARG J 23 27.95 -8.66 29.40
CA ARG J 23 29.03 -8.57 30.38
C ARG J 23 29.22 -7.15 30.88
N PHE J 24 28.93 -6.17 30.04
CA PHE J 24 29.16 -4.78 30.35
C PHE J 24 27.89 -4.05 30.70
N ASP J 25 26.79 -4.41 30.06
CA ASP J 25 25.54 -3.70 30.18
C ASP J 25 24.44 -4.58 29.62
N ILE J 26 23.67 -5.19 30.51
CA ILE J 26 22.63 -6.10 30.05
C ILE J 26 21.45 -5.35 29.45
N ASP J 27 21.22 -4.10 29.87
CA ASP J 27 20.19 -3.29 29.24
C ASP J 27 20.54 -2.96 27.80
N ALA J 28 21.81 -2.63 27.54
CA ALA J 28 22.24 -2.39 26.17
C ALA J 28 21.97 -3.62 25.31
N ALA J 29 22.30 -4.81 25.83
CA ALA J 29 22.04 -6.03 25.08
C ALA J 29 20.55 -6.22 24.83
N GLU J 30 19.71 -5.88 25.80
CA GLU J 30 18.28 -6.06 25.60
C GLU J 30 17.74 -5.00 24.63
N ARG J 31 18.23 -3.77 24.72
CA ARG J 31 17.86 -2.78 23.72
C ARG J 31 18.26 -3.22 22.31
N LEU J 32 19.43 -3.84 22.17
CA LEU J 32 19.88 -4.24 20.83
C LEU J 32 19.00 -5.33 20.27
N TRP J 33 18.64 -6.30 21.11
CA TRP J 33 17.73 -7.34 20.65
C TRP J 33 16.40 -6.76 20.23
N GLN J 34 15.88 -5.80 20.99
CA GLN J 34 14.62 -5.15 20.60
C GLN J 34 14.76 -4.42 19.27
N ARG J 35 15.94 -3.88 18.98
CA ARG J 35 16.17 -3.23 17.70
C ARG J 35 16.21 -4.24 16.56
N LEU J 36 17.01 -5.30 16.72
CA LEU J 36 17.09 -6.35 15.70
C LEU J 36 15.72 -6.95 15.43
N ARG J 37 15.03 -7.34 16.50
CA ARG J 37 13.66 -7.85 16.40
C ARG J 37 12.78 -6.96 15.54
N GLY J 38 12.85 -5.64 15.75
CA GLY J 38 11.99 -4.74 15.03
C GLY J 38 12.42 -4.43 13.62
N CYS J 39 13.68 -4.67 13.28
CA CYS J 39 14.10 -4.60 11.88
C CYS J 39 13.58 -5.79 11.08
N VAL J 40 13.49 -6.95 11.71
CA VAL J 40 13.32 -8.20 11.00
C VAL J 40 11.84 -8.50 10.70
N LEU J 41 10.94 -8.19 11.61
CA LEU J 41 9.57 -8.62 11.43
C LEU J 41 8.84 -7.91 10.29
N PRO J 42 9.11 -6.63 10.01
CA PRO J 42 8.50 -6.02 8.82
C PRO J 42 8.95 -6.63 7.51
N LEU J 43 10.04 -7.39 7.47
CA LEU J 43 10.40 -8.11 6.24
C LEU J 43 9.29 -9.06 5.80
N SER J 44 8.38 -9.40 6.69
CA SER J 44 7.35 -10.33 6.31
C SER J 44 6.39 -9.72 5.31
N GLU J 45 6.25 -8.39 5.30
CA GLU J 45 5.40 -7.69 4.35
C GLU J 45 6.18 -6.87 3.34
N HIS J 46 7.46 -6.60 3.57
CA HIS J 46 8.32 -5.87 2.64
C HIS J 46 9.69 -6.52 2.56
N PRO J 47 9.77 -7.74 2.04
CA PRO J 47 11.07 -8.42 2.01
C PRO J 47 12.08 -7.79 1.12
N TYR J 48 11.68 -7.03 0.10
CA TYR J 48 12.68 -6.50 -0.81
C TYR J 48 13.09 -5.09 -0.42
N LEU J 49 12.92 -4.71 0.83
CA LEU J 49 13.04 -3.31 1.19
C LEU J 49 14.50 -2.88 1.32
N TYR J 50 15.32 -3.72 1.74
CA TYR J 50 16.74 -3.50 1.99
C TYR J 50 17.59 -3.98 0.83
N PRO J 51 18.75 -3.36 0.62
CA PRO J 51 19.43 -3.53 -0.66
C PRO J 51 20.12 -4.90 -0.76
N PRO J 52 20.22 -5.43 -1.98
CA PRO J 52 21.07 -6.60 -2.20
C PRO J 52 22.45 -6.42 -1.61
N SER J 53 23.02 -7.51 -1.14
CA SER J 53 24.37 -7.45 -0.60
C SER J 53 25.38 -7.52 -1.74
N ASP J 54 26.31 -6.58 -1.73
CA ASP J 54 27.40 -6.57 -2.70
C ASP J 54 28.49 -7.57 -2.32
N ARG J 55 28.52 -8.01 -1.07
CA ARG J 55 29.50 -8.95 -0.57
C ARG J 55 29.01 -10.39 -0.60
N VAL J 56 27.72 -10.64 -0.40
CA VAL J 56 27.21 -12.00 -0.41
C VAL J 56 26.06 -12.09 -1.40
N PRO J 57 26.33 -12.29 -2.68
CA PRO J 57 25.26 -12.30 -3.69
C PRO J 57 24.10 -13.22 -3.31
N GLY J 58 22.88 -12.72 -3.48
CA GLY J 58 21.71 -13.46 -3.12
C GLY J 58 21.16 -13.19 -1.73
N LEU J 59 21.88 -12.47 -0.89
CA LEU J 59 21.33 -11.97 0.36
C LEU J 59 21.16 -10.45 0.32
N ARG J 60 20.52 -9.94 1.38
CA ARG J 60 20.31 -8.52 1.59
C ARG J 60 20.81 -8.14 2.98
N GLU J 61 21.26 -6.90 3.15
CA GLU J 61 21.76 -6.44 4.44
C GLU J 61 20.90 -5.34 5.03
N ILE J 62 20.52 -5.53 6.29
CA ILE J 62 19.95 -4.48 7.13
C ILE J 62 21.05 -3.91 8.00
N VAL J 63 21.30 -2.60 7.93
CA VAL J 63 22.17 -1.97 8.91
C VAL J 63 21.28 -1.58 10.08
N ALA J 64 21.20 -2.46 11.08
CA ALA J 64 20.24 -2.27 12.16
C ALA J 64 20.70 -1.25 13.16
N HIS J 65 22.00 -1.04 13.24
CA HIS J 65 22.68 -0.27 14.26
C HIS J 65 24.05 0.03 13.70
N PRO J 66 24.64 1.15 14.02
CA PRO J 66 25.94 1.45 13.41
C PRO J 66 27.00 0.37 13.63
N ASN J 67 26.76 -0.59 14.54
CA ASN J 67 27.71 -1.67 14.76
C ASN J 67 27.24 -3.05 14.32
N TYR J 68 25.96 -3.25 13.99
CA TYR J 68 25.48 -4.60 13.66
C TYR J 68 24.69 -4.62 12.37
N ILE J 69 24.90 -5.67 11.59
CA ILE J 69 24.24 -5.91 10.31
C ILE J 69 23.50 -7.24 10.38
N ILE J 70 22.29 -7.26 9.84
CA ILE J 70 21.53 -8.49 9.67
C ILE J 70 21.61 -8.90 8.21
N LEU J 71 22.00 -10.15 7.95
CA LEU J 71 21.93 -10.70 6.60
C LEU J 71 20.74 -11.63 6.49
N TYR J 72 19.92 -11.43 5.49
CA TYR J 72 18.74 -12.26 5.31
C TYR J 72 18.58 -12.60 3.85
N ARG J 73 17.71 -13.58 3.58
CA ARG J 73 17.40 -13.90 2.20
C ARG J 73 15.93 -14.21 2.05
N VAL J 74 15.42 -13.92 0.87
CA VAL J 74 14.01 -14.09 0.53
C VAL J 74 13.90 -15.34 -0.33
N THR J 75 13.35 -16.41 0.23
CA THR J 75 13.15 -17.66 -0.49
C THR J 75 11.75 -17.68 -1.11
N THR J 76 11.39 -18.82 -1.70
CA THR J 76 10.06 -19.00 -2.27
C THR J 76 8.98 -19.03 -1.20
N SER J 77 9.29 -19.54 -0.01
CA SER J 77 8.28 -19.66 1.02
C SER J 77 8.52 -18.84 2.29
N SER J 78 9.67 -18.18 2.45
CA SER J 78 9.90 -17.52 3.72
C SER J 78 10.99 -16.48 3.60
N VAL J 79 11.03 -15.58 4.56
CA VAL J 79 12.20 -14.74 4.82
C VAL J 79 13.08 -15.45 5.84
N GLU J 80 14.36 -15.66 5.51
CA GLU J 80 15.32 -16.31 6.41
C GLU J 80 16.39 -15.33 6.87
N VAL J 81 16.44 -15.06 8.18
CA VAL J 81 17.60 -14.39 8.76
C VAL J 81 18.76 -15.37 8.77
N VAL J 82 19.86 -15.00 8.11
CA VAL J 82 20.97 -15.91 7.89
C VAL J 82 22.08 -15.71 8.92
N ASN J 83 22.43 -14.47 9.26
CA ASN J 83 23.49 -14.17 10.20
C ASN J 83 23.25 -12.79 10.79
N VAL J 84 23.80 -12.57 11.98
CA VAL J 84 23.87 -11.24 12.58
C VAL J 84 25.31 -11.04 12.98
N ILE J 85 25.95 -10.02 12.42
CA ILE J 85 27.38 -9.80 12.57
C ILE J 85 27.63 -8.38 13.04
N HIS J 86 28.87 -8.15 13.49
CA HIS J 86 29.33 -6.79 13.76
C HIS J 86 29.72 -6.14 12.44
N ALA J 87 29.44 -4.85 12.32
CA ALA J 87 29.59 -4.18 11.05
C ALA J 87 31.04 -3.87 10.70
N ARG J 88 31.94 -3.88 11.68
CA ARG J 88 33.32 -3.46 11.48
C ARG J 88 34.34 -4.46 12.00
N ARG J 89 33.97 -5.37 12.89
CA ARG J 89 34.87 -6.37 13.42
C ARG J 89 34.38 -7.76 13.03
N GLN J 90 35.28 -8.73 13.03
CA GLN J 90 34.93 -10.10 12.67
C GLN J 90 34.40 -10.79 13.92
N PHE J 91 33.14 -10.48 14.23
CA PHE J 91 32.51 -10.88 15.46
C PHE J 91 31.02 -11.05 15.19
N PRO J 92 30.41 -12.15 15.66
CA PRO J 92 30.98 -13.29 16.36
C PRO J 92 31.48 -14.34 15.39
N LEU J 93 31.62 -15.59 15.82
CA LEU J 93 32.54 -16.49 15.12
C LEU J 93 31.86 -17.53 14.24
N GLU J 94 31.18 -18.49 14.87
CA GLU J 94 30.68 -19.77 14.33
C GLU J 94 31.43 -20.89 15.03
N HIS J 95 30.70 -21.89 15.51
CA HIS J 95 31.26 -22.93 16.34
C HIS J 95 31.67 -24.14 15.49
N ASN K 10 35.98 9.77 30.20
CA ASN K 10 35.00 9.12 31.06
C ASN K 10 35.17 7.60 31.03
N ARG K 11 34.09 6.88 31.31
CA ARG K 11 34.12 5.42 31.25
C ARG K 11 34.25 4.96 29.81
N ALA K 12 35.23 4.09 29.54
CA ALA K 12 35.45 3.55 28.21
C ALA K 12 34.50 2.39 27.91
N LEU K 13 34.10 2.28 26.65
CA LEU K 13 33.04 1.37 26.26
C LEU K 13 33.52 0.41 25.19
N SER K 14 33.04 -0.82 25.27
CA SER K 14 33.47 -1.83 24.32
C SER K 14 32.97 -1.49 22.93
N PRO K 15 33.78 -1.65 21.91
CA PRO K 15 33.31 -1.36 20.55
C PRO K 15 32.15 -2.25 20.13
N MSE K 16 31.59 -2.99 21.07
CA MSE K 16 30.49 -3.86 20.76
C MSE K 16 29.31 -3.56 21.64
O MSE K 16 28.25 -4.09 21.44
CB MSE K 16 30.94 -5.28 20.88
CG MSE K 16 31.85 -5.55 19.73
SE MSE K 16 33.33 -6.48 20.34
CE MSE K 16 34.88 -5.36 20.22
N VAL K 17 29.50 -2.66 22.59
CA VAL K 17 28.41 -2.10 23.34
C VAL K 17 27.95 -0.76 22.77
N SER K 18 28.89 0.06 22.33
CA SER K 18 28.55 1.37 21.85
C SER K 18 29.32 1.68 20.58
N GLU K 19 28.76 2.53 19.75
CA GLU K 19 29.50 3.07 18.64
C GLU K 19 30.38 4.24 19.06
N PHE K 20 30.32 4.64 20.32
CA PHE K 20 31.17 5.68 20.89
C PHE K 20 32.18 5.06 21.84
N GLU K 21 33.30 5.76 22.04
CA GLU K 21 34.37 5.18 22.83
C GLU K 21 34.19 5.41 24.32
N THR K 22 33.63 6.55 24.71
CA THR K 22 33.37 6.88 26.10
C THR K 22 31.93 7.34 26.23
N ILE K 23 31.43 7.37 27.46
CA ILE K 23 30.10 7.94 27.66
C ILE K 23 30.15 9.45 27.53
N GLU K 24 31.30 10.06 27.77
CA GLU K 24 31.41 11.50 27.56
C GLU K 24 31.21 11.84 26.08
N GLN K 25 31.86 11.08 25.19
CA GLN K 25 31.79 11.37 23.77
C GLN K 25 30.40 11.12 23.24
N GLU K 26 29.68 10.15 23.83
CA GLU K 26 28.31 9.87 23.41
C GLU K 26 27.39 10.99 23.82
N ASN K 27 27.55 11.50 25.03
CA ASN K 27 26.71 12.60 25.47
C ASN K 27 27.03 13.86 24.69
N SER K 28 28.30 14.08 24.37
CA SER K 28 28.62 15.25 23.57
C SER K 28 28.01 15.15 22.18
N TYR K 29 28.11 13.97 21.55
CA TYR K 29 27.48 13.77 20.25
C TYR K 29 25.99 14.01 20.32
N ASN K 30 25.33 13.47 21.34
CA ASN K 30 23.89 13.57 21.37
C ASN K 30 23.43 15.01 21.58
N GLU K 31 24.15 15.77 22.41
CA GLU K 31 23.81 17.17 22.56
C GLU K 31 24.08 17.93 21.26
N TRP K 32 25.20 17.64 20.60
CA TRP K 32 25.48 18.23 19.29
C TRP K 32 24.35 17.97 18.32
N LEU K 33 23.85 16.74 18.30
CA LEU K 33 22.84 16.36 17.33
C LEU K 33 21.52 17.04 17.63
N ARG K 34 21.14 17.08 18.89
CA ARG K 34 19.94 17.82 19.26
C ARG K 34 20.05 19.27 18.82
N ALA K 35 21.23 19.87 19.00
CA ALA K 35 21.43 21.25 18.57
C ALA K 35 21.31 21.39 17.07
N LYS K 36 21.91 20.47 16.33
CA LYS K 36 21.83 20.49 14.87
C LYS K 36 20.39 20.41 14.41
N VAL K 37 19.61 19.49 14.99
CA VAL K 37 18.23 19.34 14.57
C VAL K 37 17.44 20.61 14.87
N ALA K 38 17.68 21.22 16.04
CA ALA K 38 16.96 22.43 16.41
C ALA K 38 17.24 23.56 15.45
N THR K 39 18.49 23.71 15.01
CA THR K 39 18.78 24.66 13.95
C THR K 39 18.01 24.34 12.68
N SER K 40 18.04 23.06 12.26
CA SER K 40 17.39 22.62 11.02
C SER K 40 15.92 22.98 10.98
N LEU K 41 15.20 22.77 12.08
CA LEU K 41 13.76 22.98 12.08
C LEU K 41 13.40 24.43 12.28
N ALA K 42 14.34 25.25 12.69
CA ALA K 42 14.13 26.67 12.81
C ALA K 42 14.33 27.42 11.50
N ASP K 43 14.93 26.79 10.51
CA ASP K 43 15.17 27.46 9.24
C ASP K 43 13.83 27.86 8.60
N PRO K 44 13.65 29.11 8.22
CA PRO K 44 12.37 29.56 7.66
C PRO K 44 12.03 28.94 6.32
N ARG K 45 12.99 28.47 5.55
CA ARG K 45 12.72 28.11 4.17
C ARG K 45 11.96 26.80 4.06
N PRO K 46 11.08 26.68 3.10
CA PRO K 46 10.27 25.46 2.98
C PRO K 46 11.13 24.30 2.51
N ALA K 47 10.52 23.12 2.52
CA ALA K 47 11.24 21.93 2.11
C ALA K 47 11.24 21.85 0.60
N ILE K 48 12.23 21.15 0.06
CA ILE K 48 12.31 21.01 -1.39
C ILE K 48 11.96 19.58 -1.81
N PRO K 49 11.34 19.41 -2.96
CA PRO K 49 11.03 18.07 -3.44
C PRO K 49 12.27 17.22 -3.48
N HIS K 50 12.07 15.90 -3.36
CA HIS K 50 13.20 14.98 -3.44
C HIS K 50 13.91 15.09 -4.78
N ASP K 51 13.17 15.29 -5.86
CA ASP K 51 13.83 15.27 -7.16
C ASP K 51 14.65 16.52 -7.41
N GLU K 52 14.40 17.59 -6.67
CA GLU K 52 15.31 18.71 -6.73
C GLU K 52 16.62 18.37 -6.03
N VAL K 53 16.55 17.62 -4.93
CA VAL K 53 17.79 17.16 -4.33
C VAL K 53 18.56 16.30 -5.31
N GLU K 54 17.87 15.47 -6.08
CA GLU K 54 18.58 14.68 -7.08
C GLU K 54 19.20 15.54 -8.16
N ARG K 55 18.45 16.53 -8.62
CA ARG K 55 19.01 17.43 -9.61
C ARG K 55 20.28 18.09 -9.11
N ARG K 56 20.27 18.59 -7.88
CA ARG K 56 21.48 19.20 -7.34
C ARG K 56 22.58 18.18 -7.17
N MSE K 57 22.26 17.00 -6.66
CA MSE K 57 23.28 16.00 -6.52
C MSE K 57 23.91 15.67 -7.86
O MSE K 57 25.11 15.55 -7.98
CB MSE K 57 22.73 14.73 -5.91
CG MSE K 57 22.88 14.61 -4.42
SE MSE K 57 24.53 15.21 -3.55
CE MSE K 57 25.95 14.87 -4.81
N ALA K 58 23.05 15.55 -8.88
CA ALA K 58 23.53 15.27 -10.22
C ALA K 58 24.54 16.30 -10.66
N GLU K 59 24.19 17.58 -10.53
CA GLU K 59 25.05 18.63 -11.07
C GLU K 59 26.34 18.76 -10.25
N ARG K 60 26.29 18.53 -8.93
CA ARG K 60 27.53 18.56 -8.15
C ARG K 60 28.47 17.43 -8.55
N PHE K 61 27.97 16.22 -8.76
CA PHE K 61 28.87 15.15 -9.17
C PHE K 61 29.48 15.48 -10.52
N ALA K 62 28.65 15.94 -11.46
CA ALA K 62 29.15 16.39 -12.75
C ALA K 62 30.25 17.44 -12.59
N LYS K 63 30.00 18.45 -11.76
CA LYS K 63 31.00 19.48 -11.55
C LYS K 63 32.32 18.87 -11.07
N MSE K 64 32.27 18.10 -9.99
CA MSE K 64 33.45 17.39 -9.48
C MSE K 64 34.18 16.58 -10.53
O MSE K 64 35.38 16.44 -10.48
CB MSE K 64 33.06 16.45 -8.35
CG MSE K 64 32.37 17.10 -7.22
SE MSE K 64 32.04 15.86 -5.80
CE MSE K 64 33.05 16.82 -4.43
N ARG K 65 33.45 16.01 -11.49
CA ARG K 65 34.12 15.19 -12.48
C ARG K 65 34.79 16.04 -13.54
N LYS K 66 34.14 17.14 -13.95
CA LYS K 66 34.81 18.09 -14.84
C LYS K 66 36.10 18.61 -14.19
N GLU K 67 35.99 19.14 -12.97
CA GLU K 67 37.17 19.65 -12.28
C GLU K 67 38.25 18.57 -12.15
N ARG K 68 37.86 17.32 -11.91
CA ARG K 68 38.85 16.27 -11.69
C ARG K 68 39.58 15.93 -12.98
N SER K 69 38.94 16.14 -14.12
CA SER K 69 39.56 15.84 -15.41
C SER K 69 40.36 17.01 -15.98
N LYS K 70 40.44 18.13 -15.26
CA LYS K 70 41.17 19.31 -15.73
C LYS K 70 42.35 19.64 -14.81
N MSE L 1 -0.25 7.81 -0.01
CA MSE L 1 1.14 7.98 -0.36
C MSE L 1 1.53 9.35 0.20
O MSE L 1 0.77 10.31 0.14
CB MSE L 1 1.29 7.78 -1.87
CG MSE L 1 2.47 8.39 -2.63
SE MSE L 1 2.65 10.34 -2.78
CE MSE L 1 1.20 10.82 -3.93
N LEU L 2 2.67 9.45 0.83
CA LEU L 2 3.17 10.74 1.29
C LEU L 2 4.37 11.13 0.46
N PRO L 3 4.42 12.35 -0.06
CA PRO L 3 5.58 12.75 -0.87
C PRO L 3 6.80 12.98 0.00
N VAL L 4 7.98 12.81 -0.60
CA VAL L 4 9.25 12.92 0.11
C VAL L 4 9.88 14.27 -0.17
N LEU L 5 10.11 15.05 0.89
CA LEU L 5 10.79 16.35 0.78
C LEU L 5 12.05 16.34 1.65
N TRP L 6 13.00 17.20 1.29
CA TRP L 6 14.21 17.40 2.09
C TRP L 6 14.23 18.82 2.60
N LEU L 7 14.49 19.01 3.89
CA LEU L 7 14.84 20.33 4.43
C LEU L 7 16.16 20.82 3.84
N GLU L 8 16.35 22.14 3.72
CA GLU L 8 17.60 22.60 3.10
C GLU L 8 18.81 22.26 3.94
N SER L 9 18.64 22.08 5.25
CA SER L 9 19.76 21.67 6.08
C SER L 9 20.19 20.25 5.73
N ALA L 10 19.23 19.38 5.44
CA ALA L 10 19.56 18.03 5.04
C ALA L 10 20.24 18.00 3.69
N ASP L 11 19.91 18.93 2.78
CA ASP L 11 20.62 18.95 1.51
C ASP L 11 22.01 19.52 1.68
N THR L 12 22.19 20.42 2.63
CA THR L 12 23.52 20.93 2.92
C THR L 12 24.39 19.82 3.49
N ASP L 13 23.89 19.10 4.51
CA ASP L 13 24.54 17.90 5.00
C ASP L 13 25.00 17.03 3.86
N LEU L 14 24.07 16.73 2.97
CA LEU L 14 24.36 15.88 1.82
C LEU L 14 25.48 16.45 0.98
N ASP L 15 25.45 17.75 0.72
CA ASP L 15 26.50 18.42 -0.07
C ASP L 15 27.86 18.27 0.62
N ASP L 16 27.90 18.51 1.94
CA ASP L 16 29.14 18.42 2.68
C ASP L 16 29.66 17.00 2.80
N ILE L 17 28.78 16.01 3.01
CA ILE L 17 29.25 14.64 3.12
C ILE L 17 29.82 14.16 1.79
N THR L 18 29.07 14.33 0.70
CA THR L 18 29.55 13.85 -0.60
C THR L 18 30.80 14.60 -1.04
N SER L 19 30.92 15.89 -0.69
CA SER L 19 32.11 16.62 -1.06
C SER L 19 33.33 16.06 -0.35
N TYR L 20 33.24 15.89 0.96
CA TYR L 20 34.39 15.41 1.73
C TYR L 20 34.80 14.02 1.29
N ILE L 21 33.83 13.13 1.11
CA ILE L 21 34.17 11.78 0.71
C ILE L 21 34.84 11.80 -0.67
N ALA L 22 34.38 12.68 -1.55
CA ALA L 22 34.93 12.68 -2.89
C ALA L 22 36.32 13.30 -2.97
N ARG L 23 36.79 13.96 -1.93
CA ARG L 23 38.19 14.36 -1.93
C ARG L 23 39.12 13.17 -1.84
N PHE L 24 38.63 12.05 -1.32
CA PHE L 24 39.34 10.78 -1.32
C PHE L 24 38.90 9.85 -2.44
N ASP L 25 37.60 9.57 -2.55
CA ASP L 25 37.10 8.61 -3.53
C ASP L 25 35.73 9.10 -4.00
N ILE L 26 35.68 9.62 -5.23
CA ILE L 26 34.44 10.17 -5.74
C ILE L 26 33.43 9.09 -6.05
N ASP L 27 33.87 7.91 -6.45
CA ASP L 27 32.92 6.83 -6.71
C ASP L 27 32.28 6.32 -5.43
N ALA L 28 32.99 6.43 -4.30
CA ALA L 28 32.37 6.04 -3.03
C ALA L 28 31.33 7.07 -2.62
N ALA L 29 31.62 8.36 -2.86
CA ALA L 29 30.64 9.39 -2.57
C ALA L 29 29.37 9.17 -3.36
N GLU L 30 29.50 8.80 -4.63
CA GLU L 30 28.34 8.54 -5.45
C GLU L 30 27.61 7.29 -4.98
N ARG L 31 28.34 6.25 -4.61
CA ARG L 31 27.71 5.06 -4.05
C ARG L 31 26.93 5.38 -2.78
N LEU L 32 27.43 6.29 -1.95
CA LEU L 32 26.73 6.59 -0.71
C LEU L 32 25.45 7.33 -1.00
N TRP L 33 25.50 8.33 -1.87
CA TRP L 33 24.28 9.00 -2.28
C TRP L 33 23.26 8.02 -2.79
N GLN L 34 23.67 7.05 -3.60
CA GLN L 34 22.68 6.08 -4.08
C GLN L 34 22.07 5.25 -2.96
N ARG L 35 22.83 4.98 -1.87
CA ARG L 35 22.24 4.27 -0.75
C ARG L 35 21.25 5.15 0.00
N LEU L 36 21.66 6.37 0.30
CA LEU L 36 20.79 7.31 0.97
C LEU L 36 19.49 7.53 0.20
N ARG L 37 19.62 7.81 -1.09
CA ARG L 37 18.47 7.96 -1.97
C ARG L 37 17.56 6.75 -1.91
N GLY L 38 18.12 5.55 -1.85
CA GLY L 38 17.30 4.36 -1.79
C GLY L 38 16.72 4.05 -0.44
N CYS L 39 17.30 4.57 0.62
CA CYS L 39 16.69 4.42 1.93
C CYS L 39 15.46 5.27 2.07
N VAL L 40 15.47 6.42 1.43
CA VAL L 40 14.51 7.48 1.68
C VAL L 40 13.25 7.32 0.83
N LEU L 41 13.34 6.85 -0.41
CA LEU L 41 12.14 6.92 -1.23
C LEU L 41 11.06 5.90 -0.87
N PRO L 42 11.38 4.73 -0.31
CA PRO L 42 10.31 3.88 0.20
C PRO L 42 9.57 4.48 1.37
N LEU L 43 10.08 5.53 2.03
CA LEU L 43 9.30 6.19 3.06
C LEU L 43 8.01 6.76 2.51
N SER L 44 7.95 6.99 1.21
CA SER L 44 6.77 7.53 0.59
C SER L 44 5.58 6.60 0.76
N GLU L 45 5.84 5.31 0.83
CA GLU L 45 4.78 4.33 0.96
C GLU L 45 4.76 3.64 2.31
N HIS L 46 5.84 3.73 3.09
CA HIS L 46 5.91 3.14 4.42
C HIS L 46 6.61 4.11 5.38
N PRO L 47 5.96 5.22 5.70
CA PRO L 47 6.65 6.27 6.45
C PRO L 47 7.04 5.89 7.86
N TYR L 48 6.43 4.85 8.45
CA TYR L 48 6.72 4.54 9.85
C TYR L 48 7.63 3.35 10.00
N LEU L 49 8.42 3.08 8.97
CA LEU L 49 9.21 1.86 8.96
C LEU L 49 10.33 1.89 10.00
N TYR L 50 10.97 2.88 10.08
CA TYR L 50 12.10 3.06 10.97
C TYR L 50 11.71 3.51 12.37
N PRO L 51 12.55 3.13 13.35
CA PRO L 51 12.20 3.34 14.78
C PRO L 51 12.21 4.80 15.15
N PRO L 52 11.33 5.22 16.05
CA PRO L 52 11.40 6.59 16.55
C PRO L 52 12.68 6.80 17.33
N SER L 53 13.30 7.96 17.08
CA SER L 53 14.58 8.31 17.69
C SER L 53 14.42 8.59 19.18
N ASP L 54 15.35 8.06 19.95
CA ASP L 54 15.32 8.27 21.38
C ASP L 54 16.17 9.45 21.83
N ARG L 55 17.06 9.93 20.98
CA ARG L 55 17.84 11.13 21.26
C ARG L 55 17.20 12.40 20.73
N VAL L 56 16.35 12.31 19.72
CA VAL L 56 15.64 13.48 19.20
C VAL L 56 14.15 13.15 19.08
N PRO L 57 13.36 13.39 20.10
CA PRO L 57 11.92 13.08 20.04
C PRO L 57 11.21 13.72 18.87
N GLY L 58 10.41 12.93 18.17
CA GLY L 58 9.63 13.39 17.06
C GLY L 58 10.21 13.07 15.69
N LEU L 59 11.46 12.62 15.63
CA LEU L 59 12.07 12.16 14.40
C LEU L 59 12.32 10.66 14.47
N ARG L 60 12.69 10.09 13.33
CA ARG L 60 13.04 8.69 13.20
C ARG L 60 14.43 8.58 12.56
N GLU L 61 15.14 7.51 12.88
CA GLU L 61 16.50 7.33 12.38
C GLU L 61 16.59 6.11 11.46
N ILE L 62 17.03 6.35 10.23
CA ILE L 62 17.53 5.30 9.36
C ILE L 62 19.01 5.15 9.59
N VAL L 63 19.49 3.94 9.86
CA VAL L 63 20.93 3.71 9.83
C VAL L 63 21.24 3.28 8.41
N ALA L 64 21.53 4.25 7.55
CA ALA L 64 21.68 3.94 6.14
C ALA L 64 22.94 3.15 5.85
N HIS L 65 23.95 3.26 6.70
CA HIS L 65 25.29 2.77 6.47
C HIS L 65 25.95 2.71 7.84
N PRO L 66 26.94 1.84 8.06
CA PRO L 66 27.52 1.79 9.40
C PRO L 66 28.08 3.13 9.87
N ASN L 67 28.31 4.07 8.95
CA ASN L 67 28.80 5.39 9.32
C ASN L 67 27.79 6.52 9.16
N TYR L 68 26.60 6.29 8.61
CA TYR L 68 25.70 7.41 8.36
C TYR L 68 24.27 7.14 8.80
N ILE L 69 23.64 8.15 9.37
CA ILE L 69 22.26 8.09 9.83
C ILE L 69 21.44 9.18 9.14
N ILE L 70 20.24 8.84 8.72
CA ILE L 70 19.29 9.82 8.20
C ILE L 70 18.24 10.07 9.27
N LEU L 71 18.01 11.33 9.63
CA LEU L 71 16.94 11.70 10.54
C LEU L 71 15.78 12.29 9.74
N TYR L 72 14.58 11.78 9.97
CA TYR L 72 13.45 12.20 9.17
C TYR L 72 12.22 12.28 10.05
N ARG L 73 11.18 12.88 9.51
CA ARG L 73 9.92 12.92 10.26
C ARG L 73 8.74 12.90 9.31
N VAL L 74 7.61 12.47 9.86
CA VAL L 74 6.38 12.26 9.13
C VAL L 74 5.40 13.33 9.58
N THR L 75 5.02 14.21 8.67
CA THR L 75 4.17 15.35 8.95
C THR L 75 2.74 15.01 8.56
N THR L 76 1.87 16.01 8.56
CA THR L 76 0.50 15.74 8.12
C THR L 76 0.47 15.38 6.66
N SER L 77 1.38 15.95 5.88
CA SER L 77 1.29 15.99 4.45
C SER L 77 2.51 15.42 3.74
N SER L 78 3.53 14.99 4.45
CA SER L 78 4.75 14.64 3.76
C SER L 78 5.71 13.91 4.69
N VAL L 79 6.65 13.21 4.08
CA VAL L 79 7.86 12.78 4.76
C VAL L 79 8.93 13.84 4.52
N GLU L 80 9.54 14.33 5.61
CA GLU L 80 10.59 15.34 5.58
C GLU L 80 11.90 14.74 6.04
N VAL L 81 12.92 14.79 5.19
CA VAL L 81 14.28 14.42 5.63
C VAL L 81 14.89 15.63 6.31
N VAL L 82 15.30 15.47 7.56
CA VAL L 82 15.69 16.60 8.40
C VAL L 82 17.20 16.80 8.44
N ASN L 83 17.98 15.73 8.51
CA ASN L 83 19.43 15.82 8.56
C ASN L 83 20.02 14.50 8.13
N VAL L 84 21.24 14.56 7.64
CA VAL L 84 22.06 13.37 7.38
C VAL L 84 23.38 13.61 8.10
N ILE L 85 23.77 12.68 8.98
CA ILE L 85 24.92 12.86 9.87
C ILE L 85 25.80 11.63 9.84
N HIS L 86 27.05 11.80 10.26
CA HIS L 86 27.92 10.66 10.53
C HIS L 86 27.46 10.01 11.84
N ALA L 87 27.54 8.68 11.89
CA ALA L 87 26.98 7.96 13.03
C ALA L 87 27.83 8.07 14.29
N ARG L 88 29.11 8.41 14.18
CA ARG L 88 30.01 8.24 15.30
C ARG L 88 30.74 9.53 15.60
N ARG L 89 30.84 10.39 14.61
CA ARG L 89 31.56 11.61 14.80
C ARG L 89 30.65 12.80 14.56
N GLN L 90 31.01 13.95 15.14
CA GLN L 90 30.19 15.14 15.03
C GLN L 90 30.49 15.80 13.69
N PHE L 91 30.01 15.15 12.63
CA PHE L 91 30.27 15.57 11.26
C PHE L 91 29.05 15.34 10.43
N PRO L 92 28.71 16.27 9.52
CA PRO L 92 29.21 17.58 9.08
C PRO L 92 28.98 18.65 10.15
N LEU L 93 29.73 19.75 10.17
CA LEU L 93 29.55 20.71 11.26
C LEU L 93 29.32 22.13 10.76
N GLU L 94 29.38 23.06 11.72
CA GLU L 94 29.44 24.51 11.63
C GLU L 94 28.50 25.09 10.57
N HIS L 95 29.09 25.64 9.51
CA HIS L 95 28.35 26.41 8.51
C HIS L 95 27.87 27.71 9.15
N ASN M 10 3.20 -7.46 50.40
CA ASN M 10 2.19 -7.52 49.36
C ASN M 10 2.24 -6.28 48.43
N ARG M 11 1.14 -5.48 48.46
CA ARG M 11 0.90 -4.17 47.82
C ARG M 11 -0.41 -4.15 47.01
N ALA M 12 -1.30 -3.22 47.36
CA ALA M 12 -2.48 -2.96 46.55
C ALA M 12 -2.09 -2.12 45.32
N LEU M 13 -2.87 -2.28 44.23
CA LEU M 13 -2.59 -1.67 42.94
C LEU M 13 -3.79 -0.88 42.46
N SER M 14 -3.52 0.17 41.73
CA SER M 14 -4.61 1.03 41.29
C SER M 14 -5.27 0.48 40.02
N PRO M 15 -6.60 0.58 39.92
CA PRO M 15 -7.30 0.01 38.76
C PRO M 15 -6.99 0.69 37.45
N MSE M 16 -6.09 1.66 37.45
CA MSE M 16 -5.69 2.29 36.22
C MSE M 16 -4.24 2.03 35.96
O MSE M 16 -3.71 2.41 34.93
CB MSE M 16 -5.99 3.76 36.26
CG MSE M 16 -7.43 3.93 36.13
SE MSE M 16 -8.19 4.85 37.50
CE MSE M 16 -8.72 3.73 38.70
N VAL M 17 -3.62 1.35 36.90
CA VAL M 17 -2.29 0.83 36.69
C VAL M 17 -2.34 -0.61 36.22
N SER M 18 -3.22 -1.41 36.80
CA SER M 18 -3.15 -2.86 36.59
C SER M 18 -4.54 -3.45 36.55
N GLU M 19 -4.70 -4.48 35.72
CA GLU M 19 -5.95 -5.22 35.71
C GLU M 19 -6.04 -6.15 36.90
N PHE M 20 -5.03 -6.18 37.75
CA PHE M 20 -5.04 -6.93 39.00
C PHE M 20 -5.02 -5.98 40.20
N GLU M 21 -5.46 -6.49 41.35
CA GLU M 21 -5.64 -5.69 42.55
C GLU M 21 -4.43 -5.66 43.46
N THR M 22 -3.65 -6.74 43.49
CA THR M 22 -2.44 -6.80 44.27
C THR M 22 -1.30 -7.28 43.39
N ILE M 23 -0.08 -7.18 43.91
CA ILE M 23 1.04 -7.75 43.17
C ILE M 23 1.09 -9.29 43.28
N GLU M 24 0.52 -9.94 44.32
CA GLU M 24 0.46 -11.40 44.25
C GLU M 24 -0.63 -11.92 43.34
N GLN M 25 -1.78 -11.27 43.34
CA GLN M 25 -2.82 -11.76 42.46
C GLN M 25 -2.31 -11.76 41.04
N GLU M 26 -1.50 -10.75 40.68
CA GLU M 26 -0.90 -10.72 39.36
C GLU M 26 0.14 -11.82 39.22
N ASN M 27 1.02 -11.98 40.21
CA ASN M 27 2.00 -13.06 40.17
C ASN M 27 1.32 -14.41 40.14
N SER M 28 0.29 -14.59 40.96
CA SER M 28 -0.43 -15.86 40.96
C SER M 28 -1.04 -16.13 39.59
N TYR M 29 -1.68 -15.14 39.00
CA TYR M 29 -2.27 -15.31 37.67
C TYR M 29 -1.21 -15.69 36.65
N ASN M 30 -0.07 -15.01 36.68
CA ASN M 30 0.92 -15.28 35.65
C ASN M 30 1.55 -16.65 35.84
N GLU M 31 1.71 -17.09 37.08
CA GLU M 31 2.19 -18.45 37.26
C GLU M 31 1.15 -19.45 36.79
N TRP M 32 -0.12 -19.20 37.13
CA TRP M 32 -1.19 -20.07 36.67
C TRP M 32 -1.24 -20.09 35.15
N LEU M 33 -1.01 -18.94 34.53
CA LEU M 33 -1.03 -18.88 33.07
C LEU M 33 0.13 -19.65 32.45
N ARG M 34 1.36 -19.42 32.93
CA ARG M 34 2.49 -20.18 32.41
C ARG M 34 2.27 -21.67 32.59
N ALA M 35 1.58 -22.06 33.67
CA ALA M 35 1.25 -23.45 33.90
C ALA M 35 0.24 -23.94 32.88
N LYS M 36 -0.82 -23.16 32.66
CA LYS M 36 -1.86 -23.56 31.74
C LYS M 36 -1.29 -23.77 30.35
N VAL M 37 -0.42 -22.85 29.91
CA VAL M 37 0.20 -22.94 28.60
C VAL M 37 1.07 -24.18 28.52
N ALA M 38 1.93 -24.40 29.53
CA ALA M 38 2.81 -25.55 29.50
C ALA M 38 2.01 -26.84 29.37
N THR M 39 0.90 -26.95 30.08
CA THR M 39 0.03 -28.11 29.87
C THR M 39 -0.46 -28.16 28.43
N SER M 40 -0.93 -27.02 27.90
CA SER M 40 -1.47 -26.99 26.54
C SER M 40 -0.45 -27.46 25.53
N LEU M 41 0.79 -27.03 25.68
CA LEU M 41 1.81 -27.41 24.71
C LEU M 41 2.26 -28.84 24.91
N ALA M 42 2.03 -29.41 26.08
CA ALA M 42 2.43 -30.78 26.33
C ALA M 42 1.40 -31.80 25.88
N ASP M 43 0.15 -31.40 25.71
CA ASP M 43 -0.87 -32.29 25.18
C ASP M 43 -0.43 -32.82 23.82
N PRO M 44 -0.45 -34.12 23.60
CA PRO M 44 0.15 -34.64 22.38
C PRO M 44 -0.83 -34.80 21.22
N ARG M 45 -1.94 -34.15 21.26
CA ARG M 45 -2.91 -34.25 20.17
C ARG M 45 -2.65 -33.25 19.04
N PRO M 46 -3.11 -33.58 17.83
CA PRO M 46 -2.91 -32.65 16.72
C PRO M 46 -3.74 -31.40 16.89
N ALA M 47 -3.22 -30.30 16.35
CA ALA M 47 -4.05 -29.12 16.21
C ALA M 47 -5.18 -29.37 15.22
N ILE M 48 -6.29 -28.67 15.40
CA ILE M 48 -7.39 -28.81 14.46
C ILE M 48 -7.52 -27.52 13.65
N PRO M 49 -7.92 -27.60 12.40
CA PRO M 49 -8.10 -26.37 11.64
C PRO M 49 -9.24 -25.54 12.21
N HIS M 50 -9.14 -24.24 11.95
CA HIS M 50 -10.12 -23.29 12.47
C HIS M 50 -11.53 -23.67 12.07
N ASP M 51 -11.68 -24.25 10.89
CA ASP M 51 -12.99 -24.63 10.40
C ASP M 51 -13.66 -25.66 11.30
N GLU M 52 -12.89 -26.58 11.86
CA GLU M 52 -13.47 -27.57 12.74
C GLU M 52 -13.97 -26.92 14.04
N VAL M 53 -13.20 -26.00 14.58
CA VAL M 53 -13.65 -25.21 15.72
C VAL M 53 -14.96 -24.49 15.39
N GLU M 54 -15.10 -23.96 14.18
CA GLU M 54 -16.34 -23.28 13.84
C GLU M 54 -17.50 -24.24 13.83
N ARG M 55 -17.32 -25.39 13.22
CA ARG M 55 -18.38 -26.38 13.20
C ARG M 55 -18.70 -26.89 14.60
N ARG M 56 -17.69 -27.14 15.42
CA ARG M 56 -17.94 -27.57 16.80
C ARG M 56 -18.79 -26.57 17.55
N MSE M 57 -18.43 -25.30 17.44
CA MSE M 57 -19.10 -24.22 18.12
C MSE M 57 -20.52 -24.03 17.64
O MSE M 57 -21.40 -23.76 18.41
CB MSE M 57 -18.31 -22.96 17.91
CG MSE M 57 -18.65 -21.92 18.90
SE MSE M 57 -17.92 -22.45 20.63
CE MSE M 57 -16.35 -23.35 20.00
N ALA M 58 -20.69 -24.15 16.34
CA ALA M 58 -22.03 -24.08 15.78
C ALA M 58 -22.92 -25.17 16.36
N GLU M 59 -22.39 -26.38 16.48
CA GLU M 59 -23.14 -27.48 17.08
C GLU M 59 -23.38 -27.23 18.58
N ARG M 60 -22.38 -26.77 19.32
CA ARG M 60 -22.56 -26.53 20.74
C ARG M 60 -23.65 -25.49 21.00
N PHE M 61 -23.70 -24.43 20.20
CA PHE M 61 -24.78 -23.46 20.34
C PHE M 61 -26.12 -24.07 19.96
N ALA M 62 -26.16 -24.90 18.91
CA ALA M 62 -27.41 -25.54 18.53
C ALA M 62 -27.95 -26.43 19.63
N LYS M 63 -27.07 -27.22 20.26
CA LYS M 63 -27.50 -28.04 21.39
C LYS M 63 -28.08 -27.16 22.50
N MSE M 64 -27.35 -26.12 22.89
CA MSE M 64 -27.79 -25.19 23.93
C MSE M 64 -29.16 -24.59 23.70
O MSE M 64 -29.84 -24.24 24.65
CB MSE M 64 -26.82 -24.05 24.07
CG MSE M 64 -25.57 -24.46 24.73
SE MSE M 64 -24.36 -23.00 24.85
CE MSE M 64 -22.84 -24.06 25.36
N ARG M 65 -29.54 -24.43 22.44
CA ARG M 65 -30.88 -23.94 22.14
C ARG M 65 -31.87 -25.08 21.97
N LYS M 66 -31.73 -26.12 22.79
CA LYS M 66 -32.69 -27.22 22.84
C LYS M 66 -32.85 -27.73 24.28
N MSE N 1 0.62 -16.86 3.38
CA MSE N 1 -0.51 -17.23 4.21
C MSE N 1 -0.12 -18.43 5.06
O MSE N 1 0.51 -19.37 4.57
CB MSE N 1 -1.74 -17.50 3.32
CG MSE N 1 -2.96 -18.10 4.01
SE MSE N 1 -2.93 -20.05 4.06
CE MSE N 1 -4.51 -20.48 5.09
N LEU N 2 -0.42 -18.37 6.35
CA LEU N 2 -0.27 -19.50 7.24
C LEU N 2 -1.63 -19.92 7.72
N PRO N 3 -1.96 -21.21 7.72
CA PRO N 3 -3.27 -21.65 8.21
C PRO N 3 -3.43 -21.37 9.69
N VAL N 4 -4.67 -21.12 10.08
CA VAL N 4 -5.00 -20.90 11.49
C VAL N 4 -5.52 -22.21 12.06
N LEU N 5 -4.80 -22.75 13.03
CA LEU N 5 -5.17 -23.95 13.76
C LEU N 5 -5.41 -23.64 15.23
N TRP N 6 -6.26 -24.44 15.85
CA TRP N 6 -6.47 -24.41 17.29
C TRP N 6 -5.90 -25.67 17.92
N LEU N 7 -5.17 -25.50 19.00
CA LEU N 7 -4.85 -26.61 19.88
C LEU N 7 -6.12 -27.05 20.60
N GLU N 8 -6.22 -28.35 20.88
CA GLU N 8 -7.41 -28.88 21.53
C GLU N 8 -7.69 -28.16 22.84
N SER N 9 -6.65 -27.74 23.56
CA SER N 9 -6.85 -27.00 24.78
C SER N 9 -7.56 -25.68 24.51
N ALA N 10 -7.23 -25.01 23.41
CA ALA N 10 -7.89 -23.75 23.09
C ALA N 10 -9.38 -23.95 22.85
N ASP N 11 -9.74 -25.03 22.15
CA ASP N 11 -11.15 -25.30 21.89
C ASP N 11 -11.87 -25.66 23.18
N THR N 12 -11.20 -26.38 24.06
CA THR N 12 -11.77 -26.67 25.38
C THR N 12 -12.02 -25.39 26.16
N ASP N 13 -11.02 -24.49 26.21
CA ASP N 13 -11.23 -23.16 26.77
C ASP N 13 -12.47 -22.51 26.21
N LEU N 14 -12.58 -22.54 24.89
CA LEU N 14 -13.69 -21.86 24.23
C LEU N 14 -15.01 -22.54 24.55
N ASP N 15 -15.00 -23.87 24.65
CA ASP N 15 -16.15 -24.60 25.14
C ASP N 15 -16.51 -24.18 26.56
N ASP N 16 -15.50 -24.16 27.45
CA ASP N 16 -15.75 -23.83 28.85
C ASP N 16 -16.28 -22.40 29.00
N ILE N 17 -15.74 -21.45 28.24
CA ILE N 17 -16.13 -20.06 28.42
C ILE N 17 -17.54 -19.83 27.91
N THR N 18 -17.81 -20.19 26.64
CA THR N 18 -19.13 -19.98 26.08
C THR N 18 -20.23 -20.69 26.87
N SER N 19 -19.94 -21.88 27.43
CA SER N 19 -20.98 -22.58 28.18
C SER N 19 -21.30 -21.89 29.48
N TYR N 20 -20.26 -21.42 30.17
CA TYR N 20 -20.47 -20.66 31.38
C TYR N 20 -21.32 -19.43 31.10
N ILE N 21 -20.91 -18.61 30.14
CA ILE N 21 -21.68 -17.41 29.82
C ILE N 21 -23.09 -17.77 29.41
N ALA N 22 -23.25 -18.87 28.69
CA ALA N 22 -24.55 -19.24 28.18
C ALA N 22 -25.54 -19.58 29.30
N ARG N 23 -25.06 -19.90 30.48
CA ARG N 23 -25.99 -20.11 31.58
C ARG N 23 -26.68 -18.82 31.99
N PHE N 24 -26.11 -17.68 31.66
CA PHE N 24 -26.74 -16.40 31.94
C PHE N 24 -27.33 -15.76 30.70
N ASP N 25 -26.65 -15.85 29.56
CA ASP N 25 -27.01 -15.01 28.42
C ASP N 25 -26.38 -15.64 27.18
N ILE N 26 -27.15 -16.52 26.53
CA ILE N 26 -26.59 -17.26 25.41
C ILE N 26 -26.22 -16.32 24.26
N ASP N 27 -26.98 -15.25 24.06
CA ASP N 27 -26.62 -14.28 23.03
C ASP N 27 -25.29 -13.60 23.33
N ALA N 28 -24.95 -13.43 24.60
CA ALA N 28 -23.66 -12.86 24.90
C ALA N 28 -22.56 -13.85 24.58
N ALA N 29 -22.79 -15.13 24.88
CA ALA N 29 -21.87 -16.19 24.49
C ALA N 29 -21.63 -16.16 22.99
N GLU N 30 -22.69 -16.10 22.19
CA GLU N 30 -22.52 -16.06 20.74
C GLU N 30 -21.76 -14.82 20.31
N ARG N 31 -22.08 -13.67 20.91
CA ARG N 31 -21.38 -12.46 20.53
C ARG N 31 -19.91 -12.57 20.83
N LEU N 32 -19.56 -13.22 21.94
CA LEU N 32 -18.16 -13.36 22.28
C LEU N 32 -17.44 -14.29 21.30
N TRP N 33 -18.06 -15.42 20.97
CA TRP N 33 -17.46 -16.28 19.96
C TRP N 33 -17.27 -15.51 18.66
N GLN N 34 -18.28 -14.76 18.24
CA GLN N 34 -18.12 -13.95 17.05
C GLN N 34 -16.93 -13.01 17.16
N ARG N 35 -16.65 -12.50 18.36
CA ARG N 35 -15.53 -11.55 18.48
C ARG N 35 -14.19 -12.23 18.42
N LEU N 36 -14.03 -13.30 19.20
CA LEU N 36 -12.80 -14.09 19.15
C LEU N 36 -12.52 -14.61 17.74
N ARG N 37 -13.52 -15.21 17.12
CA ARG N 37 -13.39 -15.62 15.74
C ARG N 37 -12.88 -14.48 14.84
N GLY N 38 -13.40 -13.27 15.03
CA GLY N 38 -12.95 -12.17 14.21
C GLY N 38 -11.52 -11.72 14.47
N CYS N 39 -11.03 -11.88 15.71
CA CYS N 39 -9.66 -11.50 16.03
C CYS N 39 -8.65 -12.43 15.42
N VAL N 40 -9.03 -13.67 15.21
CA VAL N 40 -8.13 -14.75 14.93
C VAL N 40 -7.99 -14.98 13.41
N LEU N 41 -9.05 -14.73 12.66
CA LEU N 41 -9.01 -15.04 11.23
C LEU N 41 -8.00 -14.21 10.45
N PRO N 42 -7.81 -12.91 10.70
CA PRO N 42 -6.73 -12.18 10.03
C PRO N 42 -5.34 -12.63 10.41
N LEU N 43 -5.15 -13.43 11.46
CA LEU N 43 -3.82 -13.93 11.77
C LEU N 43 -3.19 -14.70 10.62
N SER N 44 -3.98 -15.20 9.67
CA SER N 44 -3.34 -15.98 8.62
C SER N 44 -2.63 -15.09 7.63
N GLU N 45 -2.98 -13.82 7.59
CA GLU N 45 -2.27 -12.89 6.73
C GLU N 45 -1.43 -11.90 7.51
N HIS N 46 -1.70 -11.71 8.80
CA HIS N 46 -0.92 -10.82 9.66
C HIS N 46 -0.57 -11.52 10.96
N PRO N 47 0.26 -12.56 10.92
CA PRO N 47 0.52 -13.33 12.14
C PRO N 47 1.28 -12.57 13.20
N TYR N 48 2.00 -11.51 12.84
CA TYR N 48 2.81 -10.80 13.81
C TYR N 48 2.16 -9.51 14.26
N LEU N 49 0.83 -9.42 14.14
CA LEU N 49 0.17 -8.16 14.40
C LEU N 49 0.16 -7.85 15.90
N TYR N 50 -0.11 -8.76 16.65
CA TYR N 50 -0.21 -8.64 18.09
C TYR N 50 1.13 -8.89 18.77
N PRO N 51 1.39 -8.27 19.92
CA PRO N 51 2.75 -8.16 20.42
C PRO N 51 3.18 -9.37 21.22
N PRO N 52 4.48 -9.65 21.22
CA PRO N 52 5.04 -10.74 22.04
C PRO N 52 4.60 -10.68 23.49
N SER N 53 4.24 -11.82 24.02
CA SER N 53 3.80 -11.86 25.40
C SER N 53 4.98 -11.70 26.36
N ASP N 54 4.78 -10.87 27.37
CA ASP N 54 5.79 -10.68 28.41
C ASP N 54 5.86 -11.85 29.36
N ARG N 55 4.71 -12.37 29.75
CA ARG N 55 4.62 -13.41 30.75
C ARG N 55 4.71 -14.82 30.19
N VAL N 56 4.47 -15.05 28.90
CA VAL N 56 4.70 -16.37 28.32
C VAL N 56 5.58 -16.25 27.09
N PRO N 57 6.89 -16.40 27.22
CA PRO N 57 7.77 -16.22 26.07
C PRO N 57 7.47 -17.20 24.94
N GLY N 58 7.53 -16.69 23.71
CA GLY N 58 7.22 -17.46 22.53
C GLY N 58 5.80 -17.34 22.04
N LEU N 59 4.88 -16.87 22.85
CA LEU N 59 3.49 -16.65 22.49
C LEU N 59 3.22 -15.16 22.27
N ARG N 60 2.05 -14.85 21.73
CA ARG N 60 1.54 -13.50 21.57
C ARG N 60 0.12 -13.41 22.09
N GLU N 61 -0.26 -12.25 22.62
CA GLU N 61 -1.56 -12.07 23.26
C GLU N 61 -2.45 -11.11 22.48
N ILE N 62 -3.69 -11.50 22.26
CA ILE N 62 -4.73 -10.64 21.74
C ILE N 62 -5.65 -10.27 22.89
N VAL N 63 -5.83 -8.97 23.15
CA VAL N 63 -6.85 -8.57 24.10
C VAL N 63 -8.13 -8.45 23.27
N ALA N 64 -8.89 -9.54 23.21
CA ALA N 64 -10.01 -9.61 22.31
C ALA N 64 -11.18 -8.81 22.85
N HIS N 65 -11.26 -8.69 24.15
CA HIS N 65 -12.36 -8.12 24.88
C HIS N 65 -11.77 -7.73 26.23
N PRO N 66 -12.25 -6.70 26.88
CA PRO N 66 -11.66 -6.32 28.16
C PRO N 66 -11.52 -7.47 29.15
N ASN N 67 -12.33 -8.50 29.03
CA ASN N 67 -12.25 -9.64 29.92
C ASN N 67 -11.60 -10.89 29.32
N TYR N 68 -11.20 -10.90 28.05
CA TYR N 68 -10.71 -12.14 27.46
C TYR N 68 -9.49 -11.91 26.60
N ILE N 69 -8.53 -12.82 26.73
CA ILE N 69 -7.26 -12.77 26.03
C ILE N 69 -7.11 -14.05 25.22
N ILE N 70 -6.61 -13.92 23.99
CA ILE N 70 -6.23 -15.07 23.19
C ILE N 70 -4.72 -15.20 23.20
N LEU N 71 -4.22 -16.39 23.51
CA LEU N 71 -2.80 -16.67 23.38
C LEU N 71 -2.57 -17.49 22.13
N TYR N 72 -1.61 -17.08 21.31
CA TYR N 72 -1.37 -17.80 20.07
C TYR N 72 0.11 -17.78 19.77
N ARG N 73 0.53 -18.61 18.82
CA ARG N 73 1.91 -18.55 18.38
C ARG N 73 2.01 -18.87 16.91
N VAL N 74 3.12 -18.45 16.34
CA VAL N 74 3.38 -18.57 14.91
C VAL N 74 4.46 -19.62 14.77
N THR N 75 4.12 -20.73 14.14
CA THR N 75 5.04 -21.84 13.94
C THR N 75 5.63 -21.74 12.55
N THR N 76 6.49 -22.69 12.21
CA THR N 76 7.03 -22.76 10.86
C THR N 76 5.93 -22.77 9.82
N SER N 77 4.85 -23.50 10.09
CA SER N 77 3.86 -23.86 9.10
C SER N 77 2.46 -23.31 9.38
N SER N 78 2.26 -22.57 10.47
CA SER N 78 0.89 -22.29 10.84
C SER N 78 0.84 -21.25 11.94
N VAL N 79 -0.38 -20.81 12.22
CA VAL N 79 -0.71 -20.02 13.39
C VAL N 79 -1.54 -20.91 14.30
N GLU N 80 -1.14 -21.04 15.56
CA GLU N 80 -1.82 -21.92 16.50
C GLU N 80 -2.41 -21.11 17.64
N VAL N 81 -3.74 -21.14 17.78
CA VAL N 81 -4.35 -20.61 18.99
C VAL N 81 -4.09 -21.60 20.13
N VAL N 82 -3.43 -21.12 21.18
CA VAL N 82 -2.95 -21.98 22.25
C VAL N 82 -3.90 -22.01 23.43
N ASN N 83 -4.42 -20.86 23.85
CA ASN N 83 -5.37 -20.79 24.95
C ASN N 83 -6.25 -19.59 24.77
N VAL N 84 -7.42 -19.62 25.39
CA VAL N 84 -8.30 -18.47 25.54
C VAL N 84 -8.59 -18.36 27.02
N ILE N 85 -8.32 -17.20 27.60
CA ILE N 85 -8.37 -17.07 29.04
C ILE N 85 -9.08 -15.79 29.41
N HIS N 86 -9.61 -15.77 30.63
CA HIS N 86 -10.13 -14.54 31.20
C HIS N 86 -8.97 -13.63 31.57
N ALA N 87 -9.11 -12.35 31.24
CA ALA N 87 -8.00 -11.41 31.43
C ALA N 87 -7.66 -11.15 32.88
N ARG N 88 -8.52 -11.49 33.84
CA ARG N 88 -8.35 -11.00 35.20
C ARG N 88 -8.52 -12.07 36.26
N ARG N 89 -9.36 -13.05 35.98
CA ARG N 89 -9.61 -14.18 36.85
C ARG N 89 -8.93 -15.42 36.30
N GLN N 90 -8.49 -16.33 37.19
CA GLN N 90 -7.93 -17.58 36.72
C GLN N 90 -9.04 -18.52 36.25
N PHE N 91 -9.45 -18.35 35.01
CA PHE N 91 -10.60 -19.01 34.44
C PHE N 91 -10.40 -19.08 32.93
N PRO N 92 -10.75 -20.21 32.29
CA PRO N 92 -11.33 -21.46 32.80
C PRO N 92 -10.27 -22.20 33.55
N LEU N 93 -10.63 -23.09 34.45
CA LEU N 93 -9.61 -23.79 35.19
C LEU N 93 -9.61 -25.26 34.83
N GLU N 94 -8.58 -25.96 35.30
CA GLU N 94 -8.20 -27.28 34.81
C GLU N 94 -9.31 -28.30 35.02
N HIS N 95 -9.18 -29.41 34.30
CA HIS N 95 -10.13 -30.50 34.37
C HIS N 95 -9.58 -31.67 35.20
N LYS O 9 -35.65 -3.56 37.13
CA LYS O 9 -34.91 -2.42 36.58
C LYS O 9 -33.46 -2.81 36.32
N ASN O 10 -32.66 -2.78 37.39
CA ASN O 10 -31.26 -3.11 37.28
C ASN O 10 -31.05 -4.63 37.27
N ARG O 11 -29.96 -5.05 36.66
CA ARG O 11 -29.47 -6.42 36.73
C ARG O 11 -27.99 -6.40 37.03
N ALA O 12 -27.56 -7.22 37.98
CA ALA O 12 -26.15 -7.51 38.10
C ALA O 12 -25.71 -8.41 36.94
N LEU O 13 -24.43 -8.33 36.61
CA LEU O 13 -23.87 -9.07 35.49
C LEU O 13 -22.67 -9.87 35.98
N SER O 14 -22.56 -11.08 35.46
CA SER O 14 -21.42 -11.91 35.83
C SER O 14 -20.12 -11.30 35.31
N PRO O 15 -19.04 -11.36 36.09
CA PRO O 15 -17.74 -10.92 35.57
C PRO O 15 -17.23 -11.70 34.36
N MSE O 16 -17.90 -12.76 33.94
CA MSE O 16 -17.49 -13.53 32.77
C MSE O 16 -18.31 -13.05 31.60
O MSE O 16 -17.90 -13.20 30.45
CB MSE O 16 -17.66 -15.04 32.94
CG MSE O 16 -17.29 -15.62 34.30
SE MSE O 16 -15.62 -15.02 35.10
CE MSE O 16 -15.58 -15.63 37.00
N VAL O 17 -19.49 -12.51 31.93
CA VAL O 17 -20.39 -11.99 30.92
C VAL O 17 -20.13 -10.52 30.57
N SER O 18 -19.54 -9.73 31.46
CA SER O 18 -19.45 -8.32 31.17
C SER O 18 -18.29 -7.68 31.92
N GLU O 19 -17.72 -6.66 31.29
CA GLU O 19 -16.75 -5.84 32.00
C GLU O 19 -17.42 -4.79 32.88
N PHE O 20 -18.74 -4.79 32.98
CA PHE O 20 -19.46 -3.91 33.90
C PHE O 20 -20.22 -4.77 34.91
N GLU O 21 -20.45 -4.22 36.09
CA GLU O 21 -21.05 -4.96 37.17
C GLU O 21 -22.56 -4.92 37.14
N THR O 22 -23.14 -4.07 36.32
CA THR O 22 -24.53 -3.68 36.39
C THR O 22 -24.90 -3.11 35.04
N ILE O 23 -26.13 -3.35 34.58
CA ILE O 23 -26.49 -2.78 33.29
C ILE O 23 -26.74 -1.28 33.39
N GLU O 24 -27.14 -0.78 34.55
CA GLU O 24 -27.18 0.67 34.74
C GLU O 24 -25.78 1.25 34.57
N GLN O 25 -24.77 0.53 35.02
CA GLN O 25 -23.39 1.00 34.94
C GLN O 25 -22.87 0.92 33.52
N GLU O 26 -23.23 -0.13 32.80
CA GLU O 26 -22.84 -0.25 31.41
C GLU O 26 -23.45 0.86 30.57
N ASN O 27 -24.73 1.13 30.79
CA ASN O 27 -25.41 2.16 30.03
C ASN O 27 -24.90 3.54 30.40
N SER O 28 -24.68 3.78 31.69
CA SER O 28 -24.07 5.04 32.06
C SER O 28 -22.76 5.23 31.34
N TYR O 29 -21.92 4.19 31.33
CA TYR O 29 -20.61 4.31 30.71
C TYR O 29 -20.74 4.58 29.22
N ASN O 30 -21.72 3.95 28.56
CA ASN O 30 -21.80 4.10 27.12
C ASN O 30 -22.33 5.46 26.72
N GLU O 31 -23.21 6.04 27.52
CA GLU O 31 -23.62 7.40 27.22
C GLU O 31 -22.47 8.38 27.49
N TRP O 32 -21.72 8.18 28.57
CA TRP O 32 -20.52 8.99 28.81
C TRP O 32 -19.60 8.95 27.61
N LEU O 33 -19.39 7.77 27.05
CA LEU O 33 -18.47 7.60 25.93
C LEU O 33 -18.98 8.31 24.68
N ARG O 34 -20.26 8.16 24.38
CA ARG O 34 -20.81 8.84 23.22
C ARG O 34 -20.71 10.35 23.37
N ALA O 35 -20.98 10.86 24.57
CA ALA O 35 -20.76 12.26 24.85
C ALA O 35 -19.30 12.63 24.63
N LYS O 36 -18.40 11.82 25.19
CA LYS O 36 -16.97 12.13 25.10
C LYS O 36 -16.51 12.20 23.66
N VAL O 37 -16.93 11.21 22.86
CA VAL O 37 -16.58 11.20 21.44
C VAL O 37 -17.10 12.47 20.77
N ALA O 38 -18.36 12.81 21.02
CA ALA O 38 -19.00 13.94 20.35
C ALA O 38 -18.23 15.23 20.56
N THR O 39 -17.78 15.51 21.79
CA THR O 39 -16.98 16.71 22.00
C THR O 39 -15.64 16.61 21.27
N SER O 40 -15.04 15.43 21.21
CA SER O 40 -13.76 15.28 20.51
C SER O 40 -13.86 15.60 19.03
N LEU O 41 -14.93 15.14 18.39
CA LEU O 41 -15.13 15.42 16.98
C LEU O 41 -15.47 16.88 16.74
N ALA O 42 -16.00 17.57 17.75
CA ALA O 42 -16.40 18.97 17.65
C ALA O 42 -15.27 19.96 17.85
N ASP O 43 -14.18 19.56 18.49
CA ASP O 43 -13.03 20.43 18.66
C ASP O 43 -12.57 20.89 17.28
N PRO O 44 -12.35 22.20 17.08
CA PRO O 44 -11.95 22.69 15.76
C PRO O 44 -10.48 22.55 15.45
N ARG O 45 -9.65 22.19 16.43
CA ARG O 45 -8.21 22.11 16.20
C ARG O 45 -7.87 21.03 15.19
N PRO O 46 -6.76 21.16 14.47
CA PRO O 46 -6.39 20.12 13.50
C PRO O 46 -5.88 18.87 14.21
N ALA O 47 -5.88 17.76 13.48
CA ALA O 47 -5.25 16.58 14.04
C ALA O 47 -3.75 16.71 13.95
N ILE O 48 -3.05 16.06 14.87
CA ILE O 48 -1.60 16.15 14.85
C ILE O 48 -1.01 14.84 14.35
N PRO O 49 0.12 14.89 13.66
CA PRO O 49 0.77 13.66 13.21
C PRO O 49 1.18 12.82 14.40
N HIS O 50 1.10 11.50 14.21
CA HIS O 50 1.55 10.56 15.21
C HIS O 50 2.90 10.94 15.82
N ASP O 51 3.88 11.30 14.97
CA ASP O 51 5.22 11.54 15.48
C ASP O 51 5.27 12.74 16.44
N GLU O 52 4.35 13.68 16.27
CA GLU O 52 4.28 14.79 17.19
C GLU O 52 3.75 14.33 18.54
N VAL O 53 2.79 13.41 18.56
CA VAL O 53 2.39 12.80 19.81
C VAL O 53 3.58 12.13 20.47
N GLU O 54 4.42 11.49 19.67
CA GLU O 54 5.59 10.82 20.20
C GLU O 54 6.56 11.80 20.84
N ARG O 55 6.72 12.96 20.20
CA ARG O 55 7.52 14.04 20.79
C ARG O 55 6.91 14.54 22.08
N ARG O 56 5.61 14.83 22.06
CA ARG O 56 4.94 15.27 23.28
C ARG O 56 5.09 14.25 24.40
N MSE O 57 4.96 12.95 24.09
CA MSE O 57 5.08 11.94 25.15
C MSE O 57 6.45 11.81 25.71
O MSE O 57 6.61 11.49 26.87
CB MSE O 57 4.64 10.56 24.68
CG MSE O 57 3.18 10.47 24.54
SE MSE O 57 2.18 10.61 26.22
CE MSE O 57 3.28 9.79 27.56
N ALA O 58 7.45 11.95 24.85
CA ALA O 58 8.82 11.85 25.32
C ALA O 58 9.13 12.97 26.29
N GLU O 59 8.76 14.20 25.93
CA GLU O 59 9.06 15.32 26.81
C GLU O 59 8.28 15.23 28.12
N ARG O 60 7.09 14.63 28.14
CA ARG O 60 6.36 14.50 29.39
C ARG O 60 6.95 13.45 30.31
N PHE O 61 7.39 12.33 29.78
CA PHE O 61 8.07 11.38 30.63
C PHE O 61 9.36 11.98 31.17
N ALA O 62 10.15 12.60 30.29
CA ALA O 62 11.39 13.21 30.72
C ALA O 62 11.17 14.22 31.83
N LYS O 63 10.14 15.05 31.71
CA LYS O 63 9.81 15.98 32.79
C LYS O 63 9.47 15.22 34.07
N MSE O 64 8.59 14.24 33.99
CA MSE O 64 8.20 13.45 35.16
C MSE O 64 9.37 12.84 35.89
O MSE O 64 9.41 12.85 37.11
CB MSE O 64 7.27 12.31 34.76
CG MSE O 64 5.89 12.73 34.39
SE MSE O 64 4.74 11.26 33.84
CE MSE O 64 3.19 12.37 33.57
N ARG O 65 10.33 12.31 35.15
CA ARG O 65 11.46 11.64 35.80
C ARG O 65 12.37 12.64 36.48
N LYS O 66 12.68 13.75 35.81
CA LYS O 66 13.42 14.84 36.46
C LYS O 66 12.72 15.28 37.75
N GLU O 67 11.46 15.70 37.64
CA GLU O 67 10.67 16.17 38.78
C GLU O 67 10.69 15.20 39.96
N ARG O 68 11.39 14.09 39.84
CA ARG O 68 11.46 13.10 40.91
C ARG O 68 12.90 12.95 41.39
N MSE P 1 -2.37 2.78 2.05
CA MSE P 1 -1.69 3.32 3.22
C MSE P 1 -2.28 4.66 3.57
O MSE P 1 -2.41 5.54 2.72
CB MSE P 1 -0.19 3.43 3.00
CG MSE P 1 0.62 3.93 4.21
SE MSE P 1 0.85 5.90 4.44
CE MSE P 1 0.85 6.36 2.58
N LEU P 2 -2.61 4.82 4.83
CA LEU P 2 -3.04 6.09 5.35
C LEU P 2 -2.12 6.54 6.48
N PRO P 3 -1.88 7.84 6.60
CA PRO P 3 -1.11 8.35 7.73
C PRO P 3 -1.89 8.20 9.03
N VAL P 4 -1.16 8.04 10.12
CA VAL P 4 -1.77 7.96 11.44
C VAL P 4 -1.70 9.33 12.10
N LEU P 5 -2.85 9.83 12.53
CA LEU P 5 -2.97 11.11 13.20
C LEU P 5 -3.78 10.94 14.47
N TRP P 6 -3.56 11.83 15.41
CA TRP P 6 -4.29 11.85 16.66
C TRP P 6 -5.06 13.15 16.76
N LEU P 7 -6.32 13.09 17.12
CA LEU P 7 -7.07 14.27 17.52
C LEU P 7 -6.54 14.80 18.85
N GLU P 8 -6.60 16.13 19.00
CA GLU P 8 -6.08 16.75 20.22
C GLU P 8 -6.72 16.16 21.46
N SER P 9 -7.98 15.74 21.38
CA SER P 9 -8.62 15.11 22.52
C SER P 9 -7.91 13.83 22.90
N ALA P 10 -7.51 13.03 21.93
CA ALA P 10 -6.87 11.76 22.25
C ALA P 10 -5.50 11.97 22.89
N ASP P 11 -4.76 13.00 22.46
CA ASP P 11 -3.49 13.25 23.13
C ASP P 11 -3.70 13.80 24.54
N THR P 12 -4.79 14.53 24.80
CA THR P 12 -5.11 14.87 26.19
C THR P 12 -5.45 13.64 27.00
N ASP P 13 -6.26 12.74 26.42
CA ASP P 13 -6.50 11.44 27.03
C ASP P 13 -5.19 10.78 27.42
N LEU P 14 -4.27 10.67 26.46
CA LEU P 14 -2.96 10.09 26.74
C LEU P 14 -2.24 10.81 27.87
N ASP P 15 -2.29 12.15 27.84
CA ASP P 15 -1.60 12.91 28.86
C ASP P 15 -2.13 12.58 30.26
N ASP P 16 -3.45 12.55 30.40
CA ASP P 16 -4.04 12.32 31.72
C ASP P 16 -3.84 10.89 32.19
N ILE P 17 -4.06 9.93 31.30
CA ILE P 17 -3.87 8.54 31.67
C ILE P 17 -2.46 8.29 32.19
N THR P 18 -1.45 8.71 31.44
CA THR P 18 -0.08 8.41 31.84
C THR P 18 0.34 9.23 33.04
N SER P 19 -0.18 10.46 33.14
CA SER P 19 0.04 11.25 34.35
C SER P 19 -0.48 10.54 35.58
N TYR P 20 -1.75 10.11 35.54
CA TYR P 20 -2.35 9.46 36.68
C TYR P 20 -1.59 8.21 37.07
N ILE P 21 -1.27 7.38 36.08
CA ILE P 21 -0.54 6.15 36.38
C ILE P 21 0.81 6.47 36.99
N ALA P 22 1.49 7.48 36.45
CA ALA P 22 2.83 7.79 36.94
C ALA P 22 2.86 8.23 38.40
N ARG P 23 1.72 8.70 38.95
CA ARG P 23 1.67 8.91 40.39
C ARG P 23 2.07 7.67 41.15
N PHE P 24 1.73 6.50 40.62
CA PHE P 24 1.99 5.22 41.25
C PHE P 24 3.22 4.52 40.71
N ASP P 25 3.54 4.72 39.42
CA ASP P 25 4.54 3.93 38.71
C ASP P 25 4.82 4.52 37.34
N ILE P 26 5.93 5.25 37.18
CA ILE P 26 6.23 5.84 35.87
C ILE P 26 6.47 4.76 34.83
N ASP P 27 7.14 3.67 35.22
CA ASP P 27 7.47 2.63 34.26
C ASP P 27 6.21 1.94 33.73
N ALA P 28 5.22 1.72 34.59
CA ALA P 28 3.94 1.19 34.12
C ALA P 28 3.33 2.11 33.08
N ALA P 29 3.31 3.42 33.36
CA ALA P 29 2.77 4.36 32.40
C ALA P 29 3.55 4.34 31.10
N GLU P 30 4.87 4.23 31.18
CA GLU P 30 5.65 4.21 29.95
C GLU P 30 5.38 2.94 29.16
N ARG P 31 5.27 1.80 29.83
CA ARG P 31 4.91 0.58 29.11
C ARG P 31 3.54 0.66 28.48
N LEU P 32 2.60 1.40 29.07
CA LEU P 32 1.28 1.45 28.46
C LEU P 32 1.30 2.29 27.21
N TRP P 33 2.02 3.42 27.24
CA TRP P 33 2.23 4.19 26.02
C TRP P 33 2.86 3.33 24.92
N GLN P 34 3.83 2.48 25.26
CA GLN P 34 4.45 1.65 24.24
C GLN P 34 3.45 0.66 23.67
N ARG P 35 2.56 0.13 24.49
CA ARG P 35 1.53 -0.74 23.96
C ARG P 35 0.59 0.02 23.06
N LEU P 36 0.06 1.14 23.54
CA LEU P 36 -0.89 1.93 22.76
C LEU P 36 -0.29 2.34 21.43
N ARG P 37 0.94 2.80 21.45
CA ARG P 37 1.60 3.17 20.21
C ARG P 37 1.69 1.99 19.24
N GLY P 38 1.98 0.80 19.75
CA GLY P 38 2.11 -0.36 18.90
C GLY P 38 0.79 -0.91 18.40
N CYS P 39 -0.31 -0.55 19.03
CA CYS P 39 -1.60 -0.93 18.50
C CYS P 39 -2.02 -0.05 17.33
N VAL P 40 -1.51 1.16 17.27
CA VAL P 40 -2.03 2.19 16.40
C VAL P 40 -1.26 2.29 15.09
N LEU P 41 0.06 2.04 15.09
CA LEU P 41 0.79 2.24 13.85
C LEU P 41 0.45 1.20 12.78
N PRO P 42 0.23 -0.07 13.11
CA PRO P 42 -0.25 -0.99 12.08
C PRO P 42 -1.57 -0.61 11.44
N LEU P 43 -2.36 0.29 12.06
CA LEU P 43 -3.53 0.83 11.38
C LEU P 43 -3.18 1.52 10.08
N SER P 44 -1.93 1.92 9.91
CA SER P 44 -1.58 2.66 8.72
C SER P 44 -1.66 1.80 7.48
N GLU P 45 -1.29 0.53 7.58
CA GLU P 45 -1.32 -0.32 6.40
C GLU P 45 -2.56 -1.20 6.37
N HIS P 46 -3.29 -1.26 7.48
CA HIS P 46 -4.50 -2.06 7.58
C HIS P 46 -5.54 -1.28 8.37
N PRO P 47 -6.02 -0.16 7.84
CA PRO P 47 -6.97 0.67 8.59
C PRO P 47 -8.17 -0.09 9.12
N TYR P 48 -8.52 -1.25 8.57
CA TYR P 48 -9.80 -1.85 8.87
C TYR P 48 -9.67 -3.15 9.66
N LEU P 49 -8.59 -3.31 10.42
CA LEU P 49 -8.43 -4.52 11.22
C LEU P 49 -9.55 -4.69 12.23
N TYR P 50 -9.94 -3.69 12.76
CA TYR P 50 -10.90 -3.70 13.84
C TYR P 50 -12.29 -3.33 13.35
N PRO P 51 -13.30 -4.06 13.81
CA PRO P 51 -14.64 -3.91 13.26
C PRO P 51 -15.28 -2.64 13.80
N PRO P 52 -16.28 -2.14 13.08
CA PRO P 52 -17.05 -1.01 13.57
C PRO P 52 -17.54 -1.18 14.99
N SER P 53 -17.34 -0.15 15.79
CA SER P 53 -17.89 -0.13 17.13
C SER P 53 -19.40 -0.12 17.07
N ASP P 54 -20.01 -0.88 17.97
CA ASP P 54 -21.47 -0.90 17.92
CA ASP P 54 -21.46 -1.05 18.12
C ASP P 54 -22.11 0.09 18.88
N ARG P 55 -21.36 0.68 19.80
CA ARG P 55 -21.88 1.71 20.69
C ARG P 55 -21.46 3.12 20.31
N VAL P 56 -20.47 3.27 19.44
CA VAL P 56 -20.11 4.61 18.96
C VAL P 56 -20.08 4.52 17.44
N PRO P 57 -21.21 4.72 16.78
CA PRO P 57 -21.25 4.54 15.33
C PRO P 57 -20.28 5.48 14.64
N GLY P 58 -19.56 4.94 13.67
CA GLY P 58 -18.54 5.65 12.96
C GLY P 58 -17.12 5.33 13.37
N LEU P 59 -16.93 4.82 14.57
CA LEU P 59 -15.62 4.55 15.12
C LEU P 59 -15.37 3.05 15.17
N ARG P 60 -14.12 2.69 15.44
CA ARG P 60 -13.69 1.31 15.67
C ARG P 60 -12.93 1.25 16.97
N GLU P 61 -13.14 0.20 17.77
CA GLU P 61 -12.44 0.06 19.03
C GLU P 61 -11.33 -0.96 18.95
N ILE P 62 -10.16 -0.59 19.44
CA ILE P 62 -9.09 -1.53 19.74
C ILE P 62 -9.06 -1.74 21.24
N VAL P 63 -9.19 -2.98 21.71
CA VAL P 63 -8.92 -3.22 23.12
C VAL P 63 -7.41 -3.41 23.26
N ALA P 64 -6.70 -2.36 23.67
CA ALA P 64 -5.25 -2.41 23.66
C ALA P 64 -4.67 -3.09 24.89
N HIS P 65 -5.43 -3.23 25.94
CA HIS P 65 -5.00 -3.72 27.24
C HIS P 65 -6.32 -4.00 27.95
N PRO P 66 -6.42 -4.97 28.87
CA PRO P 66 -7.72 -5.23 29.50
C PRO P 66 -8.36 -4.03 30.17
N ASN P 67 -7.64 -2.93 30.38
CA ASN P 67 -8.18 -1.76 31.02
C ASN P 67 -8.28 -0.54 30.11
N TYR P 68 -7.82 -0.60 28.86
CA TYR P 68 -7.80 0.58 27.99
C TYR P 68 -8.22 0.25 26.57
N ILE P 69 -9.07 1.13 26.00
CA ILE P 69 -9.60 1.00 24.65
C ILE P 69 -9.19 2.23 23.85
N ILE P 70 -8.78 2.04 22.61
CA ILE P 70 -8.51 3.12 21.66
C ILE P 70 -9.67 3.22 20.69
N LEU P 71 -10.26 4.40 20.57
CA LEU P 71 -11.29 4.66 19.58
C LEU P 71 -10.67 5.42 18.42
N TYR P 72 -10.82 4.90 17.21
CA TYR P 72 -10.28 5.55 16.02
C TYR P 72 -11.30 5.50 14.91
N ARG P 73 -11.04 6.29 13.87
CA ARG P 73 -11.87 6.24 12.67
C ARG P 73 -10.97 6.31 11.45
N VAL P 74 -11.52 5.91 10.33
CA VAL P 74 -10.84 5.91 9.05
C VAL P 74 -11.49 6.99 8.20
N THR P 75 -10.71 7.95 7.72
CA THR P 75 -11.26 8.98 6.87
C THR P 75 -10.80 8.75 5.44
N THR P 76 -11.05 9.73 4.58
CA THR P 76 -10.69 9.59 3.19
C THR P 76 -9.20 9.67 2.99
N SER P 77 -8.50 10.24 3.96
CA SER P 77 -7.12 10.64 3.84
C SER P 77 -6.26 10.23 5.01
N SER P 78 -6.82 9.62 6.05
CA SER P 78 -6.00 9.35 7.22
C SER P 78 -6.73 8.40 8.15
N VAL P 79 -5.94 7.77 9.02
CA VAL P 79 -6.44 7.12 10.22
C VAL P 79 -6.35 8.13 11.34
N GLU P 80 -7.47 8.38 12.03
CA GLU P 80 -7.56 9.34 13.12
C GLU P 80 -7.85 8.62 14.43
N VAL P 81 -6.97 8.77 15.42
CA VAL P 81 -7.26 8.32 16.77
C VAL P 81 -8.12 9.38 17.48
N VAL P 82 -9.31 9.00 17.91
CA VAL P 82 -10.27 9.94 18.46
C VAL P 82 -10.17 10.05 19.97
N ASN P 83 -10.06 8.95 20.69
CA ASN P 83 -10.02 8.99 22.15
C ASN P 83 -9.29 7.75 22.63
N VAL P 84 -8.76 7.84 23.84
CA VAL P 84 -8.23 6.68 24.56
C VAL P 84 -8.88 6.68 25.94
N ILE P 85 -9.65 5.65 26.22
CA ILE P 85 -10.44 5.60 27.44
C ILE P 85 -10.08 4.38 28.28
N HIS P 86 -10.48 4.42 29.53
CA HIS P 86 -10.45 3.23 30.37
C HIS P 86 -11.62 2.34 29.98
N ALA P 87 -11.38 1.03 29.98
CA ALA P 87 -12.35 0.08 29.45
C ALA P 87 -13.55 -0.10 30.36
N ARG P 88 -13.44 0.29 31.63
CA ARG P 88 -14.39 -0.10 32.66
C ARG P 88 -14.92 1.03 33.50
N ARG P 89 -14.18 2.10 33.65
CA ARG P 89 -14.65 3.23 34.41
C ARG P 89 -14.51 4.48 33.56
N GLN P 90 -15.32 5.49 33.90
CA GLN P 90 -15.44 6.71 33.11
C GLN P 90 -14.24 7.61 33.38
N PHE P 91 -13.13 7.24 32.78
CA PHE P 91 -11.86 7.88 33.01
C PHE P 91 -11.14 7.83 31.68
N PRO P 92 -10.46 8.92 31.30
CA PRO P 92 -10.25 10.22 31.95
C PRO P 92 -11.36 11.21 31.72
N LEU P 93 -11.63 12.08 32.68
CA LEU P 93 -12.55 13.19 32.44
C LEU P 93 -11.85 14.34 31.73
N HIS P 95 -5.13 20.97 27.91
CA HIS P 95 -5.54 21.41 26.59
C HIS P 95 -4.93 20.56 25.47
N HIS P 96 -3.60 20.42 25.46
CA HIS P 96 -2.94 19.56 24.47
C HIS P 96 -3.27 18.11 24.70
C1 GOL Q . 16.69 4.74 -22.20
O1 GOL Q . 15.71 4.73 -21.20
C2 GOL Q . 17.81 5.71 -21.83
O2 GOL Q . 18.06 5.74 -20.45
C3 GOL Q . 19.08 5.25 -22.54
O3 GOL Q . 19.41 6.25 -23.46
C1 GOL R . 4.51 -1.92 -27.77
O1 GOL R . 4.66 -1.75 -26.39
C2 GOL R . 3.56 -3.07 -28.01
O2 GOL R . 2.22 -2.64 -27.97
C3 GOL R . 3.88 -3.67 -29.37
O3 GOL R . 3.64 -2.75 -30.41
C1 GOL S . -22.86 5.83 -19.59
O1 GOL S . -22.40 5.02 -18.55
C2 GOL S . -22.38 5.28 -20.92
O2 GOL S . -21.08 5.75 -21.13
C3 GOL S . -23.26 5.82 -22.03
O3 GOL S . -24.60 5.83 -21.58
C1 GOL T . -28.21 0.39 -6.35
O1 GOL T . -26.86 0.45 -5.90
C2 GOL T . -29.13 -0.18 -5.27
O2 GOL T . -28.66 0.11 -3.99
C3 GOL T . -30.54 0.38 -5.38
O3 GOL T . -31.46 -0.68 -5.39
C1 GOL U . 27.83 -1.22 4.30
O1 GOL U . 26.43 -1.38 4.20
C2 GOL U . 28.45 -2.23 3.33
O2 GOL U . 28.18 -1.88 1.99
C3 GOL U . 29.94 -2.41 3.61
O3 GOL U . 30.71 -1.36 3.10
C1 GOL V . 22.21 5.06 17.85
O1 GOL V . 22.20 4.71 19.21
C2 GOL V . 21.05 4.40 17.08
O2 GOL V . 21.30 3.04 16.90
C3 GOL V . 20.96 5.01 15.68
O3 GOL V . 19.72 4.77 15.05
C1 GOL W . -17.97 -3.22 25.11
O1 GOL W . -18.88 -3.68 26.08
C2 GOL W . -17.31 -4.38 24.37
O2 GOL W . -17.67 -4.33 23.01
C3 GOL W . -15.80 -4.37 24.55
O3 GOL W . -15.11 -4.25 23.31
C1 GOL X . -0.52 -7.11 31.71
O1 GOL X . -0.69 -8.14 32.66
C2 GOL X . -0.76 -7.69 30.33
O2 GOL X . 0.40 -7.49 29.54
C3 GOL X . -1.94 -6.97 29.71
O3 GOL X . -2.04 -7.22 28.34
#